data_1MNC
# 
_entry.id   1MNC 
# 
_audit_conform.dict_name       mmcif_pdbx.dic 
_audit_conform.dict_version    5.386 
_audit_conform.dict_location   http://mmcif.pdb.org/dictionaries/ascii/mmcif_pdbx.dic 
# 
loop_
_database_2.database_id 
_database_2.database_code 
_database_2.pdbx_database_accession 
_database_2.pdbx_DOI 
PDB   1MNC         pdb_00001mnc 10.2210/pdb1mnc/pdb 
WWPDB D_1000175082 ?            ?                   
# 
loop_
_pdbx_audit_revision_history.ordinal 
_pdbx_audit_revision_history.data_content_type 
_pdbx_audit_revision_history.major_revision 
_pdbx_audit_revision_history.minor_revision 
_pdbx_audit_revision_history.revision_date 
1 'Structure model' 1 0 1995-02-07 
2 'Structure model' 1 1 2008-03-24 
3 'Structure model' 1 2 2011-07-13 
4 'Structure model' 1 3 2019-07-17 
5 'Structure model' 1 4 2019-08-14 
6 'Structure model' 1 5 2024-02-14 
# 
_pdbx_audit_revision_details.ordinal             1 
_pdbx_audit_revision_details.revision_ordinal    1 
_pdbx_audit_revision_details.data_content_type   'Structure model' 
_pdbx_audit_revision_details.provider            repository 
_pdbx_audit_revision_details.type                'Initial release' 
_pdbx_audit_revision_details.description         ? 
_pdbx_audit_revision_details.details             ? 
# 
loop_
_pdbx_audit_revision_group.ordinal 
_pdbx_audit_revision_group.revision_ordinal 
_pdbx_audit_revision_group.data_content_type 
_pdbx_audit_revision_group.group 
1  2 'Structure model' 'Version format compliance' 
2  3 'Structure model' 'Version format compliance' 
3  4 'Structure model' 'Data collection'           
4  4 'Structure model' Other                       
5  4 'Structure model' 'Refinement description'    
6  5 'Structure model' 'Data collection'           
7  5 'Structure model' 'Refinement description'    
8  6 'Structure model' 'Data collection'           
9  6 'Structure model' 'Database references'       
10 6 'Structure model' 'Derived calculations'      
# 
loop_
_pdbx_audit_revision_category.ordinal 
_pdbx_audit_revision_category.revision_ordinal 
_pdbx_audit_revision_category.data_content_type 
_pdbx_audit_revision_category.category 
1  4 'Structure model' pdbx_database_status   
2  4 'Structure model' software               
3  5 'Structure model' software               
4  6 'Structure model' chem_comp_atom         
5  6 'Structure model' chem_comp_bond         
6  6 'Structure model' database_2             
7  6 'Structure model' pdbx_struct_conn_angle 
8  6 'Structure model' struct_conn            
9  6 'Structure model' struct_ref_seq_dif     
10 6 'Structure model' struct_site            
# 
loop_
_pdbx_audit_revision_item.ordinal 
_pdbx_audit_revision_item.revision_ordinal 
_pdbx_audit_revision_item.data_content_type 
_pdbx_audit_revision_item.item 
1  4 'Structure model' '_pdbx_database_status.process_site'          
2  4 'Structure model' '_software.classification'                    
3  5 'Structure model' '_software.classification'                    
4  6 'Structure model' '_database_2.pdbx_DOI'                        
5  6 'Structure model' '_database_2.pdbx_database_accession'         
6  6 'Structure model' '_pdbx_struct_conn_angle.ptnr1_auth_comp_id'  
7  6 'Structure model' '_pdbx_struct_conn_angle.ptnr1_auth_seq_id'   
8  6 'Structure model' '_pdbx_struct_conn_angle.ptnr1_label_asym_id' 
9  6 'Structure model' '_pdbx_struct_conn_angle.ptnr1_label_atom_id' 
10 6 'Structure model' '_pdbx_struct_conn_angle.ptnr1_label_comp_id' 
11 6 'Structure model' '_pdbx_struct_conn_angle.ptnr1_label_seq_id'  
12 6 'Structure model' '_pdbx_struct_conn_angle.ptnr2_auth_comp_id'  
13 6 'Structure model' '_pdbx_struct_conn_angle.ptnr2_auth_seq_id'   
14 6 'Structure model' '_pdbx_struct_conn_angle.ptnr2_label_asym_id' 
15 6 'Structure model' '_pdbx_struct_conn_angle.ptnr2_label_atom_id' 
16 6 'Structure model' '_pdbx_struct_conn_angle.ptnr2_label_comp_id' 
17 6 'Structure model' '_pdbx_struct_conn_angle.ptnr3_auth_comp_id'  
18 6 'Structure model' '_pdbx_struct_conn_angle.ptnr3_auth_seq_id'   
19 6 'Structure model' '_pdbx_struct_conn_angle.ptnr3_label_asym_id' 
20 6 'Structure model' '_pdbx_struct_conn_angle.ptnr3_label_atom_id' 
21 6 'Structure model' '_pdbx_struct_conn_angle.ptnr3_label_comp_id' 
22 6 'Structure model' '_pdbx_struct_conn_angle.ptnr3_label_seq_id'  
23 6 'Structure model' '_pdbx_struct_conn_angle.value'               
24 6 'Structure model' '_struct_conn.pdbx_dist_value'                
25 6 'Structure model' '_struct_conn.ptnr1_auth_comp_id'             
26 6 'Structure model' '_struct_conn.ptnr1_auth_seq_id'              
27 6 'Structure model' '_struct_conn.ptnr1_label_asym_id'            
28 6 'Structure model' '_struct_conn.ptnr1_label_atom_id'            
29 6 'Structure model' '_struct_conn.ptnr1_label_comp_id'            
30 6 'Structure model' '_struct_conn.ptnr1_label_seq_id'             
31 6 'Structure model' '_struct_conn.ptnr2_auth_comp_id'             
32 6 'Structure model' '_struct_conn.ptnr2_auth_seq_id'              
33 6 'Structure model' '_struct_conn.ptnr2_label_asym_id'            
34 6 'Structure model' '_struct_conn.ptnr2_label_atom_id'            
35 6 'Structure model' '_struct_conn.ptnr2_label_comp_id'            
36 6 'Structure model' '_struct_conn.ptnr2_label_seq_id'             
37 6 'Structure model' '_struct_ref_seq_dif.details'                 
38 6 'Structure model' '_struct_site.pdbx_auth_asym_id'              
39 6 'Structure model' '_struct_site.pdbx_auth_comp_id'              
40 6 'Structure model' '_struct_site.pdbx_auth_seq_id'               
# 
_pdbx_database_status.status_code                     REL 
_pdbx_database_status.entry_id                        1MNC 
_pdbx_database_status.recvd_initial_deposition_date   1994-01-12 
_pdbx_database_status.deposit_site                    ? 
_pdbx_database_status.process_site                    BNL 
_pdbx_database_status.SG_entry                        . 
_pdbx_database_status.pdb_format_compatible           Y 
_pdbx_database_status.status_code_mr                  ? 
_pdbx_database_status.status_code_sf                  ? 
_pdbx_database_status.status_code_cs                  ? 
_pdbx_database_status.methods_development_category    ? 
_pdbx_database_status.status_code_nmr_data            ? 
# 
loop_
_audit_author.name 
_audit_author.pdbx_ordinal 
'Stams, T.'      1 
'Spurlino, J.C.' 2 
'Smith, D.L.'    3 
'Rubin, B.'      4 
# 
_citation.id                        primary 
_citation.title                     
;Structure of human neutrophil collagenase reveals large S1' specificity pocket.
;
_citation.journal_abbrev            Nat.Struct.Biol. 
_citation.journal_volume            1 
_citation.page_first                119 
_citation.page_last                 123 
_citation.year                      1994 
_citation.journal_id_ASTM           NSBIEW 
_citation.country                   US 
_citation.journal_id_ISSN           1072-8368 
_citation.journal_id_CSD            2024 
_citation.book_publisher            ? 
_citation.pdbx_database_id_PubMed   7656015 
_citation.pdbx_database_id_DOI      10.1038/nsb0294-119 
# 
loop_
_citation_author.citation_id 
_citation_author.name 
_citation_author.ordinal 
_citation_author.identifier_ORCID 
primary 'Stams, T.'       1 ? 
primary 'Spurlino, J.C.'  2 ? 
primary 'Smith, D.L.'     3 ? 
primary 'Wahl, R.C.'      4 ? 
primary 'Ho, T.F.'        5 ? 
primary 'Qoronfleh, M.W.' 6 ? 
primary 'Banks, T.M.'     7 ? 
primary 'Rubin, B.'       8 ? 
# 
loop_
_entity.id 
_entity.type 
_entity.src_method 
_entity.pdbx_description 
_entity.formula_weight 
_entity.pdbx_number_of_molecules 
_entity.pdbx_ec 
_entity.pdbx_mutation 
_entity.pdbx_fragment 
_entity.details 
1 polymer     man 'NEUTROPHIL COLLAGENASE'                          17879.459 1  3.4.24.7 ? ? ? 
2 non-polymer syn 'ZINC ION'                                        65.409    2  ?        ? ? ? 
3 non-polymer syn 'CALCIUM ION'                                     40.078    1  ?        ? ? ? 
4 non-polymer syn 'METHYLAMINO-PHENYLALANYL-LEUCYL-HYDROXAMIC ACID' 349.425   1  ?        ? ? ? 
5 water       nat water                                             18.015    72 ?        ? ? ? 
# 
_entity_poly.entity_id                      1 
_entity_poly.type                           'polypeptide(L)' 
_entity_poly.nstd_linkage                   no 
_entity_poly.nstd_monomer                   no 
_entity_poly.pdbx_seq_one_letter_code       
;LTPGGPKWERTNLTYRIRNYTPQLSEAEVERAIKDAFELWSVASPLIFTGISQGEADINIAFYQRDHGDGSPFDGPNGIL
AHAFQPGQGIGGDAHFDAEETWTNTSANYNLFLVAAHEFGHSLGLAHSSDPGALMYPNYAFRETSNYSLPQDDIDGIQAI
YGL
;
_entity_poly.pdbx_seq_one_letter_code_can   
;LTPGGPKWERTNLTYRIRNYTPQLSEAEVERAIKDAFELWSVASPLIFTGISQGEADINIAFYQRDHGDGSPFDGPNGIL
AHAFQPGQGIGGDAHFDAEETWTNTSANYNLFLVAAHEFGHSLGLAHSSDPGALMYPNYAFRETSNYSLPQDDIDGIQAI
YGL
;
_entity_poly.pdbx_strand_id                 A 
_entity_poly.pdbx_target_identifier         ? 
# 
loop_
_pdbx_entity_nonpoly.entity_id 
_pdbx_entity_nonpoly.name 
_pdbx_entity_nonpoly.comp_id 
2 'ZINC ION'                                        ZN  
3 'CALCIUM ION'                                     CA  
4 'METHYLAMINO-PHENYLALANYL-LEUCYL-HYDROXAMIC ACID' PLH 
5 water                                             HOH 
# 
loop_
_entity_poly_seq.entity_id 
_entity_poly_seq.num 
_entity_poly_seq.mon_id 
_entity_poly_seq.hetero 
1 1   LEU n 
1 2   THR n 
1 3   PRO n 
1 4   GLY n 
1 5   GLY n 
1 6   PRO n 
1 7   LYS n 
1 8   TRP n 
1 9   GLU n 
1 10  ARG n 
1 11  THR n 
1 12  ASN n 
1 13  LEU n 
1 14  THR n 
1 15  TYR n 
1 16  ARG n 
1 17  ILE n 
1 18  ARG n 
1 19  ASN n 
1 20  TYR n 
1 21  THR n 
1 22  PRO n 
1 23  GLN n 
1 24  LEU n 
1 25  SER n 
1 26  GLU n 
1 27  ALA n 
1 28  GLU n 
1 29  VAL n 
1 30  GLU n 
1 31  ARG n 
1 32  ALA n 
1 33  ILE n 
1 34  LYS n 
1 35  ASP n 
1 36  ALA n 
1 37  PHE n 
1 38  GLU n 
1 39  LEU n 
1 40  TRP n 
1 41  SER n 
1 42  VAL n 
1 43  ALA n 
1 44  SER n 
1 45  PRO n 
1 46  LEU n 
1 47  ILE n 
1 48  PHE n 
1 49  THR n 
1 50  GLY n 
1 51  ILE n 
1 52  SER n 
1 53  GLN n 
1 54  GLY n 
1 55  GLU n 
1 56  ALA n 
1 57  ASP n 
1 58  ILE n 
1 59  ASN n 
1 60  ILE n 
1 61  ALA n 
1 62  PHE n 
1 63  TYR n 
1 64  GLN n 
1 65  ARG n 
1 66  ASP n 
1 67  HIS n 
1 68  GLY n 
1 69  ASP n 
1 70  GLY n 
1 71  SER n 
1 72  PRO n 
1 73  PHE n 
1 74  ASP n 
1 75  GLY n 
1 76  PRO n 
1 77  ASN n 
1 78  GLY n 
1 79  ILE n 
1 80  LEU n 
1 81  ALA n 
1 82  HIS n 
1 83  ALA n 
1 84  PHE n 
1 85  GLN n 
1 86  PRO n 
1 87  GLY n 
1 88  GLN n 
1 89  GLY n 
1 90  ILE n 
1 91  GLY n 
1 92  GLY n 
1 93  ASP n 
1 94  ALA n 
1 95  HIS n 
1 96  PHE n 
1 97  ASP n 
1 98  ALA n 
1 99  GLU n 
1 100 GLU n 
1 101 THR n 
1 102 TRP n 
1 103 THR n 
1 104 ASN n 
1 105 THR n 
1 106 SER n 
1 107 ALA n 
1 108 ASN n 
1 109 TYR n 
1 110 ASN n 
1 111 LEU n 
1 112 PHE n 
1 113 LEU n 
1 114 VAL n 
1 115 ALA n 
1 116 ALA n 
1 117 HIS n 
1 118 GLU n 
1 119 PHE n 
1 120 GLY n 
1 121 HIS n 
1 122 SER n 
1 123 LEU n 
1 124 GLY n 
1 125 LEU n 
1 126 ALA n 
1 127 HIS n 
1 128 SER n 
1 129 SER n 
1 130 ASP n 
1 131 PRO n 
1 132 GLY n 
1 133 ALA n 
1 134 LEU n 
1 135 MET n 
1 136 TYR n 
1 137 PRO n 
1 138 ASN n 
1 139 TYR n 
1 140 ALA n 
1 141 PHE n 
1 142 ARG n 
1 143 GLU n 
1 144 THR n 
1 145 SER n 
1 146 ASN n 
1 147 TYR n 
1 148 SER n 
1 149 LEU n 
1 150 PRO n 
1 151 GLN n 
1 152 ASP n 
1 153 ASP n 
1 154 ILE n 
1 155 ASP n 
1 156 GLY n 
1 157 ILE n 
1 158 GLN n 
1 159 ALA n 
1 160 ILE n 
1 161 TYR n 
1 162 GLY n 
1 163 LEU n 
# 
_entity_src_gen.entity_id                          1 
_entity_src_gen.pdbx_src_id                        1 
_entity_src_gen.pdbx_alt_source_flag               sample 
_entity_src_gen.pdbx_seq_type                      ? 
_entity_src_gen.pdbx_beg_seq_num                   ? 
_entity_src_gen.pdbx_end_seq_num                   ? 
_entity_src_gen.gene_src_common_name               human 
_entity_src_gen.gene_src_genus                     Homo 
_entity_src_gen.pdbx_gene_src_gene                 ? 
_entity_src_gen.gene_src_species                   ? 
_entity_src_gen.gene_src_strain                    ? 
_entity_src_gen.gene_src_tissue                    ? 
_entity_src_gen.gene_src_tissue_fraction           ? 
_entity_src_gen.gene_src_details                   ? 
_entity_src_gen.pdbx_gene_src_fragment             ? 
_entity_src_gen.pdbx_gene_src_scientific_name      'Homo sapiens' 
_entity_src_gen.pdbx_gene_src_ncbi_taxonomy_id     9606 
_entity_src_gen.pdbx_gene_src_variant              ? 
_entity_src_gen.pdbx_gene_src_cell_line            ? 
_entity_src_gen.pdbx_gene_src_atcc                 ? 
_entity_src_gen.pdbx_gene_src_organ                ? 
_entity_src_gen.pdbx_gene_src_organelle            ? 
_entity_src_gen.pdbx_gene_src_cell                 ? 
_entity_src_gen.pdbx_gene_src_cellular_location    ? 
_entity_src_gen.host_org_common_name               ? 
_entity_src_gen.pdbx_host_org_scientific_name      ? 
_entity_src_gen.pdbx_host_org_ncbi_taxonomy_id     ? 
_entity_src_gen.host_org_genus                     ? 
_entity_src_gen.pdbx_host_org_gene                 ? 
_entity_src_gen.pdbx_host_org_organ                ? 
_entity_src_gen.host_org_species                   ? 
_entity_src_gen.pdbx_host_org_tissue               ? 
_entity_src_gen.pdbx_host_org_tissue_fraction      ? 
_entity_src_gen.pdbx_host_org_strain               ? 
_entity_src_gen.pdbx_host_org_variant              ? 
_entity_src_gen.pdbx_host_org_cell_line            ? 
_entity_src_gen.pdbx_host_org_atcc                 ? 
_entity_src_gen.pdbx_host_org_culture_collection   ? 
_entity_src_gen.pdbx_host_org_cell                 ? 
_entity_src_gen.pdbx_host_org_organelle            ? 
_entity_src_gen.pdbx_host_org_cellular_location    ? 
_entity_src_gen.pdbx_host_org_vector_type          ? 
_entity_src_gen.pdbx_host_org_vector               ? 
_entity_src_gen.host_org_details                   ? 
_entity_src_gen.expression_system_id               ? 
_entity_src_gen.plasmid_name                       ? 
_entity_src_gen.plasmid_details                    ? 
_entity_src_gen.pdbx_description                   ? 
# 
loop_
_chem_comp.id 
_chem_comp.type 
_chem_comp.mon_nstd_flag 
_chem_comp.name 
_chem_comp.pdbx_synonyms 
_chem_comp.formula 
_chem_comp.formula_weight 
ALA 'L-peptide linking' y ALANINE                                           ? 'C3 H7 N O2'     89.093  
ARG 'L-peptide linking' y ARGININE                                          ? 'C6 H15 N4 O2 1' 175.209 
ASN 'L-peptide linking' y ASPARAGINE                                        ? 'C4 H8 N2 O3'    132.118 
ASP 'L-peptide linking' y 'ASPARTIC ACID'                                   ? 'C4 H7 N O4'     133.103 
CA  non-polymer         . 'CALCIUM ION'                                     ? 'Ca 2'           40.078  
GLN 'L-peptide linking' y GLUTAMINE                                         ? 'C5 H10 N2 O3'   146.144 
GLU 'L-peptide linking' y 'GLUTAMIC ACID'                                   ? 'C5 H9 N O4'     147.129 
GLY 'peptide linking'   y GLYCINE                                           ? 'C2 H5 N O2'     75.067  
HIS 'L-peptide linking' y HISTIDINE                                         ? 'C6 H10 N3 O2 1' 156.162 
HOH non-polymer         . WATER                                             ? 'H2 O'           18.015  
ILE 'L-peptide linking' y ISOLEUCINE                                        ? 'C6 H13 N O2'    131.173 
LEU 'L-peptide linking' y LEUCINE                                           ? 'C6 H13 N O2'    131.173 
LYS 'L-peptide linking' y LYSINE                                            ? 'C6 H15 N2 O2 1' 147.195 
MET 'L-peptide linking' y METHIONINE                                        ? 'C5 H11 N O2 S'  149.211 
PHE 'L-peptide linking' y PHENYLALANINE                                     ? 'C9 H11 N O2'    165.189 
PLH non-polymer         . 'METHYLAMINO-PHENYLALANYL-LEUCYL-HYDROXAMIC ACID' ? 'C18 H27 N3 O4'  349.425 
PRO 'L-peptide linking' y PROLINE                                           ? 'C5 H9 N O2'     115.130 
SER 'L-peptide linking' y SERINE                                            ? 'C3 H7 N O3'     105.093 
THR 'L-peptide linking' y THREONINE                                         ? 'C4 H9 N O3'     119.119 
TRP 'L-peptide linking' y TRYPTOPHAN                                        ? 'C11 H12 N2 O2'  204.225 
TYR 'L-peptide linking' y TYROSINE                                          ? 'C9 H11 N O3'    181.189 
VAL 'L-peptide linking' y VALINE                                            ? 'C5 H11 N O2'    117.146 
ZN  non-polymer         . 'ZINC ION'                                        ? 'Zn 2'           65.409  
# 
loop_
_pdbx_poly_seq_scheme.asym_id 
_pdbx_poly_seq_scheme.entity_id 
_pdbx_poly_seq_scheme.seq_id 
_pdbx_poly_seq_scheme.mon_id 
_pdbx_poly_seq_scheme.ndb_seq_num 
_pdbx_poly_seq_scheme.pdb_seq_num 
_pdbx_poly_seq_scheme.auth_seq_num 
_pdbx_poly_seq_scheme.pdb_mon_id 
_pdbx_poly_seq_scheme.auth_mon_id 
_pdbx_poly_seq_scheme.pdb_strand_id 
_pdbx_poly_seq_scheme.pdb_ins_code 
_pdbx_poly_seq_scheme.hetero 
A 1 1   LEU 1   102 ?   ?   ?   A . n 
A 1 2   THR 2   103 ?   ?   ?   A . n 
A 1 3   PRO 3   104 ?   ?   ?   A . n 
A 1 4   GLY 4   105 ?   ?   ?   A . n 
A 1 5   GLY 5   106 106 GLY GLY A . n 
A 1 6   PRO 6   107 107 PRO PRO A . n 
A 1 7   LYS 7   108 108 LYS LYS A . n 
A 1 8   TRP 8   109 109 TRP TRP A . n 
A 1 9   GLU 9   110 110 GLU GLU A . n 
A 1 10  ARG 10  111 111 ARG ARG A . n 
A 1 11  THR 11  112 112 THR THR A . n 
A 1 12  ASN 12  113 113 ASN ASN A . n 
A 1 13  LEU 13  114 114 LEU LEU A . n 
A 1 14  THR 14  115 115 THR THR A . n 
A 1 15  TYR 15  116 116 TYR TYR A . n 
A 1 16  ARG 16  117 117 ARG ARG A . n 
A 1 17  ILE 17  118 118 ILE ILE A . n 
A 1 18  ARG 18  119 119 ARG ARG A . n 
A 1 19  ASN 19  120 120 ASN ASN A . n 
A 1 20  TYR 20  121 121 TYR TYR A . n 
A 1 21  THR 21  122 122 THR THR A . n 
A 1 22  PRO 22  123 123 PRO PRO A . n 
A 1 23  GLN 23  124 124 GLN GLN A . n 
A 1 24  LEU 24  125 125 LEU LEU A . n 
A 1 25  SER 25  126 126 SER SER A . n 
A 1 26  GLU 26  127 127 GLU GLU A . n 
A 1 27  ALA 27  128 128 ALA ALA A . n 
A 1 28  GLU 28  129 129 GLU GLU A . n 
A 1 29  VAL 29  130 130 VAL VAL A . n 
A 1 30  GLU 30  131 131 GLU GLU A . n 
A 1 31  ARG 31  132 132 ARG ARG A . n 
A 1 32  ALA 32  133 133 ALA ALA A . n 
A 1 33  ILE 33  134 134 ILE ILE A . n 
A 1 34  LYS 34  135 135 LYS LYS A . n 
A 1 35  ASP 35  136 136 ASP ASP A . n 
A 1 36  ALA 36  137 137 ALA ALA A . n 
A 1 37  PHE 37  138 138 PHE PHE A . n 
A 1 38  GLU 38  139 139 GLU GLU A . n 
A 1 39  LEU 39  140 140 LEU LEU A . n 
A 1 40  TRP 40  141 141 TRP TRP A . n 
A 1 41  SER 41  142 142 SER SER A . n 
A 1 42  VAL 42  143 143 VAL VAL A . n 
A 1 43  ALA 43  144 144 ALA ALA A . n 
A 1 44  SER 44  145 145 SER SER A . n 
A 1 45  PRO 45  146 146 PRO PRO A . n 
A 1 46  LEU 46  147 147 LEU LEU A . n 
A 1 47  ILE 47  148 148 ILE ILE A . n 
A 1 48  PHE 48  149 149 PHE PHE A . n 
A 1 49  THR 49  150 150 THR THR A . n 
A 1 50  GLY 50  151 151 GLY GLY A . n 
A 1 51  ILE 51  152 152 ILE ILE A . n 
A 1 52  SER 52  153 153 SER SER A . n 
A 1 53  GLN 53  154 154 GLN GLN A . n 
A 1 54  GLY 54  155 155 GLY GLY A . n 
A 1 55  GLU 55  156 156 GLU GLU A . n 
A 1 56  ALA 56  157 157 ALA ALA A . n 
A 1 57  ASP 57  158 158 ASP ASP A . n 
A 1 58  ILE 58  159 159 ILE ILE A . n 
A 1 59  ASN 59  160 160 ASN ASN A . n 
A 1 60  ILE 60  161 161 ILE ILE A . n 
A 1 61  ALA 61  162 162 ALA ALA A . n 
A 1 62  PHE 62  163 163 PHE PHE A . n 
A 1 63  TYR 63  164 164 TYR TYR A . n 
A 1 64  GLN 64  165 165 GLN GLN A . n 
A 1 65  ARG 65  166 166 ARG ARG A . n 
A 1 66  ASP 66  167 167 ASP ASP A . n 
A 1 67  HIS 67  168 168 HIS HIS A . n 
A 1 68  GLY 68  169 169 GLY GLY A . n 
A 1 69  ASP 69  170 170 ASP ASP A . n 
A 1 70  GLY 70  171 171 GLY GLY A . n 
A 1 71  SER 71  172 172 SER SER A . n 
A 1 72  PRO 72  173 173 PRO PRO A . n 
A 1 73  PHE 73  174 174 PHE PHE A . n 
A 1 74  ASP 74  175 175 ASP ASP A . n 
A 1 75  GLY 75  176 176 GLY GLY A . n 
A 1 76  PRO 76  177 177 PRO PRO A . n 
A 1 77  ASN 77  178 178 ASN ASN A . n 
A 1 78  GLY 78  179 179 GLY GLY A . n 
A 1 79  ILE 79  180 180 ILE ILE A . n 
A 1 80  LEU 80  181 181 LEU LEU A . n 
A 1 81  ALA 81  182 182 ALA ALA A . n 
A 1 82  HIS 82  183 183 HIS HIS A . n 
A 1 83  ALA 83  184 184 ALA ALA A . n 
A 1 84  PHE 84  185 185 PHE PHE A . n 
A 1 85  GLN 85  186 186 GLN GLN A . n 
A 1 86  PRO 86  187 187 PRO PRO A . n 
A 1 87  GLY 87  188 188 GLY GLY A . n 
A 1 88  GLN 88  189 189 GLN GLN A . n 
A 1 89  GLY 89  190 190 GLY GLY A . n 
A 1 90  ILE 90  191 191 ILE ILE A . n 
A 1 91  GLY 91  192 192 GLY GLY A . n 
A 1 92  GLY 92  193 193 GLY GLY A . n 
A 1 93  ASP 93  194 194 ASP ASP A . n 
A 1 94  ALA 94  195 195 ALA ALA A . n 
A 1 95  HIS 95  196 196 HIS HIS A . n 
A 1 96  PHE 96  197 197 PHE PHE A . n 
A 1 97  ASP 97  198 198 ASP ASP A . n 
A 1 98  ALA 98  199 199 ALA ALA A . n 
A 1 99  GLU 99  200 200 GLU GLU A . n 
A 1 100 GLU 100 201 201 GLU GLU A . n 
A 1 101 THR 101 202 202 THR THR A . n 
A 1 102 TRP 102 203 203 TRP TRP A . n 
A 1 103 THR 103 204 204 THR THR A . n 
A 1 104 ASN 104 205 205 ASN ASN A . n 
A 1 105 THR 105 206 206 THR THR A . n 
A 1 106 SER 106 207 207 SER SER A . n 
A 1 107 ALA 107 208 208 ALA ALA A . n 
A 1 108 ASN 108 209 209 ASN ASN A . n 
A 1 109 TYR 109 210 210 TYR TYR A . n 
A 1 110 ASN 110 211 211 ASN ASN A . n 
A 1 111 LEU 111 212 212 LEU LEU A . n 
A 1 112 PHE 112 213 213 PHE PHE A . n 
A 1 113 LEU 113 214 214 LEU LEU A . n 
A 1 114 VAL 114 215 215 VAL VAL A . n 
A 1 115 ALA 115 216 216 ALA ALA A . n 
A 1 116 ALA 116 217 217 ALA ALA A . n 
A 1 117 HIS 117 218 218 HIS HIS A . n 
A 1 118 GLU 118 219 219 GLU GLU A . n 
A 1 119 PHE 119 220 220 PHE PHE A . n 
A 1 120 GLY 120 221 221 GLY GLY A . n 
A 1 121 HIS 121 222 222 HIS HIS A . n 
A 1 122 SER 122 223 223 SER SER A . n 
A 1 123 LEU 123 224 224 LEU LEU A . n 
A 1 124 GLY 124 225 225 GLY GLY A . n 
A 1 125 LEU 125 226 226 LEU LEU A . n 
A 1 126 ALA 126 227 227 ALA ALA A . n 
A 1 127 HIS 127 228 228 HIS HIS A . n 
A 1 128 SER 128 229 229 SER SER A . n 
A 1 129 SER 129 230 230 SER SER A . n 
A 1 130 ASP 130 231 231 ASP ASP A . n 
A 1 131 PRO 131 232 232 PRO PRO A . n 
A 1 132 GLY 132 233 233 GLY GLY A . n 
A 1 133 ALA 133 234 234 ALA ALA A . n 
A 1 134 LEU 134 235 235 LEU LEU A . n 
A 1 135 MET 135 236 236 MET MET A . n 
A 1 136 TYR 136 237 237 TYR TYR A . n 
A 1 137 PRO 137 238 238 PRO PRO A . n 
A 1 138 ASN 138 239 239 ASN ASN A . n 
A 1 139 TYR 139 240 240 TYR TYR A . n 
A 1 140 ALA 140 241 241 ALA ALA A . n 
A 1 141 PHE 141 242 242 PHE PHE A . n 
A 1 142 ARG 142 243 243 ARG ARG A . n 
A 1 143 GLU 143 244 244 GLU GLU A . n 
A 1 144 THR 144 245 245 THR THR A . n 
A 1 145 SER 145 246 246 SER SER A . n 
A 1 146 ASN 146 247 247 ASN ASN A . n 
A 1 147 TYR 147 248 248 TYR TYR A . n 
A 1 148 SER 148 249 249 SER SER A . n 
A 1 149 LEU 149 250 250 LEU LEU A . n 
A 1 150 PRO 150 251 251 PRO PRO A . n 
A 1 151 GLN 151 252 252 GLN GLN A . n 
A 1 152 ASP 152 253 253 ASP ASP A . n 
A 1 153 ASP 153 254 254 ASP ASP A . n 
A 1 154 ILE 154 255 255 ILE ILE A . n 
A 1 155 ASP 155 256 256 ASP ASP A . n 
A 1 156 GLY 156 257 257 GLY GLY A . n 
A 1 157 ILE 157 258 258 ILE ILE A . n 
A 1 158 GLN 158 259 259 GLN GLN A . n 
A 1 159 ALA 159 260 260 ALA ALA A . n 
A 1 160 ILE 160 261 261 ILE ILE A . n 
A 1 161 TYR 161 262 262 TYR TYR A . n 
A 1 162 GLY 162 263 263 GLY GLY A . n 
A 1 163 LEU 163 264 ?   ?   ?   A . n 
# 
loop_
_pdbx_nonpoly_scheme.asym_id 
_pdbx_nonpoly_scheme.entity_id 
_pdbx_nonpoly_scheme.mon_id 
_pdbx_nonpoly_scheme.ndb_seq_num 
_pdbx_nonpoly_scheme.pdb_seq_num 
_pdbx_nonpoly_scheme.auth_seq_num 
_pdbx_nonpoly_scheme.pdb_mon_id 
_pdbx_nonpoly_scheme.auth_mon_id 
_pdbx_nonpoly_scheme.pdb_strand_id 
_pdbx_nonpoly_scheme.pdb_ins_code 
B 2 ZN  1  281 281 ZN  ZN  A . 
C 2 ZN  1  282 282 ZN  ZN  A . 
D 3 CA  1  283 283 CA  CA  A . 
E 4 PLH 1  280 280 PLH PLH A . 
F 5 HOH 1  1   1   HOH HOH A . 
F 5 HOH 2  2   2   HOH HOH A . 
F 5 HOH 3  3   3   HOH HOH A . 
F 5 HOH 4  4   4   HOH HOH A . 
F 5 HOH 5  5   5   HOH HOH A . 
F 5 HOH 6  6   6   HOH HOH A . 
F 5 HOH 7  7   7   HOH HOH A . 
F 5 HOH 8  8   8   HOH HOH A . 
F 5 HOH 9  9   9   HOH HOH A . 
F 5 HOH 10 10  10  HOH HOH A . 
F 5 HOH 11 11  11  HOH HOH A . 
F 5 HOH 12 12  12  HOH HOH A . 
F 5 HOH 13 13  13  HOH HOH A . 
F 5 HOH 14 14  14  HOH HOH A . 
F 5 HOH 15 15  15  HOH HOH A . 
F 5 HOH 16 16  16  HOH HOH A . 
F 5 HOH 17 17  17  HOH HOH A . 
F 5 HOH 18 18  18  HOH HOH A . 
F 5 HOH 19 19  19  HOH HOH A . 
F 5 HOH 20 20  20  HOH HOH A . 
F 5 HOH 21 21  21  HOH HOH A . 
F 5 HOH 22 22  22  HOH HOH A . 
F 5 HOH 23 23  23  HOH HOH A . 
F 5 HOH 24 24  24  HOH HOH A . 
F 5 HOH 25 25  25  HOH HOH A . 
F 5 HOH 26 26  26  HOH HOH A . 
F 5 HOH 27 27  27  HOH HOH A . 
F 5 HOH 28 28  28  HOH HOH A . 
F 5 HOH 29 29  29  HOH HOH A . 
F 5 HOH 30 30  30  HOH HOH A . 
F 5 HOH 31 31  31  HOH HOH A . 
F 5 HOH 32 32  32  HOH HOH A . 
F 5 HOH 33 33  33  HOH HOH A . 
F 5 HOH 34 34  34  HOH HOH A . 
F 5 HOH 35 35  35  HOH HOH A . 
F 5 HOH 36 36  36  HOH HOH A . 
F 5 HOH 37 37  37  HOH HOH A . 
F 5 HOH 38 38  38  HOH HOH A . 
F 5 HOH 39 39  39  HOH HOH A . 
F 5 HOH 40 40  40  HOH HOH A . 
F 5 HOH 41 41  41  HOH HOH A . 
F 5 HOH 42 42  42  HOH HOH A . 
F 5 HOH 43 43  43  HOH HOH A . 
F 5 HOH 44 44  44  HOH HOH A . 
F 5 HOH 45 45  45  HOH HOH A . 
F 5 HOH 46 46  46  HOH HOH A . 
F 5 HOH 47 47  47  HOH HOH A . 
F 5 HOH 48 48  48  HOH HOH A . 
F 5 HOH 49 49  49  HOH HOH A . 
F 5 HOH 50 50  50  HOH HOH A . 
F 5 HOH 51 51  51  HOH HOH A . 
F 5 HOH 52 52  52  HOH HOH A . 
F 5 HOH 53 53  53  HOH HOH A . 
F 5 HOH 54 54  54  HOH HOH A . 
F 5 HOH 55 55  55  HOH HOH A . 
F 5 HOH 56 56  56  HOH HOH A . 
F 5 HOH 57 57  57  HOH HOH A . 
F 5 HOH 58 58  58  HOH HOH A . 
F 5 HOH 59 59  59  HOH HOH A . 
F 5 HOH 60 60  60  HOH HOH A . 
F 5 HOH 61 61  61  HOH HOH A . 
F 5 HOH 62 62  62  HOH HOH A . 
F 5 HOH 63 63  63  HOH HOH A . 
F 5 HOH 64 64  64  HOH HOH A . 
F 5 HOH 65 65  65  HOH HOH A . 
F 5 HOH 66 66  66  HOH HOH A . 
F 5 HOH 67 67  67  HOH HOH A . 
F 5 HOH 68 68  68  HOH HOH A . 
F 5 HOH 69 69  69  HOH HOH A . 
F 5 HOH 70 70  70  HOH HOH A . 
F 5 HOH 71 71  71  HOH HOH A . 
F 5 HOH 72 72  72  HOH HOH A . 
# 
loop_
_software.name 
_software.classification 
_software.version 
_software.citation_id 
_software.pdbx_ordinal 
X-PLOR 'model building' . ? 1 
PROLSQ refinement       . ? 2 
X-PLOR refinement       . ? 3 
X-PLOR phasing          . ? 4 
# 
_cell.entry_id           1MNC 
_cell.length_a           34.920 
_cell.length_b           61.280 
_cell.length_c           68.250 
_cell.angle_alpha        90.00 
_cell.angle_beta         90.00 
_cell.angle_gamma        90.00 
_cell.Z_PDB              4 
_cell.pdbx_unique_axis   ? 
# 
_symmetry.entry_id                         1MNC 
_symmetry.space_group_name_H-M             'P 21 21 21' 
_symmetry.pdbx_full_space_group_name_H-M   ? 
_symmetry.cell_setting                     ? 
_symmetry.Int_Tables_number                19 
# 
_exptl.entry_id          1MNC 
_exptl.method            'X-RAY DIFFRACTION' 
_exptl.crystals_number   ? 
# 
_exptl_crystal.id                    1 
_exptl_crystal.density_meas          ? 
_exptl_crystal.density_Matthews      2.04 
_exptl_crystal.density_percent_sol   39.73 
_exptl_crystal.description           ? 
# 
_diffrn.id                     1 
_diffrn.ambient_temp           ? 
_diffrn.ambient_temp_details   ? 
_diffrn.crystal_id             1 
# 
_diffrn_radiation.diffrn_id                        1 
_diffrn_radiation.wavelength_id                    1 
_diffrn_radiation.pdbx_monochromatic_or_laue_m_l   ? 
_diffrn_radiation.monochromator                    ? 
_diffrn_radiation.pdbx_diffrn_protocol             ? 
_diffrn_radiation.pdbx_scattering_type             x-ray 
# 
_diffrn_radiation_wavelength.id           1 
_diffrn_radiation_wavelength.wavelength   . 
_diffrn_radiation_wavelength.wt           1.0 
# 
_refine.entry_id                                 1MNC 
_refine.ls_number_reflns_obs                     8593 
_refine.ls_number_reflns_all                     ? 
_refine.pdbx_ls_sigma_I                          ? 
_refine.pdbx_ls_sigma_F                          ? 
_refine.pdbx_data_cutoff_high_absF               ? 
_refine.pdbx_data_cutoff_low_absF                ? 
_refine.pdbx_data_cutoff_high_rms_absF           ? 
_refine.ls_d_res_low                             8.0 
_refine.ls_d_res_high                            2.1 
_refine.ls_percent_reflns_obs                    ? 
_refine.ls_R_factor_obs                          0.1760000 
_refine.ls_R_factor_all                          ? 
_refine.ls_R_factor_R_work                       0.1760000 
_refine.ls_R_factor_R_free                       ? 
_refine.ls_R_factor_R_free_error                 ? 
_refine.ls_R_factor_R_free_error_details         ? 
_refine.ls_percent_reflns_R_free                 ? 
_refine.ls_number_reflns_R_free                  ? 
_refine.ls_number_parameters                     ? 
_refine.ls_number_restraints                     ? 
_refine.occupancy_min                            ? 
_refine.occupancy_max                            ? 
_refine.B_iso_mean                               ? 
_refine.aniso_B[1][1]                            ? 
_refine.aniso_B[2][2]                            ? 
_refine.aniso_B[3][3]                            ? 
_refine.aniso_B[1][2]                            ? 
_refine.aniso_B[1][3]                            ? 
_refine.aniso_B[2][3]                            ? 
_refine.solvent_model_details                    ? 
_refine.solvent_model_param_ksol                 ? 
_refine.solvent_model_param_bsol                 ? 
_refine.pdbx_ls_cross_valid_method               ? 
_refine.details                                  ? 
_refine.pdbx_starting_model                      ? 
_refine.pdbx_method_to_determine_struct          ? 
_refine.pdbx_isotropic_thermal_model             ? 
_refine.pdbx_stereochemistry_target_values       ? 
_refine.pdbx_stereochem_target_val_spec_case     ? 
_refine.pdbx_R_Free_selection_details            ? 
_refine.pdbx_overall_ESU_R                       ? 
_refine.pdbx_overall_ESU_R_Free                  ? 
_refine.overall_SU_ML                            ? 
_refine.overall_SU_B                             ? 
_refine.pdbx_refine_id                           'X-RAY DIFFRACTION' 
_refine.pdbx_diffrn_id                           1 
_refine.pdbx_TLS_residual_ADP_flag               ? 
_refine.correlation_coeff_Fo_to_Fc               ? 
_refine.correlation_coeff_Fo_to_Fc_free          ? 
_refine.pdbx_solvent_vdw_probe_radii             ? 
_refine.pdbx_solvent_ion_probe_radii             ? 
_refine.pdbx_solvent_shrinkage_radii             ? 
_refine.pdbx_overall_phase_error                 ? 
_refine.overall_SU_R_Cruickshank_DPI             ? 
_refine.pdbx_overall_SU_R_free_Cruickshank_DPI   ? 
_refine.pdbx_overall_SU_R_Blow_DPI               ? 
_refine.pdbx_overall_SU_R_free_Blow_DPI          ? 
# 
_refine_hist.pdbx_refine_id                   'X-RAY DIFFRACTION' 
_refine_hist.cycle_id                         LAST 
_refine_hist.pdbx_number_atoms_protein        1234 
_refine_hist.pdbx_number_atoms_nucleic_acid   0 
_refine_hist.pdbx_number_atoms_ligand         28 
_refine_hist.number_atoms_solvent             72 
_refine_hist.number_atoms_total               1334 
_refine_hist.d_res_high                       2.1 
_refine_hist.d_res_low                        8.0 
# 
loop_
_refine_ls_restr.type 
_refine_ls_restr.dev_ideal 
_refine_ls_restr.dev_ideal_target 
_refine_ls_restr.weight 
_refine_ls_restr.number 
_refine_ls_restr.pdbx_refine_id 
_refine_ls_restr.pdbx_restraint_function 
x_bond_d                0.019 ? ? ? 'X-RAY DIFFRACTION' ? 
x_bond_d_na             ?     ? ? ? 'X-RAY DIFFRACTION' ? 
x_bond_d_prot           ?     ? ? ? 'X-RAY DIFFRACTION' ? 
x_angle_d               ?     ? ? ? 'X-RAY DIFFRACTION' ? 
x_angle_d_na            ?     ? ? ? 'X-RAY DIFFRACTION' ? 
x_angle_d_prot          ?     ? ? ? 'X-RAY DIFFRACTION' ? 
x_angle_deg             0.062 ? ? ? 'X-RAY DIFFRACTION' ? 
x_angle_deg_na          ?     ? ? ? 'X-RAY DIFFRACTION' ? 
x_angle_deg_prot        ?     ? ? ? 'X-RAY DIFFRACTION' ? 
x_dihedral_angle_d      ?     ? ? ? 'X-RAY DIFFRACTION' ? 
x_dihedral_angle_d_na   ?     ? ? ? 'X-RAY DIFFRACTION' ? 
x_dihedral_angle_d_prot ?     ? ? ? 'X-RAY DIFFRACTION' ? 
x_improper_angle_d      ?     ? ? ? 'X-RAY DIFFRACTION' ? 
x_improper_angle_d_na   ?     ? ? ? 'X-RAY DIFFRACTION' ? 
x_improper_angle_d_prot ?     ? ? ? 'X-RAY DIFFRACTION' ? 
x_mcbond_it             ?     ? ? ? 'X-RAY DIFFRACTION' ? 
x_mcangle_it            ?     ? ? ? 'X-RAY DIFFRACTION' ? 
x_scbond_it             ?     ? ? ? 'X-RAY DIFFRACTION' ? 
x_scangle_it            ?     ? ? ? 'X-RAY DIFFRACTION' ? 
# 
_struct.entry_id                  1MNC 
_struct.title                     
;STRUCTURE OF HUMAN NEUTROPHIL COLLAGENASE REVEALS LARGE S1' SPECIFICITY POCKET
;
_struct.pdbx_model_details        ? 
_struct.pdbx_CASP_flag            ? 
_struct.pdbx_model_type_details   ? 
# 
_struct_keywords.entry_id        1MNC 
_struct_keywords.pdbx_keywords   'HYDROLASE (METALLOPROTEASE)' 
_struct_keywords.text            'HYDROLASE (METALLOPROTEASE)' 
# 
loop_
_struct_asym.id 
_struct_asym.pdbx_blank_PDB_chainid_flag 
_struct_asym.pdbx_modified 
_struct_asym.entity_id 
_struct_asym.details 
A N N 1 ? 
B N N 2 ? 
C N N 2 ? 
D N N 3 ? 
E N N 4 ? 
F N N 5 ? 
# 
_struct_ref.id                         1 
_struct_ref.db_name                    UNP 
_struct_ref.db_code                    MMP8_HUMAN 
_struct_ref.entity_id                  1 
_struct_ref.pdbx_db_accession          P22894 
_struct_ref.pdbx_align_begin           1 
_struct_ref.pdbx_seq_one_letter_code   
;MFSLKTLPFLLLLHVQISKAFPVSSKEKNTKTVQDYLEKFYQLPSNQYQSTRKNGTNVIVEKLKEMQRFFGLNVTGKPNE
ETLDMMKKPRCGVPDSGGFMLTPGNPKWERTNLTYRIRNYTPQLSEAEVERAIKDAFELWSVASPLIFTRISQGEADINI
AFYQRDHGDNSPFDGPNGILAHAFQPGQGIGGDAHFDAEETWTNTSANYNLFLVAAHEFGHSLGLAHSSDPGALMYPNYA
FRETSNYSLPQDDIDGIQAIYGLSSNPIQPTGPSTPKPCDPSLTFDAITTLRGEILFFKDRYFWRRHPQLQRVEMNFISL
FWPSLPTGIQAAYEDFDRDLIFLFKGNQYWALSGYDILQGYPKDISNYGFPSSVQAIDAAVFYRSKTYFFVNDQFWRYDN
QRQFMEPGYPKSISGAFPGIESKVDAVFQQEHFFHVFSGPRYYAFDLIAQRVTRVARGNKWLNCRYG
;
_struct_ref.pdbx_db_isoform            ? 
# 
_struct_ref_seq.align_id                      1 
_struct_ref_seq.ref_id                        1 
_struct_ref_seq.pdbx_PDB_id_code              1MNC 
_struct_ref_seq.pdbx_strand_id                A 
_struct_ref_seq.seq_align_beg                 1 
_struct_ref_seq.pdbx_seq_align_beg_ins_code   ? 
_struct_ref_seq.seq_align_end                 163 
_struct_ref_seq.pdbx_seq_align_end_ins_code   ? 
_struct_ref_seq.pdbx_db_accession             P22894 
_struct_ref_seq.db_align_beg                  101 
_struct_ref_seq.pdbx_db_align_beg_ins_code    ? 
_struct_ref_seq.db_align_end                  263 
_struct_ref_seq.pdbx_db_align_end_ins_code    ? 
_struct_ref_seq.pdbx_auth_seq_align_beg       102 
_struct_ref_seq.pdbx_auth_seq_align_end       264 
# 
loop_
_struct_ref_seq_dif.align_id 
_struct_ref_seq_dif.pdbx_pdb_id_code 
_struct_ref_seq_dif.mon_id 
_struct_ref_seq_dif.pdbx_pdb_strand_id 
_struct_ref_seq_dif.seq_num 
_struct_ref_seq_dif.pdbx_pdb_ins_code 
_struct_ref_seq_dif.pdbx_seq_db_name 
_struct_ref_seq_dif.pdbx_seq_db_accession_code 
_struct_ref_seq_dif.db_mon_id 
_struct_ref_seq_dif.pdbx_seq_db_seq_num 
_struct_ref_seq_dif.details 
_struct_ref_seq_dif.pdbx_auth_seq_num 
_struct_ref_seq_dif.pdbx_ordinal 
1 1MNC GLY A 5  ? UNP P22894 ASN 105 conflict 106 1 
1 1MNC GLY A 50 ? UNP P22894 ARG 150 conflict 151 2 
1 1MNC GLY A 70 ? UNP P22894 ASN 170 conflict 171 3 
# 
_pdbx_struct_assembly.id                   1 
_pdbx_struct_assembly.details              author_defined_assembly 
_pdbx_struct_assembly.method_details       ? 
_pdbx_struct_assembly.oligomeric_details   monomeric 
_pdbx_struct_assembly.oligomeric_count     1 
# 
_pdbx_struct_assembly_gen.assembly_id       1 
_pdbx_struct_assembly_gen.oper_expression   1 
_pdbx_struct_assembly_gen.asym_id_list      A,B,C,D,E,F 
# 
_pdbx_struct_oper_list.id                   1 
_pdbx_struct_oper_list.type                 'identity operation' 
_pdbx_struct_oper_list.name                 1_555 
_pdbx_struct_oper_list.symmetry_operation   x,y,z 
_pdbx_struct_oper_list.matrix[1][1]         1.0000000000 
_pdbx_struct_oper_list.matrix[1][2]         0.0000000000 
_pdbx_struct_oper_list.matrix[1][3]         0.0000000000 
_pdbx_struct_oper_list.vector[1]            0.0000000000 
_pdbx_struct_oper_list.matrix[2][1]         0.0000000000 
_pdbx_struct_oper_list.matrix[2][2]         1.0000000000 
_pdbx_struct_oper_list.matrix[2][3]         0.0000000000 
_pdbx_struct_oper_list.vector[2]            0.0000000000 
_pdbx_struct_oper_list.matrix[3][1]         0.0000000000 
_pdbx_struct_oper_list.matrix[3][2]         0.0000000000 
_pdbx_struct_oper_list.matrix[3][3]         1.0000000000 
_pdbx_struct_oper_list.vector[3]            0.0000000000 
# 
_struct_biol.id   1 
# 
loop_
_struct_conf.conf_type_id 
_struct_conf.id 
_struct_conf.pdbx_PDB_helix_id 
_struct_conf.beg_label_comp_id 
_struct_conf.beg_label_asym_id 
_struct_conf.beg_label_seq_id 
_struct_conf.pdbx_beg_PDB_ins_code 
_struct_conf.end_label_comp_id 
_struct_conf.end_label_asym_id 
_struct_conf.end_label_seq_id 
_struct_conf.pdbx_end_PDB_ins_code 
_struct_conf.beg_auth_comp_id 
_struct_conf.beg_auth_asym_id 
_struct_conf.beg_auth_seq_id 
_struct_conf.end_auth_comp_id 
_struct_conf.end_auth_asym_id 
_struct_conf.end_auth_seq_id 
_struct_conf.pdbx_PDB_helix_class 
_struct_conf.details 
_struct_conf.pdbx_PDB_helix_length 
HELX_P HELX_P1 I   GLU A 26  ? SER A 41  ? GLU A 127 SER A 142 1 ? 16 
HELX_P HELX_P2 II  LEU A 111 ? LEU A 123 ? LEU A 212 LEU A 224 1 ? 13 
HELX_P HELX_P3 III GLN A 151 ? TYR A 161 ? GLN A 252 TYR A 262 1 ? 11 
# 
_struct_conf_type.id          HELX_P 
_struct_conf_type.criteria    ? 
_struct_conf_type.reference   ? 
# 
loop_
_struct_conn.id 
_struct_conn.conn_type_id 
_struct_conn.pdbx_leaving_atom_flag 
_struct_conn.pdbx_PDB_id 
_struct_conn.ptnr1_label_asym_id 
_struct_conn.ptnr1_label_comp_id 
_struct_conn.ptnr1_label_seq_id 
_struct_conn.ptnr1_label_atom_id 
_struct_conn.pdbx_ptnr1_label_alt_id 
_struct_conn.pdbx_ptnr1_PDB_ins_code 
_struct_conn.pdbx_ptnr1_standard_comp_id 
_struct_conn.ptnr1_symmetry 
_struct_conn.ptnr2_label_asym_id 
_struct_conn.ptnr2_label_comp_id 
_struct_conn.ptnr2_label_seq_id 
_struct_conn.ptnr2_label_atom_id 
_struct_conn.pdbx_ptnr2_label_alt_id 
_struct_conn.pdbx_ptnr2_PDB_ins_code 
_struct_conn.ptnr1_auth_asym_id 
_struct_conn.ptnr1_auth_comp_id 
_struct_conn.ptnr1_auth_seq_id 
_struct_conn.ptnr2_auth_asym_id 
_struct_conn.ptnr2_auth_comp_id 
_struct_conn.ptnr2_auth_seq_id 
_struct_conn.ptnr2_symmetry 
_struct_conn.pdbx_ptnr3_label_atom_id 
_struct_conn.pdbx_ptnr3_label_seq_id 
_struct_conn.pdbx_ptnr3_label_comp_id 
_struct_conn.pdbx_ptnr3_label_asym_id 
_struct_conn.pdbx_ptnr3_label_alt_id 
_struct_conn.pdbx_ptnr3_PDB_ins_code 
_struct_conn.details 
_struct_conn.pdbx_dist_value 
_struct_conn.pdbx_value_order 
_struct_conn.pdbx_role 
metalc1  metalc ? ? A HIS 67  NE2 ? ? ? 1_555 C ZN . ZN ? ? A HIS 168 A ZN 282 1_555 ? ? ? ? ? ? ? 1.861 ? ? 
metalc2  metalc ? ? A ASP 69  OD2 ? ? ? 1_555 C ZN . ZN ? ? A ASP 170 A ZN 282 1_555 ? ? ? ? ? ? ? 1.918 ? ? 
metalc3  metalc ? ? A ASP 74  OD1 ? ? ? 1_555 D CA . CA ? ? A ASP 175 A CA 283 1_555 ? ? ? ? ? ? ? 2.362 ? ? 
metalc4  metalc ? ? A GLY 75  O   ? ? ? 1_555 D CA . CA ? ? A GLY 176 A CA 283 1_555 ? ? ? ? ? ? ? 2.362 ? ? 
metalc5  metalc ? ? A ASN 77  O   ? ? ? 1_555 D CA . CA ? ? A ASN 178 A CA 283 1_555 ? ? ? ? ? ? ? 2.399 ? ? 
metalc6  metalc ? ? A ILE 79  O   ? ? ? 1_555 D CA . CA ? ? A ILE 180 A CA 283 1_555 ? ? ? ? ? ? ? 2.297 ? ? 
metalc7  metalc ? ? A HIS 82  NE2 ? ? ? 1_555 C ZN . ZN ? ? A HIS 183 A ZN 282 1_555 ? ? ? ? ? ? ? 1.830 ? ? 
metalc8  metalc ? ? A HIS 95  ND1 ? ? ? 1_555 C ZN . ZN ? ? A HIS 196 A ZN 282 1_555 ? ? ? ? ? ? ? 1.956 ? ? 
metalc9  metalc ? ? A ASP 97  OD2 ? ? ? 1_555 D CA . CA ? ? A ASP 198 A CA 283 1_555 ? ? ? ? ? ? ? 2.263 ? ? 
metalc10 metalc ? ? A GLU 100 OE2 ? ? ? 1_555 D CA . CA ? ? A GLU 201 A CA 283 1_555 ? ? ? ? ? ? ? 2.344 ? ? 
metalc11 metalc ? ? A HIS 117 NE2 ? ? ? 1_555 B ZN . ZN ? ? A HIS 218 A ZN 281 1_555 ? ? ? ? ? ? ? 1.980 ? ? 
metalc12 metalc ? ? A HIS 121 NE2 ? ? ? 1_555 B ZN . ZN ? ? A HIS 222 A ZN 281 1_555 ? ? ? ? ? ? ? 2.039 ? ? 
metalc13 metalc ? ? A HIS 127 NE2 ? ? ? 1_555 B ZN . ZN ? ? A HIS 228 A ZN 281 1_555 ? ? ? ? ? ? ? 2.051 ? ? 
metalc14 metalc ? ? E PLH .   O2  ? ? ? 1_555 B ZN . ZN ? ? A PLH 280 A ZN 281 1_555 ? ? ? ? ? ? ? 2.107 ? ? 
metalc15 metalc ? ? E PLH .   O1  ? ? ? 1_555 B ZN . ZN ? ? A PLH 280 A ZN 281 1_555 ? ? ? ? ? ? ? 2.293 ? ? 
# 
_struct_conn_type.id          metalc 
_struct_conn_type.criteria    ? 
_struct_conn_type.reference   ? 
# 
loop_
_pdbx_struct_conn_angle.id 
_pdbx_struct_conn_angle.ptnr1_label_atom_id 
_pdbx_struct_conn_angle.ptnr1_label_alt_id 
_pdbx_struct_conn_angle.ptnr1_label_asym_id 
_pdbx_struct_conn_angle.ptnr1_label_comp_id 
_pdbx_struct_conn_angle.ptnr1_label_seq_id 
_pdbx_struct_conn_angle.ptnr1_auth_atom_id 
_pdbx_struct_conn_angle.ptnr1_auth_asym_id 
_pdbx_struct_conn_angle.ptnr1_auth_comp_id 
_pdbx_struct_conn_angle.ptnr1_auth_seq_id 
_pdbx_struct_conn_angle.ptnr1_PDB_ins_code 
_pdbx_struct_conn_angle.ptnr1_symmetry 
_pdbx_struct_conn_angle.ptnr2_label_atom_id 
_pdbx_struct_conn_angle.ptnr2_label_alt_id 
_pdbx_struct_conn_angle.ptnr2_label_asym_id 
_pdbx_struct_conn_angle.ptnr2_label_comp_id 
_pdbx_struct_conn_angle.ptnr2_label_seq_id 
_pdbx_struct_conn_angle.ptnr2_auth_atom_id 
_pdbx_struct_conn_angle.ptnr2_auth_asym_id 
_pdbx_struct_conn_angle.ptnr2_auth_comp_id 
_pdbx_struct_conn_angle.ptnr2_auth_seq_id 
_pdbx_struct_conn_angle.ptnr2_PDB_ins_code 
_pdbx_struct_conn_angle.ptnr2_symmetry 
_pdbx_struct_conn_angle.ptnr3_label_atom_id 
_pdbx_struct_conn_angle.ptnr3_label_alt_id 
_pdbx_struct_conn_angle.ptnr3_label_asym_id 
_pdbx_struct_conn_angle.ptnr3_label_comp_id 
_pdbx_struct_conn_angle.ptnr3_label_seq_id 
_pdbx_struct_conn_angle.ptnr3_auth_atom_id 
_pdbx_struct_conn_angle.ptnr3_auth_asym_id 
_pdbx_struct_conn_angle.ptnr3_auth_comp_id 
_pdbx_struct_conn_angle.ptnr3_auth_seq_id 
_pdbx_struct_conn_angle.ptnr3_PDB_ins_code 
_pdbx_struct_conn_angle.ptnr3_symmetry 
_pdbx_struct_conn_angle.value 
_pdbx_struct_conn_angle.value_esd 
1  NE2 ? A HIS 67  ? A HIS 168 ? 1_555 ZN ? C ZN . ? A ZN 282 ? 1_555 OD2 ? A ASP 69  ? A ASP 170 ? 1_555 108.9 ? 
2  NE2 ? A HIS 67  ? A HIS 168 ? 1_555 ZN ? C ZN . ? A ZN 282 ? 1_555 NE2 ? A HIS 82  ? A HIS 183 ? 1_555 108.9 ? 
3  OD2 ? A ASP 69  ? A ASP 170 ? 1_555 ZN ? C ZN . ? A ZN 282 ? 1_555 NE2 ? A HIS 82  ? A HIS 183 ? 1_555 117.6 ? 
4  NE2 ? A HIS 67  ? A HIS 168 ? 1_555 ZN ? C ZN . ? A ZN 282 ? 1_555 ND1 ? A HIS 95  ? A HIS 196 ? 1_555 109.9 ? 
5  OD2 ? A ASP 69  ? A ASP 170 ? 1_555 ZN ? C ZN . ? A ZN 282 ? 1_555 ND1 ? A HIS 95  ? A HIS 196 ? 1_555 95.3  ? 
6  NE2 ? A HIS 82  ? A HIS 183 ? 1_555 ZN ? C ZN . ? A ZN 282 ? 1_555 ND1 ? A HIS 95  ? A HIS 196 ? 1_555 115.4 ? 
7  OD1 ? A ASP 74  ? A ASP 175 ? 1_555 CA ? D CA . ? A CA 283 ? 1_555 O   ? A GLY 75  ? A GLY 176 ? 1_555 83.9  ? 
8  OD1 ? A ASP 74  ? A ASP 175 ? 1_555 CA ? D CA . ? A CA 283 ? 1_555 O   ? A ASN 77  ? A ASN 178 ? 1_555 91.0  ? 
9  O   ? A GLY 75  ? A GLY 176 ? 1_555 CA ? D CA . ? A CA 283 ? 1_555 O   ? A ASN 77  ? A ASN 178 ? 1_555 81.4  ? 
10 OD1 ? A ASP 74  ? A ASP 175 ? 1_555 CA ? D CA . ? A CA 283 ? 1_555 O   ? A ILE 79  ? A ILE 180 ? 1_555 88.0  ? 
11 O   ? A GLY 75  ? A GLY 176 ? 1_555 CA ? D CA . ? A CA 283 ? 1_555 O   ? A ILE 79  ? A ILE 180 ? 1_555 171.7 ? 
12 O   ? A ASN 77  ? A ASN 178 ? 1_555 CA ? D CA . ? A CA 283 ? 1_555 O   ? A ILE 79  ? A ILE 180 ? 1_555 97.2  ? 
13 OD1 ? A ASP 74  ? A ASP 175 ? 1_555 CA ? D CA . ? A CA 283 ? 1_555 OD2 ? A ASP 97  ? A ASP 198 ? 1_555 84.1  ? 
14 O   ? A GLY 75  ? A GLY 176 ? 1_555 CA ? D CA . ? A CA 283 ? 1_555 OD2 ? A ASP 97  ? A ASP 198 ? 1_555 88.7  ? 
15 O   ? A ASN 77  ? A ASN 178 ? 1_555 CA ? D CA . ? A CA 283 ? 1_555 OD2 ? A ASP 97  ? A ASP 198 ? 1_555 169.4 ? 
16 O   ? A ILE 79  ? A ILE 180 ? 1_555 CA ? D CA . ? A CA 283 ? 1_555 OD2 ? A ASP 97  ? A ASP 198 ? 1_555 92.0  ? 
17 OD1 ? A ASP 74  ? A ASP 175 ? 1_555 CA ? D CA . ? A CA 283 ? 1_555 OE2 ? A GLU 100 ? A GLU 201 ? 1_555 178.9 ? 
18 O   ? A GLY 75  ? A GLY 176 ? 1_555 CA ? D CA . ? A CA 283 ? 1_555 OE2 ? A GLU 100 ? A GLU 201 ? 1_555 95.6  ? 
19 O   ? A ASN 77  ? A ASN 178 ? 1_555 CA ? D CA . ? A CA 283 ? 1_555 OE2 ? A GLU 100 ? A GLU 201 ? 1_555 89.9  ? 
20 O   ? A ILE 79  ? A ILE 180 ? 1_555 CA ? D CA . ? A CA 283 ? 1_555 OE2 ? A GLU 100 ? A GLU 201 ? 1_555 92.5  ? 
21 OD2 ? A ASP 97  ? A ASP 198 ? 1_555 CA ? D CA . ? A CA 283 ? 1_555 OE2 ? A GLU 100 ? A GLU 201 ? 1_555 94.9  ? 
22 NE2 ? A HIS 117 ? A HIS 218 ? 1_555 ZN ? B ZN . ? A ZN 281 ? 1_555 NE2 ? A HIS 121 ? A HIS 222 ? 1_555 97.2  ? 
23 NE2 ? A HIS 117 ? A HIS 218 ? 1_555 ZN ? B ZN . ? A ZN 281 ? 1_555 NE2 ? A HIS 127 ? A HIS 228 ? 1_555 104.6 ? 
24 NE2 ? A HIS 121 ? A HIS 222 ? 1_555 ZN ? B ZN . ? A ZN 281 ? 1_555 NE2 ? A HIS 127 ? A HIS 228 ? 1_555 97.1  ? 
25 NE2 ? A HIS 117 ? A HIS 218 ? 1_555 ZN ? B ZN . ? A ZN 281 ? 1_555 O2  ? E PLH .   ? A PLH 280 ? 1_555 106.2 ? 
26 NE2 ? A HIS 121 ? A HIS 222 ? 1_555 ZN ? B ZN . ? A ZN 281 ? 1_555 O2  ? E PLH .   ? A PLH 280 ? 1_555 152.1 ? 
27 NE2 ? A HIS 127 ? A HIS 228 ? 1_555 ZN ? B ZN . ? A ZN 281 ? 1_555 O2  ? E PLH .   ? A PLH 280 ? 1_555 91.7  ? 
28 NE2 ? A HIS 117 ? A HIS 218 ? 1_555 ZN ? B ZN . ? A ZN 281 ? 1_555 O1  ? E PLH .   ? A PLH 280 ? 1_555 103.3 ? 
29 NE2 ? A HIS 121 ? A HIS 222 ? 1_555 ZN ? B ZN . ? A ZN 281 ? 1_555 O1  ? E PLH .   ? A PLH 280 ? 1_555 83.5  ? 
30 NE2 ? A HIS 127 ? A HIS 228 ? 1_555 ZN ? B ZN . ? A ZN 281 ? 1_555 O1  ? E PLH .   ? A PLH 280 ? 1_555 151.8 ? 
31 O2  ? E PLH .   ? A PLH 280 ? 1_555 ZN ? B ZN . ? A ZN 281 ? 1_555 O1  ? E PLH .   ? A PLH 280 ? 1_555 76.6  ? 
# 
_struct_mon_prot_cis.pdbx_id                1 
_struct_mon_prot_cis.label_comp_id          ASN 
_struct_mon_prot_cis.label_seq_id           108 
_struct_mon_prot_cis.label_asym_id          A 
_struct_mon_prot_cis.label_alt_id           . 
_struct_mon_prot_cis.pdbx_PDB_ins_code      ? 
_struct_mon_prot_cis.auth_comp_id           ASN 
_struct_mon_prot_cis.auth_seq_id            209 
_struct_mon_prot_cis.auth_asym_id           A 
_struct_mon_prot_cis.pdbx_label_comp_id_2   TYR 
_struct_mon_prot_cis.pdbx_label_seq_id_2    109 
_struct_mon_prot_cis.pdbx_label_asym_id_2   A 
_struct_mon_prot_cis.pdbx_PDB_ins_code_2    ? 
_struct_mon_prot_cis.pdbx_auth_comp_id_2    TYR 
_struct_mon_prot_cis.pdbx_auth_seq_id_2     210 
_struct_mon_prot_cis.pdbx_auth_asym_id_2    A 
_struct_mon_prot_cis.pdbx_PDB_model_num     1 
_struct_mon_prot_cis.pdbx_omega_angle       -1.57 
# 
_struct_sheet.id               A 
_struct_sheet.type             ? 
_struct_sheet.number_strands   5 
_struct_sheet.details          ? 
# 
loop_
_struct_sheet_order.sheet_id 
_struct_sheet_order.range_id_1 
_struct_sheet_order.range_id_2 
_struct_sheet_order.offset 
_struct_sheet_order.sense 
A 1 2 ? parallel      
A 2 3 ? parallel      
A 3 4 ? parallel      
A 4 5 ? anti-parallel 
# 
loop_
_struct_sheet_range.sheet_id 
_struct_sheet_range.id 
_struct_sheet_range.beg_label_comp_id 
_struct_sheet_range.beg_label_asym_id 
_struct_sheet_range.beg_label_seq_id 
_struct_sheet_range.pdbx_beg_PDB_ins_code 
_struct_sheet_range.end_label_comp_id 
_struct_sheet_range.end_label_asym_id 
_struct_sheet_range.end_label_seq_id 
_struct_sheet_range.pdbx_end_PDB_ins_code 
_struct_sheet_range.beg_auth_comp_id 
_struct_sheet_range.beg_auth_asym_id 
_struct_sheet_range.beg_auth_seq_id 
_struct_sheet_range.end_auth_comp_id 
_struct_sheet_range.end_auth_asym_id 
_struct_sheet_range.end_auth_seq_id 
A 1 ILE A 47 ? GLY A 50 ? ILE A 148 GLY A 151 
A 2 ASN A 12 ? ILE A 17 ? ASN A 113 ILE A 118 
A 3 ILE A 58 ? TYR A 63 ? ILE A 159 TYR A 164 
A 4 ALA A 94 ? ASP A 97 ? ALA A 195 ASP A 198 
A 5 ALA A 81 ? ALA A 83 ? ALA A 182 ALA A 184 
# 
loop_
_pdbx_struct_sheet_hbond.sheet_id 
_pdbx_struct_sheet_hbond.range_id_1 
_pdbx_struct_sheet_hbond.range_id_2 
_pdbx_struct_sheet_hbond.range_1_label_atom_id 
_pdbx_struct_sheet_hbond.range_1_label_comp_id 
_pdbx_struct_sheet_hbond.range_1_label_asym_id 
_pdbx_struct_sheet_hbond.range_1_label_seq_id 
_pdbx_struct_sheet_hbond.range_1_PDB_ins_code 
_pdbx_struct_sheet_hbond.range_1_auth_atom_id 
_pdbx_struct_sheet_hbond.range_1_auth_comp_id 
_pdbx_struct_sheet_hbond.range_1_auth_asym_id 
_pdbx_struct_sheet_hbond.range_1_auth_seq_id 
_pdbx_struct_sheet_hbond.range_2_label_atom_id 
_pdbx_struct_sheet_hbond.range_2_label_comp_id 
_pdbx_struct_sheet_hbond.range_2_label_asym_id 
_pdbx_struct_sheet_hbond.range_2_label_seq_id 
_pdbx_struct_sheet_hbond.range_2_PDB_ins_code 
_pdbx_struct_sheet_hbond.range_2_auth_atom_id 
_pdbx_struct_sheet_hbond.range_2_auth_comp_id 
_pdbx_struct_sheet_hbond.range_2_auth_asym_id 
_pdbx_struct_sheet_hbond.range_2_auth_seq_id 
A 1 2 O ILE A 47 ? O ILE A 148 N LEU A 13 ? N LEU A 114 
A 2 3 N ARG A 16 ? N ARG A 117 O ILE A 58 ? O ILE A 159 
A 3 4 O ASN A 59 ? O ASN A 160 N ALA A 94 ? N ALA A 195 
A 4 5 O HIS A 95 ? O HIS A 196 N HIS A 82 ? N HIS A 183 
# 
loop_
_struct_site.id 
_struct_site.pdbx_evidence_code 
_struct_site.pdbx_auth_asym_id 
_struct_site.pdbx_auth_comp_id 
_struct_site.pdbx_auth_seq_id 
_struct_site.pdbx_auth_ins_code 
_struct_site.pdbx_num_residues 
_struct_site.details 
AC1 Software A ZN  281 ? 4  'BINDING SITE FOR RESIDUE ZN A 281'  
AC2 Software A ZN  282 ? 4  'BINDING SITE FOR RESIDUE ZN A 282'  
AC3 Software A CA  283 ? 6  'BINDING SITE FOR RESIDUE CA A 283'  
AC4 Software A PLH 280 ? 15 'BINDING SITE FOR RESIDUE PLH A 280' 
# 
loop_
_struct_site_gen.id 
_struct_site_gen.site_id 
_struct_site_gen.pdbx_num_res 
_struct_site_gen.label_comp_id 
_struct_site_gen.label_asym_id 
_struct_site_gen.label_seq_id 
_struct_site_gen.pdbx_auth_ins_code 
_struct_site_gen.auth_comp_id 
_struct_site_gen.auth_asym_id 
_struct_site_gen.auth_seq_id 
_struct_site_gen.label_atom_id 
_struct_site_gen.label_alt_id 
_struct_site_gen.symmetry 
_struct_site_gen.details 
1  AC1 4  HIS A 117 ? HIS A 218 . ? 1_555 ? 
2  AC1 4  HIS A 121 ? HIS A 222 . ? 1_555 ? 
3  AC1 4  HIS A 127 ? HIS A 228 . ? 1_555 ? 
4  AC1 4  PLH E .   ? PLH A 280 . ? 1_555 ? 
5  AC2 4  HIS A 67  ? HIS A 168 . ? 1_555 ? 
6  AC2 4  ASP A 69  ? ASP A 170 . ? 1_555 ? 
7  AC2 4  HIS A 82  ? HIS A 183 . ? 1_555 ? 
8  AC2 4  HIS A 95  ? HIS A 196 . ? 1_555 ? 
9  AC3 6  ASP A 74  ? ASP A 175 . ? 1_555 ? 
10 AC3 6  GLY A 75  ? GLY A 176 . ? 1_555 ? 
11 AC3 6  ASN A 77  ? ASN A 178 . ? 1_555 ? 
12 AC3 6  ILE A 79  ? ILE A 180 . ? 1_555 ? 
13 AC3 6  ASP A 97  ? ASP A 198 . ? 1_555 ? 
14 AC3 6  GLU A 100 ? GLU A 201 . ? 1_555 ? 
15 AC4 15 HOH F .   ? HOH A 58  . ? 1_555 ? 
16 AC4 15 THR A 49  ? THR A 150 . ? 1_455 ? 
17 AC4 15 GLY A 78  ? GLY A 179 . ? 1_555 ? 
18 AC4 15 ILE A 79  ? ILE A 180 . ? 1_555 ? 
19 AC4 15 LEU A 80  ? LEU A 181 . ? 1_555 ? 
20 AC4 15 ALA A 81  ? ALA A 182 . ? 1_555 ? 
21 AC4 15 HIS A 117 ? HIS A 218 . ? 1_555 ? 
22 AC4 15 GLU A 118 ? GLU A 219 . ? 1_555 ? 
23 AC4 15 HIS A 121 ? HIS A 222 . ? 1_555 ? 
24 AC4 15 HIS A 127 ? HIS A 228 . ? 1_555 ? 
25 AC4 15 TYR A 136 ? TYR A 237 . ? 1_555 ? 
26 AC4 15 PRO A 137 ? PRO A 238 . ? 1_555 ? 
27 AC4 15 ASN A 138 ? ASN A 239 . ? 1_555 ? 
28 AC4 15 TYR A 139 ? TYR A 240 . ? 1_555 ? 
29 AC4 15 ZN  B .   ? ZN  A 281 . ? 1_555 ? 
# 
_pdbx_validate_close_contact.id               1 
_pdbx_validate_close_contact.PDB_model_num    1 
_pdbx_validate_close_contact.auth_atom_id_1   ND2 
_pdbx_validate_close_contact.auth_asym_id_1   A 
_pdbx_validate_close_contact.auth_comp_id_1   ASN 
_pdbx_validate_close_contact.auth_seq_id_1    113 
_pdbx_validate_close_contact.PDB_ins_code_1   ? 
_pdbx_validate_close_contact.label_alt_id_1   ? 
_pdbx_validate_close_contact.auth_atom_id_2   O 
_pdbx_validate_close_contact.auth_asym_id_2   A 
_pdbx_validate_close_contact.auth_comp_id_2   HOH 
_pdbx_validate_close_contact.auth_seq_id_2    66 
_pdbx_validate_close_contact.PDB_ins_code_2   ? 
_pdbx_validate_close_contact.label_alt_id_2   ? 
_pdbx_validate_close_contact.dist             2.00 
# 
loop_
_pdbx_validate_rmsd_angle.id 
_pdbx_validate_rmsd_angle.PDB_model_num 
_pdbx_validate_rmsd_angle.auth_atom_id_1 
_pdbx_validate_rmsd_angle.auth_asym_id_1 
_pdbx_validate_rmsd_angle.auth_comp_id_1 
_pdbx_validate_rmsd_angle.auth_seq_id_1 
_pdbx_validate_rmsd_angle.PDB_ins_code_1 
_pdbx_validate_rmsd_angle.label_alt_id_1 
_pdbx_validate_rmsd_angle.auth_atom_id_2 
_pdbx_validate_rmsd_angle.auth_asym_id_2 
_pdbx_validate_rmsd_angle.auth_comp_id_2 
_pdbx_validate_rmsd_angle.auth_seq_id_2 
_pdbx_validate_rmsd_angle.PDB_ins_code_2 
_pdbx_validate_rmsd_angle.label_alt_id_2 
_pdbx_validate_rmsd_angle.auth_atom_id_3 
_pdbx_validate_rmsd_angle.auth_asym_id_3 
_pdbx_validate_rmsd_angle.auth_comp_id_3 
_pdbx_validate_rmsd_angle.auth_seq_id_3 
_pdbx_validate_rmsd_angle.PDB_ins_code_3 
_pdbx_validate_rmsd_angle.label_alt_id_3 
_pdbx_validate_rmsd_angle.angle_value 
_pdbx_validate_rmsd_angle.angle_target_value 
_pdbx_validate_rmsd_angle.angle_deviation 
_pdbx_validate_rmsd_angle.angle_standard_deviation 
_pdbx_validate_rmsd_angle.linker_flag 
1  1 NE  A ARG 111 ? ? CZ A ARG 111 ? ? NH1 A ARG 111 ? ? 114.53 120.30 -5.77  0.50 N 
2  1 NE  A ARG 111 ? ? CZ A ARG 111 ? ? NH2 A ARG 111 ? ? 126.56 120.30 6.26   0.50 N 
3  1 CA  A LEU 114 ? ? CB A LEU 114 ? ? CG  A LEU 114 ? ? 131.58 115.30 16.28  2.30 N 
4  1 OE1 A GLU 127 ? ? CD A GLU 127 ? ? OE2 A GLU 127 ? ? 131.22 123.30 7.92   1.20 N 
5  1 OE1 A GLU 139 ? ? CD A GLU 139 ? ? OE2 A GLU 139 ? ? 113.38 123.30 -9.92  1.20 N 
6  1 CB  A GLN 154 ? ? CG A GLN 154 ? ? CD  A GLN 154 ? ? 128.04 111.60 16.44  2.60 N 
7  1 CB  A GLU 156 ? ? CA A GLU 156 ? ? C   A GLU 156 ? ? 98.25  110.40 -12.15 2.00 N 
8  1 CB  A ASP 158 ? ? CG A ASP 158 ? ? OD2 A ASP 158 ? ? 124.84 118.30 6.54   0.90 N 
9  1 CB  A TYR 164 ? ? CG A TYR 164 ? ? CD2 A TYR 164 ? ? 124.67 121.00 3.67   0.60 N 
10 1 NE  A ARG 166 ? ? CZ A ARG 166 ? ? NH1 A ARG 166 ? ? 116.25 120.30 -4.05  0.50 N 
11 1 NE  A ARG 166 ? ? CZ A ARG 166 ? ? NH2 A ARG 166 ? ? 128.12 120.30 7.82   0.50 N 
12 1 N   A ASP 175 ? ? CA A ASP 175 ? ? CB  A ASP 175 ? ? 96.79  110.60 -13.81 1.80 N 
13 1 OD1 A ASP 175 ? ? CG A ASP 175 ? ? OD2 A ASP 175 ? ? 111.86 123.30 -11.44 1.90 N 
14 1 CB  A ASP 175 ? ? CG A ASP 175 ? ? OD2 A ASP 175 ? ? 126.88 118.30 8.58   0.90 N 
15 1 CB  A TYR 210 ? ? CG A TYR 210 ? ? CD1 A TYR 210 ? ? 116.80 121.00 -4.20  0.60 N 
16 1 CB  A LEU 212 ? ? CG A LEU 212 ? ? CD2 A LEU 212 ? ? 121.42 111.00 10.42  1.70 N 
17 1 CB  A TYR 240 ? ? CG A TYR 240 ? ? CD2 A TYR 240 ? ? 117.17 121.00 -3.83  0.60 N 
18 1 NE  A ARG 243 ? ? CZ A ARG 243 ? ? NH1 A ARG 243 ? ? 123.99 120.30 3.69   0.50 N 
19 1 CB  A ASP 253 ? ? CG A ASP 253 ? ? OD2 A ASP 253 ? ? 127.79 118.30 9.49   0.90 N 
20 1 CB  A ASP 254 ? ? CG A ASP 254 ? ? OD1 A ASP 254 ? ? 111.03 118.30 -7.27  0.90 N 
21 1 CB  A ASP 256 ? ? CG A ASP 256 ? ? OD1 A ASP 256 ? ? 130.67 118.30 12.37  0.90 N 
# 
loop_
_pdbx_validate_torsion.id 
_pdbx_validate_torsion.PDB_model_num 
_pdbx_validate_torsion.auth_comp_id 
_pdbx_validate_torsion.auth_asym_id 
_pdbx_validate_torsion.auth_seq_id 
_pdbx_validate_torsion.PDB_ins_code 
_pdbx_validate_torsion.label_alt_id 
_pdbx_validate_torsion.phi 
_pdbx_validate_torsion.psi 
1 1 ARG A 166 ? ? 43.22   -121.63 
2 1 ASP A 170 ? ? -120.12 -169.45 
3 1 ASN A 178 ? ? 58.27   -163.53 
4 1 THR A 206 ? ? -128.69 -164.57 
5 1 GLU A 244 ? ? 156.43  -162.73 
6 1 THR A 245 ? ? -157.12 -44.93  
7 1 SER A 246 ? ? -31.30  -84.22  
8 1 ASN A 247 ? ? -109.01 58.86   
# 
loop_
_pdbx_unobs_or_zero_occ_residues.id 
_pdbx_unobs_or_zero_occ_residues.PDB_model_num 
_pdbx_unobs_or_zero_occ_residues.polymer_flag 
_pdbx_unobs_or_zero_occ_residues.occupancy_flag 
_pdbx_unobs_or_zero_occ_residues.auth_asym_id 
_pdbx_unobs_or_zero_occ_residues.auth_comp_id 
_pdbx_unobs_or_zero_occ_residues.auth_seq_id 
_pdbx_unobs_or_zero_occ_residues.PDB_ins_code 
_pdbx_unobs_or_zero_occ_residues.label_asym_id 
_pdbx_unobs_or_zero_occ_residues.label_comp_id 
_pdbx_unobs_or_zero_occ_residues.label_seq_id 
1 1 Y 1 A LEU 102 ? A LEU 1   
2 1 Y 1 A THR 103 ? A THR 2   
3 1 Y 1 A PRO 104 ? A PRO 3   
4 1 Y 1 A GLY 105 ? A GLY 4   
5 1 Y 1 A LEU 264 ? A LEU 163 
# 
loop_
_chem_comp_atom.comp_id 
_chem_comp_atom.atom_id 
_chem_comp_atom.type_symbol 
_chem_comp_atom.pdbx_aromatic_flag 
_chem_comp_atom.pdbx_stereo_config 
_chem_comp_atom.pdbx_ordinal 
ALA N    N  N N 1   
ALA CA   C  N S 2   
ALA C    C  N N 3   
ALA O    O  N N 4   
ALA CB   C  N N 5   
ALA OXT  O  N N 6   
ALA H    H  N N 7   
ALA H2   H  N N 8   
ALA HA   H  N N 9   
ALA HB1  H  N N 10  
ALA HB2  H  N N 11  
ALA HB3  H  N N 12  
ALA HXT  H  N N 13  
ARG N    N  N N 14  
ARG CA   C  N S 15  
ARG C    C  N N 16  
ARG O    O  N N 17  
ARG CB   C  N N 18  
ARG CG   C  N N 19  
ARG CD   C  N N 20  
ARG NE   N  N N 21  
ARG CZ   C  N N 22  
ARG NH1  N  N N 23  
ARG NH2  N  N N 24  
ARG OXT  O  N N 25  
ARG H    H  N N 26  
ARG H2   H  N N 27  
ARG HA   H  N N 28  
ARG HB2  H  N N 29  
ARG HB3  H  N N 30  
ARG HG2  H  N N 31  
ARG HG3  H  N N 32  
ARG HD2  H  N N 33  
ARG HD3  H  N N 34  
ARG HE   H  N N 35  
ARG HH11 H  N N 36  
ARG HH12 H  N N 37  
ARG HH21 H  N N 38  
ARG HH22 H  N N 39  
ARG HXT  H  N N 40  
ASN N    N  N N 41  
ASN CA   C  N S 42  
ASN C    C  N N 43  
ASN O    O  N N 44  
ASN CB   C  N N 45  
ASN CG   C  N N 46  
ASN OD1  O  N N 47  
ASN ND2  N  N N 48  
ASN OXT  O  N N 49  
ASN H    H  N N 50  
ASN H2   H  N N 51  
ASN HA   H  N N 52  
ASN HB2  H  N N 53  
ASN HB3  H  N N 54  
ASN HD21 H  N N 55  
ASN HD22 H  N N 56  
ASN HXT  H  N N 57  
ASP N    N  N N 58  
ASP CA   C  N S 59  
ASP C    C  N N 60  
ASP O    O  N N 61  
ASP CB   C  N N 62  
ASP CG   C  N N 63  
ASP OD1  O  N N 64  
ASP OD2  O  N N 65  
ASP OXT  O  N N 66  
ASP H    H  N N 67  
ASP H2   H  N N 68  
ASP HA   H  N N 69  
ASP HB2  H  N N 70  
ASP HB3  H  N N 71  
ASP HD2  H  N N 72  
ASP HXT  H  N N 73  
CA  CA   CA N N 74  
GLN N    N  N N 75  
GLN CA   C  N S 76  
GLN C    C  N N 77  
GLN O    O  N N 78  
GLN CB   C  N N 79  
GLN CG   C  N N 80  
GLN CD   C  N N 81  
GLN OE1  O  N N 82  
GLN NE2  N  N N 83  
GLN OXT  O  N N 84  
GLN H    H  N N 85  
GLN H2   H  N N 86  
GLN HA   H  N N 87  
GLN HB2  H  N N 88  
GLN HB3  H  N N 89  
GLN HG2  H  N N 90  
GLN HG3  H  N N 91  
GLN HE21 H  N N 92  
GLN HE22 H  N N 93  
GLN HXT  H  N N 94  
GLU N    N  N N 95  
GLU CA   C  N S 96  
GLU C    C  N N 97  
GLU O    O  N N 98  
GLU CB   C  N N 99  
GLU CG   C  N N 100 
GLU CD   C  N N 101 
GLU OE1  O  N N 102 
GLU OE2  O  N N 103 
GLU OXT  O  N N 104 
GLU H    H  N N 105 
GLU H2   H  N N 106 
GLU HA   H  N N 107 
GLU HB2  H  N N 108 
GLU HB3  H  N N 109 
GLU HG2  H  N N 110 
GLU HG3  H  N N 111 
GLU HE2  H  N N 112 
GLU HXT  H  N N 113 
GLY N    N  N N 114 
GLY CA   C  N N 115 
GLY C    C  N N 116 
GLY O    O  N N 117 
GLY OXT  O  N N 118 
GLY H    H  N N 119 
GLY H2   H  N N 120 
GLY HA2  H  N N 121 
GLY HA3  H  N N 122 
GLY HXT  H  N N 123 
HIS N    N  N N 124 
HIS CA   C  N S 125 
HIS C    C  N N 126 
HIS O    O  N N 127 
HIS CB   C  N N 128 
HIS CG   C  Y N 129 
HIS ND1  N  Y N 130 
HIS CD2  C  Y N 131 
HIS CE1  C  Y N 132 
HIS NE2  N  Y N 133 
HIS OXT  O  N N 134 
HIS H    H  N N 135 
HIS H2   H  N N 136 
HIS HA   H  N N 137 
HIS HB2  H  N N 138 
HIS HB3  H  N N 139 
HIS HD1  H  N N 140 
HIS HD2  H  N N 141 
HIS HE1  H  N N 142 
HIS HE2  H  N N 143 
HIS HXT  H  N N 144 
HOH O    O  N N 145 
HOH H1   H  N N 146 
HOH H2   H  N N 147 
ILE N    N  N N 148 
ILE CA   C  N S 149 
ILE C    C  N N 150 
ILE O    O  N N 151 
ILE CB   C  N S 152 
ILE CG1  C  N N 153 
ILE CG2  C  N N 154 
ILE CD1  C  N N 155 
ILE OXT  O  N N 156 
ILE H    H  N N 157 
ILE H2   H  N N 158 
ILE HA   H  N N 159 
ILE HB   H  N N 160 
ILE HG12 H  N N 161 
ILE HG13 H  N N 162 
ILE HG21 H  N N 163 
ILE HG22 H  N N 164 
ILE HG23 H  N N 165 
ILE HD11 H  N N 166 
ILE HD12 H  N N 167 
ILE HD13 H  N N 168 
ILE HXT  H  N N 169 
LEU N    N  N N 170 
LEU CA   C  N S 171 
LEU C    C  N N 172 
LEU O    O  N N 173 
LEU CB   C  N N 174 
LEU CG   C  N N 175 
LEU CD1  C  N N 176 
LEU CD2  C  N N 177 
LEU OXT  O  N N 178 
LEU H    H  N N 179 
LEU H2   H  N N 180 
LEU HA   H  N N 181 
LEU HB2  H  N N 182 
LEU HB3  H  N N 183 
LEU HG   H  N N 184 
LEU HD11 H  N N 185 
LEU HD12 H  N N 186 
LEU HD13 H  N N 187 
LEU HD21 H  N N 188 
LEU HD22 H  N N 189 
LEU HD23 H  N N 190 
LEU HXT  H  N N 191 
LYS N    N  N N 192 
LYS CA   C  N S 193 
LYS C    C  N N 194 
LYS O    O  N N 195 
LYS CB   C  N N 196 
LYS CG   C  N N 197 
LYS CD   C  N N 198 
LYS CE   C  N N 199 
LYS NZ   N  N N 200 
LYS OXT  O  N N 201 
LYS H    H  N N 202 
LYS H2   H  N N 203 
LYS HA   H  N N 204 
LYS HB2  H  N N 205 
LYS HB3  H  N N 206 
LYS HG2  H  N N 207 
LYS HG3  H  N N 208 
LYS HD2  H  N N 209 
LYS HD3  H  N N 210 
LYS HE2  H  N N 211 
LYS HE3  H  N N 212 
LYS HZ1  H  N N 213 
LYS HZ2  H  N N 214 
LYS HZ3  H  N N 215 
LYS HXT  H  N N 216 
MET N    N  N N 217 
MET CA   C  N S 218 
MET C    C  N N 219 
MET O    O  N N 220 
MET CB   C  N N 221 
MET CG   C  N N 222 
MET SD   S  N N 223 
MET CE   C  N N 224 
MET OXT  O  N N 225 
MET H    H  N N 226 
MET H2   H  N N 227 
MET HA   H  N N 228 
MET HB2  H  N N 229 
MET HB3  H  N N 230 
MET HG2  H  N N 231 
MET HG3  H  N N 232 
MET HE1  H  N N 233 
MET HE2  H  N N 234 
MET HE3  H  N N 235 
MET HXT  H  N N 236 
PHE N    N  N N 237 
PHE CA   C  N S 238 
PHE C    C  N N 239 
PHE O    O  N N 240 
PHE CB   C  N N 241 
PHE CG   C  Y N 242 
PHE CD1  C  Y N 243 
PHE CD2  C  Y N 244 
PHE CE1  C  Y N 245 
PHE CE2  C  Y N 246 
PHE CZ   C  Y N 247 
PHE OXT  O  N N 248 
PHE H    H  N N 249 
PHE H2   H  N N 250 
PHE HA   H  N N 251 
PHE HB2  H  N N 252 
PHE HB3  H  N N 253 
PHE HD1  H  N N 254 
PHE HD2  H  N N 255 
PHE HE1  H  N N 256 
PHE HE2  H  N N 257 
PHE HZ   H  N N 258 
PHE HXT  H  N N 259 
PLH C1   C  N N 260 
PLH C2   C  N N 261 
PLH C3   C  N R 262 
PLH C4   C  N N 263 
PLH C5   C  N N 264 
PLH C6   C  N N 265 
PLH C7   C  N N 266 
PLH C8   C  N N 267 
PLH C9   C  N S 268 
PLH C10  C  N N 269 
PLH C11  C  N N 270 
PLH C12  C  N N 271 
PLH C13  C  Y N 272 
PLH C14  C  Y N 273 
PLH C15  C  Y N 274 
PLH C16  C  Y N 275 
PLH C17  C  Y N 276 
PLH C18  C  Y N 277 
PLH N1   N  N N 278 
PLH N2   N  N N 279 
PLH N3   N  N N 280 
PLH O1   O  N N 281 
PLH O2   O  N N 282 
PLH O3   O  N N 283 
PLH O4   O  N N 284 
PLH H21  H  N N 285 
PLH H22  H  N N 286 
PLH H3   H  N N 287 
PLH H41  H  N N 288 
PLH H42  H  N N 289 
PLH H5   H  N N 290 
PLH H61  H  N N 291 
PLH H62  H  N N 292 
PLH H63  H  N N 293 
PLH H71  H  N N 294 
PLH H72  H  N N 295 
PLH H73  H  N N 296 
PLH H9   H  N N 297 
PLH H111 H  N N 298 
PLH H112 H  N N 299 
PLH H113 H  N N 300 
PLH H121 H  N N 301 
PLH H122 H  N N 302 
PLH H14  H  N N 303 
PLH H15  H  N N 304 
PLH H16  H  N N 305 
PLH H17  H  N N 306 
PLH H18  H  N N 307 
PLH HN1  H  N N 308 
PLH HN2  H  N N 309 
PLH HN3  H  N N 310 
PLH HO1  H  N N 311 
PRO N    N  N N 312 
PRO CA   C  N S 313 
PRO C    C  N N 314 
PRO O    O  N N 315 
PRO CB   C  N N 316 
PRO CG   C  N N 317 
PRO CD   C  N N 318 
PRO OXT  O  N N 319 
PRO H    H  N N 320 
PRO HA   H  N N 321 
PRO HB2  H  N N 322 
PRO HB3  H  N N 323 
PRO HG2  H  N N 324 
PRO HG3  H  N N 325 
PRO HD2  H  N N 326 
PRO HD3  H  N N 327 
PRO HXT  H  N N 328 
SER N    N  N N 329 
SER CA   C  N S 330 
SER C    C  N N 331 
SER O    O  N N 332 
SER CB   C  N N 333 
SER OG   O  N N 334 
SER OXT  O  N N 335 
SER H    H  N N 336 
SER H2   H  N N 337 
SER HA   H  N N 338 
SER HB2  H  N N 339 
SER HB3  H  N N 340 
SER HG   H  N N 341 
SER HXT  H  N N 342 
THR N    N  N N 343 
THR CA   C  N S 344 
THR C    C  N N 345 
THR O    O  N N 346 
THR CB   C  N R 347 
THR OG1  O  N N 348 
THR CG2  C  N N 349 
THR OXT  O  N N 350 
THR H    H  N N 351 
THR H2   H  N N 352 
THR HA   H  N N 353 
THR HB   H  N N 354 
THR HG1  H  N N 355 
THR HG21 H  N N 356 
THR HG22 H  N N 357 
THR HG23 H  N N 358 
THR HXT  H  N N 359 
TRP N    N  N N 360 
TRP CA   C  N S 361 
TRP C    C  N N 362 
TRP O    O  N N 363 
TRP CB   C  N N 364 
TRP CG   C  Y N 365 
TRP CD1  C  Y N 366 
TRP CD2  C  Y N 367 
TRP NE1  N  Y N 368 
TRP CE2  C  Y N 369 
TRP CE3  C  Y N 370 
TRP CZ2  C  Y N 371 
TRP CZ3  C  Y N 372 
TRP CH2  C  Y N 373 
TRP OXT  O  N N 374 
TRP H    H  N N 375 
TRP H2   H  N N 376 
TRP HA   H  N N 377 
TRP HB2  H  N N 378 
TRP HB3  H  N N 379 
TRP HD1  H  N N 380 
TRP HE1  H  N N 381 
TRP HE3  H  N N 382 
TRP HZ2  H  N N 383 
TRP HZ3  H  N N 384 
TRP HH2  H  N N 385 
TRP HXT  H  N N 386 
TYR N    N  N N 387 
TYR CA   C  N S 388 
TYR C    C  N N 389 
TYR O    O  N N 390 
TYR CB   C  N N 391 
TYR CG   C  Y N 392 
TYR CD1  C  Y N 393 
TYR CD2  C  Y N 394 
TYR CE1  C  Y N 395 
TYR CE2  C  Y N 396 
TYR CZ   C  Y N 397 
TYR OH   O  N N 398 
TYR OXT  O  N N 399 
TYR H    H  N N 400 
TYR H2   H  N N 401 
TYR HA   H  N N 402 
TYR HB2  H  N N 403 
TYR HB3  H  N N 404 
TYR HD1  H  N N 405 
TYR HD2  H  N N 406 
TYR HE1  H  N N 407 
TYR HE2  H  N N 408 
TYR HH   H  N N 409 
TYR HXT  H  N N 410 
VAL N    N  N N 411 
VAL CA   C  N S 412 
VAL C    C  N N 413 
VAL O    O  N N 414 
VAL CB   C  N N 415 
VAL CG1  C  N N 416 
VAL CG2  C  N N 417 
VAL OXT  O  N N 418 
VAL H    H  N N 419 
VAL H2   H  N N 420 
VAL HA   H  N N 421 
VAL HB   H  N N 422 
VAL HG11 H  N N 423 
VAL HG12 H  N N 424 
VAL HG13 H  N N 425 
VAL HG21 H  N N 426 
VAL HG22 H  N N 427 
VAL HG23 H  N N 428 
VAL HXT  H  N N 429 
ZN  ZN   ZN N N 430 
# 
loop_
_chem_comp_bond.comp_id 
_chem_comp_bond.atom_id_1 
_chem_comp_bond.atom_id_2 
_chem_comp_bond.value_order 
_chem_comp_bond.pdbx_aromatic_flag 
_chem_comp_bond.pdbx_stereo_config 
_chem_comp_bond.pdbx_ordinal 
ALA N   CA   sing N N 1   
ALA N   H    sing N N 2   
ALA N   H2   sing N N 3   
ALA CA  C    sing N N 4   
ALA CA  CB   sing N N 5   
ALA CA  HA   sing N N 6   
ALA C   O    doub N N 7   
ALA C   OXT  sing N N 8   
ALA CB  HB1  sing N N 9   
ALA CB  HB2  sing N N 10  
ALA CB  HB3  sing N N 11  
ALA OXT HXT  sing N N 12  
ARG N   CA   sing N N 13  
ARG N   H    sing N N 14  
ARG N   H2   sing N N 15  
ARG CA  C    sing N N 16  
ARG CA  CB   sing N N 17  
ARG CA  HA   sing N N 18  
ARG C   O    doub N N 19  
ARG C   OXT  sing N N 20  
ARG CB  CG   sing N N 21  
ARG CB  HB2  sing N N 22  
ARG CB  HB3  sing N N 23  
ARG CG  CD   sing N N 24  
ARG CG  HG2  sing N N 25  
ARG CG  HG3  sing N N 26  
ARG CD  NE   sing N N 27  
ARG CD  HD2  sing N N 28  
ARG CD  HD3  sing N N 29  
ARG NE  CZ   sing N N 30  
ARG NE  HE   sing N N 31  
ARG CZ  NH1  sing N N 32  
ARG CZ  NH2  doub N N 33  
ARG NH1 HH11 sing N N 34  
ARG NH1 HH12 sing N N 35  
ARG NH2 HH21 sing N N 36  
ARG NH2 HH22 sing N N 37  
ARG OXT HXT  sing N N 38  
ASN N   CA   sing N N 39  
ASN N   H    sing N N 40  
ASN N   H2   sing N N 41  
ASN CA  C    sing N N 42  
ASN CA  CB   sing N N 43  
ASN CA  HA   sing N N 44  
ASN C   O    doub N N 45  
ASN C   OXT  sing N N 46  
ASN CB  CG   sing N N 47  
ASN CB  HB2  sing N N 48  
ASN CB  HB3  sing N N 49  
ASN CG  OD1  doub N N 50  
ASN CG  ND2  sing N N 51  
ASN ND2 HD21 sing N N 52  
ASN ND2 HD22 sing N N 53  
ASN OXT HXT  sing N N 54  
ASP N   CA   sing N N 55  
ASP N   H    sing N N 56  
ASP N   H2   sing N N 57  
ASP CA  C    sing N N 58  
ASP CA  CB   sing N N 59  
ASP CA  HA   sing N N 60  
ASP C   O    doub N N 61  
ASP C   OXT  sing N N 62  
ASP CB  CG   sing N N 63  
ASP CB  HB2  sing N N 64  
ASP CB  HB3  sing N N 65  
ASP CG  OD1  doub N N 66  
ASP CG  OD2  sing N N 67  
ASP OD2 HD2  sing N N 68  
ASP OXT HXT  sing N N 69  
GLN N   CA   sing N N 70  
GLN N   H    sing N N 71  
GLN N   H2   sing N N 72  
GLN CA  C    sing N N 73  
GLN CA  CB   sing N N 74  
GLN CA  HA   sing N N 75  
GLN C   O    doub N N 76  
GLN C   OXT  sing N N 77  
GLN CB  CG   sing N N 78  
GLN CB  HB2  sing N N 79  
GLN CB  HB3  sing N N 80  
GLN CG  CD   sing N N 81  
GLN CG  HG2  sing N N 82  
GLN CG  HG3  sing N N 83  
GLN CD  OE1  doub N N 84  
GLN CD  NE2  sing N N 85  
GLN NE2 HE21 sing N N 86  
GLN NE2 HE22 sing N N 87  
GLN OXT HXT  sing N N 88  
GLU N   CA   sing N N 89  
GLU N   H    sing N N 90  
GLU N   H2   sing N N 91  
GLU CA  C    sing N N 92  
GLU CA  CB   sing N N 93  
GLU CA  HA   sing N N 94  
GLU C   O    doub N N 95  
GLU C   OXT  sing N N 96  
GLU CB  CG   sing N N 97  
GLU CB  HB2  sing N N 98  
GLU CB  HB3  sing N N 99  
GLU CG  CD   sing N N 100 
GLU CG  HG2  sing N N 101 
GLU CG  HG3  sing N N 102 
GLU CD  OE1  doub N N 103 
GLU CD  OE2  sing N N 104 
GLU OE2 HE2  sing N N 105 
GLU OXT HXT  sing N N 106 
GLY N   CA   sing N N 107 
GLY N   H    sing N N 108 
GLY N   H2   sing N N 109 
GLY CA  C    sing N N 110 
GLY CA  HA2  sing N N 111 
GLY CA  HA3  sing N N 112 
GLY C   O    doub N N 113 
GLY C   OXT  sing N N 114 
GLY OXT HXT  sing N N 115 
HIS N   CA   sing N N 116 
HIS N   H    sing N N 117 
HIS N   H2   sing N N 118 
HIS CA  C    sing N N 119 
HIS CA  CB   sing N N 120 
HIS CA  HA   sing N N 121 
HIS C   O    doub N N 122 
HIS C   OXT  sing N N 123 
HIS CB  CG   sing N N 124 
HIS CB  HB2  sing N N 125 
HIS CB  HB3  sing N N 126 
HIS CG  ND1  sing Y N 127 
HIS CG  CD2  doub Y N 128 
HIS ND1 CE1  doub Y N 129 
HIS ND1 HD1  sing N N 130 
HIS CD2 NE2  sing Y N 131 
HIS CD2 HD2  sing N N 132 
HIS CE1 NE2  sing Y N 133 
HIS CE1 HE1  sing N N 134 
HIS NE2 HE2  sing N N 135 
HIS OXT HXT  sing N N 136 
HOH O   H1   sing N N 137 
HOH O   H2   sing N N 138 
ILE N   CA   sing N N 139 
ILE N   H    sing N N 140 
ILE N   H2   sing N N 141 
ILE CA  C    sing N N 142 
ILE CA  CB   sing N N 143 
ILE CA  HA   sing N N 144 
ILE C   O    doub N N 145 
ILE C   OXT  sing N N 146 
ILE CB  CG1  sing N N 147 
ILE CB  CG2  sing N N 148 
ILE CB  HB   sing N N 149 
ILE CG1 CD1  sing N N 150 
ILE CG1 HG12 sing N N 151 
ILE CG1 HG13 sing N N 152 
ILE CG2 HG21 sing N N 153 
ILE CG2 HG22 sing N N 154 
ILE CG2 HG23 sing N N 155 
ILE CD1 HD11 sing N N 156 
ILE CD1 HD12 sing N N 157 
ILE CD1 HD13 sing N N 158 
ILE OXT HXT  sing N N 159 
LEU N   CA   sing N N 160 
LEU N   H    sing N N 161 
LEU N   H2   sing N N 162 
LEU CA  C    sing N N 163 
LEU CA  CB   sing N N 164 
LEU CA  HA   sing N N 165 
LEU C   O    doub N N 166 
LEU C   OXT  sing N N 167 
LEU CB  CG   sing N N 168 
LEU CB  HB2  sing N N 169 
LEU CB  HB3  sing N N 170 
LEU CG  CD1  sing N N 171 
LEU CG  CD2  sing N N 172 
LEU CG  HG   sing N N 173 
LEU CD1 HD11 sing N N 174 
LEU CD1 HD12 sing N N 175 
LEU CD1 HD13 sing N N 176 
LEU CD2 HD21 sing N N 177 
LEU CD2 HD22 sing N N 178 
LEU CD2 HD23 sing N N 179 
LEU OXT HXT  sing N N 180 
LYS N   CA   sing N N 181 
LYS N   H    sing N N 182 
LYS N   H2   sing N N 183 
LYS CA  C    sing N N 184 
LYS CA  CB   sing N N 185 
LYS CA  HA   sing N N 186 
LYS C   O    doub N N 187 
LYS C   OXT  sing N N 188 
LYS CB  CG   sing N N 189 
LYS CB  HB2  sing N N 190 
LYS CB  HB3  sing N N 191 
LYS CG  CD   sing N N 192 
LYS CG  HG2  sing N N 193 
LYS CG  HG3  sing N N 194 
LYS CD  CE   sing N N 195 
LYS CD  HD2  sing N N 196 
LYS CD  HD3  sing N N 197 
LYS CE  NZ   sing N N 198 
LYS CE  HE2  sing N N 199 
LYS CE  HE3  sing N N 200 
LYS NZ  HZ1  sing N N 201 
LYS NZ  HZ2  sing N N 202 
LYS NZ  HZ3  sing N N 203 
LYS OXT HXT  sing N N 204 
MET N   CA   sing N N 205 
MET N   H    sing N N 206 
MET N   H2   sing N N 207 
MET CA  C    sing N N 208 
MET CA  CB   sing N N 209 
MET CA  HA   sing N N 210 
MET C   O    doub N N 211 
MET C   OXT  sing N N 212 
MET CB  CG   sing N N 213 
MET CB  HB2  sing N N 214 
MET CB  HB3  sing N N 215 
MET CG  SD   sing N N 216 
MET CG  HG2  sing N N 217 
MET CG  HG3  sing N N 218 
MET SD  CE   sing N N 219 
MET CE  HE1  sing N N 220 
MET CE  HE2  sing N N 221 
MET CE  HE3  sing N N 222 
MET OXT HXT  sing N N 223 
PHE N   CA   sing N N 224 
PHE N   H    sing N N 225 
PHE N   H2   sing N N 226 
PHE CA  C    sing N N 227 
PHE CA  CB   sing N N 228 
PHE CA  HA   sing N N 229 
PHE C   O    doub N N 230 
PHE C   OXT  sing N N 231 
PHE CB  CG   sing N N 232 
PHE CB  HB2  sing N N 233 
PHE CB  HB3  sing N N 234 
PHE CG  CD1  doub Y N 235 
PHE CG  CD2  sing Y N 236 
PHE CD1 CE1  sing Y N 237 
PHE CD1 HD1  sing N N 238 
PHE CD2 CE2  doub Y N 239 
PHE CD2 HD2  sing N N 240 
PHE CE1 CZ   doub Y N 241 
PHE CE1 HE1  sing N N 242 
PHE CE2 CZ   sing Y N 243 
PHE CE2 HE2  sing N N 244 
PHE CZ  HZ   sing N N 245 
PHE OXT HXT  sing N N 246 
PLH C1  C2   sing N N 247 
PLH C1  N1   sing N N 248 
PLH C1  O2   doub N N 249 
PLH C2  C3   sing N N 250 
PLH C2  H21  sing N N 251 
PLH C2  H22  sing N N 252 
PLH C3  C4   sing N N 253 
PLH C3  C8   sing N N 254 
PLH C3  H3   sing N N 255 
PLH C4  C5   sing N N 256 
PLH C4  H41  sing N N 257 
PLH C4  H42  sing N N 258 
PLH C5  C6   sing N N 259 
PLH C5  C7   sing N N 260 
PLH C5  H5   sing N N 261 
PLH C6  H61  sing N N 262 
PLH C6  H62  sing N N 263 
PLH C6  H63  sing N N 264 
PLH C7  H71  sing N N 265 
PLH C7  H72  sing N N 266 
PLH C7  H73  sing N N 267 
PLH C8  N2   sing N N 268 
PLH C8  O3   doub N N 269 
PLH C9  C10  sing N N 270 
PLH C9  C12  sing N N 271 
PLH C9  N2   sing N N 272 
PLH C9  H9   sing N N 273 
PLH C10 N3   sing N N 274 
PLH C10 O4   doub N N 275 
PLH C11 N3   sing N N 276 
PLH C11 H111 sing N N 277 
PLH C11 H112 sing N N 278 
PLH C11 H113 sing N N 279 
PLH C12 C13  sing N N 280 
PLH C12 H121 sing N N 281 
PLH C12 H122 sing N N 282 
PLH C13 C14  doub Y N 283 
PLH C13 C18  sing Y N 284 
PLH C14 C15  sing Y N 285 
PLH C14 H14  sing N N 286 
PLH C15 C16  doub Y N 287 
PLH C15 H15  sing N N 288 
PLH C16 C17  sing Y N 289 
PLH C16 H16  sing N N 290 
PLH C17 C18  doub Y N 291 
PLH C17 H17  sing N N 292 
PLH C18 H18  sing N N 293 
PLH N1  O1   sing N N 294 
PLH N1  HN1  sing N N 295 
PLH N2  HN2  sing N N 296 
PLH N3  HN3  sing N N 297 
PLH O1  HO1  sing N N 298 
PRO N   CA   sing N N 299 
PRO N   CD   sing N N 300 
PRO N   H    sing N N 301 
PRO CA  C    sing N N 302 
PRO CA  CB   sing N N 303 
PRO CA  HA   sing N N 304 
PRO C   O    doub N N 305 
PRO C   OXT  sing N N 306 
PRO CB  CG   sing N N 307 
PRO CB  HB2  sing N N 308 
PRO CB  HB3  sing N N 309 
PRO CG  CD   sing N N 310 
PRO CG  HG2  sing N N 311 
PRO CG  HG3  sing N N 312 
PRO CD  HD2  sing N N 313 
PRO CD  HD3  sing N N 314 
PRO OXT HXT  sing N N 315 
SER N   CA   sing N N 316 
SER N   H    sing N N 317 
SER N   H2   sing N N 318 
SER CA  C    sing N N 319 
SER CA  CB   sing N N 320 
SER CA  HA   sing N N 321 
SER C   O    doub N N 322 
SER C   OXT  sing N N 323 
SER CB  OG   sing N N 324 
SER CB  HB2  sing N N 325 
SER CB  HB3  sing N N 326 
SER OG  HG   sing N N 327 
SER OXT HXT  sing N N 328 
THR N   CA   sing N N 329 
THR N   H    sing N N 330 
THR N   H2   sing N N 331 
THR CA  C    sing N N 332 
THR CA  CB   sing N N 333 
THR CA  HA   sing N N 334 
THR C   O    doub N N 335 
THR C   OXT  sing N N 336 
THR CB  OG1  sing N N 337 
THR CB  CG2  sing N N 338 
THR CB  HB   sing N N 339 
THR OG1 HG1  sing N N 340 
THR CG2 HG21 sing N N 341 
THR CG2 HG22 sing N N 342 
THR CG2 HG23 sing N N 343 
THR OXT HXT  sing N N 344 
TRP N   CA   sing N N 345 
TRP N   H    sing N N 346 
TRP N   H2   sing N N 347 
TRP CA  C    sing N N 348 
TRP CA  CB   sing N N 349 
TRP CA  HA   sing N N 350 
TRP C   O    doub N N 351 
TRP C   OXT  sing N N 352 
TRP CB  CG   sing N N 353 
TRP CB  HB2  sing N N 354 
TRP CB  HB3  sing N N 355 
TRP CG  CD1  doub Y N 356 
TRP CG  CD2  sing Y N 357 
TRP CD1 NE1  sing Y N 358 
TRP CD1 HD1  sing N N 359 
TRP CD2 CE2  doub Y N 360 
TRP CD2 CE3  sing Y N 361 
TRP NE1 CE2  sing Y N 362 
TRP NE1 HE1  sing N N 363 
TRP CE2 CZ2  sing Y N 364 
TRP CE3 CZ3  doub Y N 365 
TRP CE3 HE3  sing N N 366 
TRP CZ2 CH2  doub Y N 367 
TRP CZ2 HZ2  sing N N 368 
TRP CZ3 CH2  sing Y N 369 
TRP CZ3 HZ3  sing N N 370 
TRP CH2 HH2  sing N N 371 
TRP OXT HXT  sing N N 372 
TYR N   CA   sing N N 373 
TYR N   H    sing N N 374 
TYR N   H2   sing N N 375 
TYR CA  C    sing N N 376 
TYR CA  CB   sing N N 377 
TYR CA  HA   sing N N 378 
TYR C   O    doub N N 379 
TYR C   OXT  sing N N 380 
TYR CB  CG   sing N N 381 
TYR CB  HB2  sing N N 382 
TYR CB  HB3  sing N N 383 
TYR CG  CD1  doub Y N 384 
TYR CG  CD2  sing Y N 385 
TYR CD1 CE1  sing Y N 386 
TYR CD1 HD1  sing N N 387 
TYR CD2 CE2  doub Y N 388 
TYR CD2 HD2  sing N N 389 
TYR CE1 CZ   doub Y N 390 
TYR CE1 HE1  sing N N 391 
TYR CE2 CZ   sing Y N 392 
TYR CE2 HE2  sing N N 393 
TYR CZ  OH   sing N N 394 
TYR OH  HH   sing N N 395 
TYR OXT HXT  sing N N 396 
VAL N   CA   sing N N 397 
VAL N   H    sing N N 398 
VAL N   H2   sing N N 399 
VAL CA  C    sing N N 400 
VAL CA  CB   sing N N 401 
VAL CA  HA   sing N N 402 
VAL C   O    doub N N 403 
VAL C   OXT  sing N N 404 
VAL CB  CG1  sing N N 405 
VAL CB  CG2  sing N N 406 
VAL CB  HB   sing N N 407 
VAL CG1 HG11 sing N N 408 
VAL CG1 HG12 sing N N 409 
VAL CG1 HG13 sing N N 410 
VAL CG2 HG21 sing N N 411 
VAL CG2 HG22 sing N N 412 
VAL CG2 HG23 sing N N 413 
VAL OXT HXT  sing N N 414 
# 
_atom_sites.entry_id                    1MNC 
_atom_sites.fract_transf_matrix[1][1]   0.00866535 
_atom_sites.fract_transf_matrix[1][2]   -0.01328155 
_atom_sites.fract_transf_matrix[1][3]   -0.02384512 
_atom_sites.fract_transf_matrix[2][1]   0.00609724 
_atom_sites.fract_transf_matrix[2][2]   -0.01217368 
_atom_sites.fract_transf_matrix[2][3]   0.00899639 
_atom_sites.fract_transf_matrix[3][1]   -0.01284739 
_atom_sites.fract_transf_matrix[3][2]   -0.00700252 
_atom_sites.fract_transf_matrix[3][3]   -0.00076841 
_atom_sites.fract_transf_vector[1]      0.218914 
_atom_sites.fract_transf_vector[2]      0.443582 
_atom_sites.fract_transf_vector[3]      0.316991 
# 
_atom_sites_footnote.id     1 
_atom_sites_footnote.text   
'ASN     209  - TYR     210               OMEGA = 358.43 PEPTIDE BOND DEVIATES SIGNIFICANTLY FROM TRANS CONFORMATION' 
# 
loop_
_atom_type.symbol 
C  
CA 
N  
O  
S  
ZN 
# 
loop_
_atom_site.group_PDB 
_atom_site.id 
_atom_site.type_symbol 
_atom_site.label_atom_id 
_atom_site.label_alt_id 
_atom_site.label_comp_id 
_atom_site.label_asym_id 
_atom_site.label_entity_id 
_atom_site.label_seq_id 
_atom_site.pdbx_PDB_ins_code 
_atom_site.Cartn_x 
_atom_site.Cartn_y 
_atom_site.Cartn_z 
_atom_site.occupancy 
_atom_site.B_iso_or_equiv 
_atom_site.pdbx_formal_charge 
_atom_site.auth_seq_id 
_atom_site.auth_comp_id 
_atom_site.auth_asym_id 
_atom_site.auth_atom_id 
_atom_site.pdbx_PDB_model_num 
ATOM   1    N  N   . GLY A 1 5   ? 16.731  -10.649 5.157   1.00 48.75 ? 106 GLY A N   1 
ATOM   2    C  CA  . GLY A 1 5   ? 16.251  -11.985 4.746   1.00 47.60 ? 106 GLY A CA  1 
ATOM   3    C  C   . GLY A 1 5   ? 14.880  -11.692 4.144   1.00 48.02 ? 106 GLY A C   1 
ATOM   4    O  O   . GLY A 1 5   ? 14.114  -10.942 4.765   1.00 52.84 ? 106 GLY A O   1 
ATOM   5    N  N   . PRO A 1 6   ? 14.588  -12.250 2.994   1.00 45.09 ? 107 PRO A N   1 
ATOM   6    C  CA  . PRO A 1 6   ? 13.316  -11.996 2.342   1.00 41.16 ? 107 PRO A CA  1 
ATOM   7    C  C   . PRO A 1 6   ? 11.999  -12.454 2.930   1.00 35.50 ? 107 PRO A C   1 
ATOM   8    O  O   . PRO A 1 6   ? 12.007  -13.642 3.249   1.00 35.44 ? 107 PRO A O   1 
ATOM   9    C  CB  . PRO A 1 6   ? 13.514  -12.713 0.978   1.00 43.22 ? 107 PRO A CB  1 
ATOM   10   C  CG  . PRO A 1 6   ? 14.552  -13.780 1.210   1.00 45.56 ? 107 PRO A CG  1 
ATOM   11   C  CD  . PRO A 1 6   ? 15.487  -13.152 2.249   1.00 46.45 ? 107 PRO A CD  1 
ATOM   12   N  N   . LYS A 1 7   ? 10.966  -11.628 3.023   1.00 29.65 ? 108 LYS A N   1 
ATOM   13   C  CA  . LYS A 1 7   ? 9.676   -12.191 3.501   1.00 25.88 ? 108 LYS A CA  1 
ATOM   14   C  C   . LYS A 1 7   ? 9.160   -12.900 2.227   1.00 24.61 ? 108 LYS A C   1 
ATOM   15   O  O   . LYS A 1 7   ? 8.821   -14.096 2.227   1.00 24.09 ? 108 LYS A O   1 
ATOM   16   C  CB  . LYS A 1 7   ? 8.834   -11.134 4.134   1.00 33.94 ? 108 LYS A CB  1 
ATOM   17   C  CG  . LYS A 1 7   ? 8.552   -11.103 5.642   1.00 28.56 ? 108 LYS A CG  1 
ATOM   18   C  CD  . LYS A 1 7   ? 8.103   -12.508 6.015   1.00 35.46 ? 108 LYS A CD  1 
ATOM   19   C  CE  . LYS A 1 7   ? 7.177   -12.681 7.199   1.00 39.06 ? 108 LYS A CE  1 
ATOM   20   N  NZ  . LYS A 1 7   ? 7.820   -12.426 8.504   1.00 33.83 ? 108 LYS A NZ  1 
ATOM   21   N  N   . TRP A 1 8   ? 9.157   -12.206 1.085   1.00 19.62 ? 109 TRP A N   1 
ATOM   22   C  CA  . TRP A 1 8   ? 8.767   -12.699 -0.241  1.00 16.90 ? 109 TRP A CA  1 
ATOM   23   C  C   . TRP A 1 8   ? 10.006  -13.454 -0.787  1.00 18.19 ? 109 TRP A C   1 
ATOM   24   O  O   . TRP A 1 8   ? 11.114  -12.844 -0.732  1.00 14.13 ? 109 TRP A O   1 
ATOM   25   C  CB  . TRP A 1 8   ? 8.409   -11.652 -1.308  1.00 5.17  ? 109 TRP A CB  1 
ATOM   26   C  CG  . TRP A 1 8   ? 7.048   -11.111 -1.099  1.00 5.53  ? 109 TRP A CG  1 
ATOM   27   C  CD1 . TRP A 1 8   ? 6.787   -9.848  -0.649  1.00 2.13  ? 109 TRP A CD1 1 
ATOM   28   C  CD2 . TRP A 1 8   ? 5.795   -11.742 -1.307  1.00 7.55  ? 109 TRP A CD2 1 
ATOM   29   N  NE1 . TRP A 1 8   ? 5.425   -9.643  -0.567  1.00 5.50  ? 109 TRP A NE1 1 
ATOM   30   C  CE2 . TRP A 1 8   ? 4.796   -10.797 -0.945  1.00 8.85  ? 109 TRP A CE2 1 
ATOM   31   C  CE3 . TRP A 1 8   ? 5.399   -12.998 -1.741  1.00 11.76 ? 109 TRP A CE3 1 
ATOM   32   C  CZ2 . TRP A 1 8   ? 3.427   -11.065 -1.019  1.00 9.94  ? 109 TRP A CZ2 1 
ATOM   33   C  CZ3 . TRP A 1 8   ? 4.015   -13.300 -1.772  1.00 11.54 ? 109 TRP A CZ3 1 
ATOM   34   C  CH2 . TRP A 1 8   ? 3.055   -12.355 -1.400  1.00 8.17  ? 109 TRP A CH2 1 
ATOM   35   N  N   . GLU A 1 9   ? 9.846   -14.654 -1.310  1.00 19.41 ? 110 GLU A N   1 
ATOM   36   C  CA  . GLU A 1 9   ? 11.040  -15.372 -1.832  1.00 23.53 ? 110 GLU A CA  1 
ATOM   37   C  C   . GLU A 1 9   ? 11.333  -15.113 -3.289  1.00 24.61 ? 110 GLU A C   1 
ATOM   38   O  O   . GLU A 1 9   ? 12.357  -15.518 -3.838  1.00 28.26 ? 110 GLU A O   1 
ATOM   39   C  CB  . GLU A 1 9   ? 10.949  -16.855 -1.510  1.00 34.72 ? 110 GLU A CB  1 
ATOM   40   C  CG  . GLU A 1 9   ? 11.421  -17.237 -0.084  1.00 44.06 ? 110 GLU A CG  1 
ATOM   41   C  CD  . GLU A 1 9   ? 12.920  -17.292 0.051   1.00 49.18 ? 110 GLU A CD  1 
ATOM   42   O  OE1 . GLU A 1 9   ? 13.558  -17.744 -0.898  1.00 51.02 ? 110 GLU A OE1 1 
ATOM   43   O  OE2 . GLU A 1 9   ? 13.424  -16.893 1.128   1.00 50.60 ? 110 GLU A OE2 1 
ATOM   44   N  N   . ARG A 1 10  ? 10.473  -14.403 -3.968  1.00 20.45 ? 111 ARG A N   1 
ATOM   45   C  CA  . ARG A 1 10  ? 10.518  -14.004 -5.372  1.00 19.48 ? 111 ARG A CA  1 
ATOM   46   C  C   . ARG A 1 10  ? 10.617  -12.474 -5.377  1.00 15.78 ? 111 ARG A C   1 
ATOM   47   O  O   . ARG A 1 10  ? 10.172  -11.805 -4.450  1.00 16.60 ? 111 ARG A O   1 
ATOM   48   C  CB  . ARG A 1 10  ? 9.256   -14.315 -6.207  1.00 20.37 ? 111 ARG A CB  1 
ATOM   49   C  CG  . ARG A 1 10  ? 9.069   -15.754 -6.573  1.00 27.83 ? 111 ARG A CG  1 
ATOM   50   C  CD  . ARG A 1 10  ? 7.732   -16.092 -7.101  1.00 37.75 ? 111 ARG A CD  1 
ATOM   51   N  NE  . ARG A 1 10  ? 6.714   -16.344 -6.073  1.00 43.46 ? 111 ARG A NE  1 
ATOM   52   C  CZ  . ARG A 1 10  ? 5.795   -15.406 -5.800  1.00 44.78 ? 111 ARG A CZ  1 
ATOM   53   N  NH1 . ARG A 1 10  ? 5.924   -14.282 -6.508  1.00 47.11 ? 111 ARG A NH1 1 
ATOM   54   N  NH2 . ARG A 1 10  ? 4.802   -15.501 -4.918  1.00 43.97 ? 111 ARG A NH2 1 
ATOM   55   N  N   . THR A 1 11  ? 11.206  -12.044 -6.425  1.00 12.47 ? 112 THR A N   1 
ATOM   56   C  CA  . THR A 1 11  ? 11.491  -10.666 -6.767  1.00 16.15 ? 112 THR A CA  1 
ATOM   57   C  C   . THR A 1 11  ? 10.536  -10.041 -7.759  1.00 13.92 ? 112 THR A C   1 
ATOM   58   O  O   . THR A 1 11  ? 10.450  -8.794  -7.764  1.00 15.16 ? 112 THR A O   1 
ATOM   59   C  CB  . THR A 1 11  ? 13.027  -10.796 -7.131  1.00 23.91 ? 112 THR A CB  1 
ATOM   60   O  OG1 . THR A 1 11  ? 13.681  -10.362 -5.898  1.00 25.19 ? 112 THR A OG1 1 
ATOM   61   C  CG2 . THR A 1 11  ? 13.421  -10.304 -8.502  1.00 25.54 ? 112 THR A CG2 1 
ATOM   62   N  N   . ASN A 1 12  ? 9.896   -10.850 -8.546  1.00 9.83  ? 113 ASN A N   1 
ATOM   63   C  CA  . ASN A 1 12  ? 8.895   -10.422 -9.512  1.00 11.04 ? 113 ASN A CA  1 
ATOM   64   C  C   . ASN A 1 12  ? 7.538   -10.766 -8.901  1.00 7.91  ? 113 ASN A C   1 
ATOM   65   O  O   . ASN A 1 12  ? 7.139   -11.908 -8.963  1.00 13.41 ? 113 ASN A O   1 
ATOM   66   C  CB  . ASN A 1 12  ? 8.958   -11.093 -10.860 1.00 18.00 ? 113 ASN A CB  1 
ATOM   67   C  CG  . ASN A 1 12  ? 9.595   -10.042 -11.758 1.00 30.32 ? 113 ASN A CG  1 
ATOM   68   O  OD1 . ASN A 1 12  ? 10.799  -10.161 -12.020 1.00 36.99 ? 113 ASN A OD1 1 
ATOM   69   N  ND2 . ASN A 1 12  ? 8.739   -9.100  -12.133 1.00 35.25 ? 113 ASN A ND2 1 
ATOM   70   N  N   . LEU A 1 13  ? 6.838   -9.794  -8.413  1.00 3.96  ? 114 LEU A N   1 
ATOM   71   C  CA  . LEU A 1 13  ? 5.559   -9.909  -7.745  1.00 3.09  ? 114 LEU A CA  1 
ATOM   72   C  C   . LEU A 1 13  ? 4.464   -9.351  -8.612  1.00 4.17  ? 114 LEU A C   1 
ATOM   73   O  O   . LEU A 1 13  ? 4.677   -8.375  -9.331  1.00 7.12  ? 114 LEU A O   1 
ATOM   74   C  CB  . LEU A 1 13  ? 5.741   -9.221  -6.386  1.00 5.63  ? 114 LEU A CB  1 
ATOM   75   C  CG  . LEU A 1 13  ? 6.113   -9.763  -5.039  1.00 12.30 ? 114 LEU A CG  1 
ATOM   76   C  CD1 . LEU A 1 13  ? 6.777   -11.152 -5.030  1.00 10.73 ? 114 LEU A CD1 1 
ATOM   77   C  CD2 . LEU A 1 13  ? 7.140   -8.925  -4.323  1.00 7.66  ? 114 LEU A CD2 1 
ATOM   78   N  N   . THR A 1 14  ? 3.281   -9.969  -8.486  1.00 6.87  ? 115 THR A N   1 
ATOM   79   C  CA  . THR A 1 14  ? 2.112   -9.507  -9.225  1.00 7.78  ? 115 THR A CA  1 
ATOM   80   C  C   . THR A 1 14  ? 1.100   -8.903  -8.257  1.00 8.95  ? 115 THR A C   1 
ATOM   81   O  O   . THR A 1 14  ? 1.061   -9.220  -7.059  1.00 6.78  ? 115 THR A O   1 
ATOM   82   C  CB  . THR A 1 14  ? 1.547   -10.614 -10.209 1.00 12.77 ? 115 THR A CB  1 
ATOM   83   O  OG1 . THR A 1 14  ? 1.038   -11.484 -9.208  1.00 13.26 ? 115 THR A OG1 1 
ATOM   84   C  CG2 . THR A 1 14  ? 2.526   -11.375 -11.077 1.00 7.87  ? 115 THR A CG2 1 
ATOM   85   N  N   . TYR A 1 15  ? 0.278   -8.015  -8.830  1.00 8.43  ? 116 TYR A N   1 
ATOM   86   C  CA  . TYR A 1 15  ? -0.736  -7.322  -8.092  1.00 6.68  ? 116 TYR A CA  1 
ATOM   87   C  C   . TYR A 1 15  ? -1.957  -7.246  -8.969  1.00 4.59  ? 116 TYR A C   1 
ATOM   88   O  O   . TYR A 1 15  ? -1.874  -7.246  -10.149 1.00 6.37  ? 116 TYR A O   1 
ATOM   89   C  CB  . TYR A 1 15  ? -0.315  -5.935  -7.563  1.00 3.87  ? 116 TYR A CB  1 
ATOM   90   C  CG  . TYR A 1 15  ? -0.063  -4.815  -8.521  1.00 5.39  ? 116 TYR A CG  1 
ATOM   91   C  CD1 . TYR A 1 15  ? -1.092  -3.930  -8.916  1.00 8.46  ? 116 TYR A CD1 1 
ATOM   92   C  CD2 . TYR A 1 15  ? 1.215   -4.511  -9.008  1.00 7.42  ? 116 TYR A CD2 1 
ATOM   93   C  CE1 . TYR A 1 15  ? -0.893  -2.860  -9.777  1.00 5.60  ? 116 TYR A CE1 1 
ATOM   94   C  CE2 . TYR A 1 15  ? 1.432   -3.440  -9.861  1.00 1.91  ? 116 TYR A CE2 1 
ATOM   95   C  CZ  . TYR A 1 15  ? 0.393   -2.610  -10.254 1.00 9.00  ? 116 TYR A CZ  1 
ATOM   96   O  OH  . TYR A 1 15  ? 0.632   -1.557  -11.072 1.00 5.04  ? 116 TYR A OH  1 
ATOM   97   N  N   . ARG A 1 16  ? -3.087  -7.137  -8.328  1.00 7.85  ? 117 ARG A N   1 
ATOM   98   C  CA  . ARG A 1 16  ? -4.381  -7.015  -8.963  1.00 9.16  ? 117 ARG A CA  1 
ATOM   99   C  C   . ARG A 1 16  ? -5.241  -6.065  -8.136  1.00 10.38 ? 117 ARG A C   1 
ATOM   100  O  O   . ARG A 1 16  ? -5.369  -6.199  -6.904  1.00 9.42  ? 117 ARG A O   1 
ATOM   101  C  CB  . ARG A 1 16  ? -4.989  -8.431  -9.076  1.00 8.71  ? 117 ARG A CB  1 
ATOM   102  C  CG  . ARG A 1 16  ? -6.373  -8.398  -9.724  1.00 7.54  ? 117 ARG A CG  1 
ATOM   103  C  CD  . ARG A 1 16  ? -6.702  -9.861  -10.070 1.00 11.32 ? 117 ARG A CD  1 
ATOM   104  N  NE  . ARG A 1 16  ? -8.130  -9.807  -10.411 1.00 13.93 ? 117 ARG A NE  1 
ATOM   105  C  CZ  . ARG A 1 16  ? -8.943  -10.835 -10.619 1.00 13.61 ? 117 ARG A CZ  1 
ATOM   106  N  NH1 . ARG A 1 16  ? -8.480  -12.073 -10.629 1.00 14.28 ? 117 ARG A NH1 1 
ATOM   107  N  NH2 . ARG A 1 16  ? -10.224 -10.574 -10.806 1.00 16.54 ? 117 ARG A NH2 1 
ATOM   108  N  N   . ILE A 1 17  ? -5.822  -5.130  -8.843  1.00 8.02  ? 118 ILE A N   1 
ATOM   109  C  CA  . ILE A 1 17  ? -6.769  -4.148  -8.270  1.00 8.86  ? 118 ILE A CA  1 
ATOM   110  C  C   . ILE A 1 17  ? -8.165  -4.780  -8.439  1.00 10.06 ? 118 ILE A C   1 
ATOM   111  O  O   . ILE A 1 17  ? -8.773  -4.823  -9.523  1.00 11.23 ? 118 ILE A O   1 
ATOM   112  C  CB  . ILE A 1 17  ? -6.703  -2.749  -8.891  1.00 6.84  ? 118 ILE A CB  1 
ATOM   113  C  CG1 . ILE A 1 17  ? -5.252  -2.176  -8.749  1.00 10.34 ? 118 ILE A CG1 1 
ATOM   114  C  CG2 . ILE A 1 17  ? -7.748  -1.820  -8.240  1.00 9.64  ? 118 ILE A CG2 1 
ATOM   115  C  CD1 . ILE A 1 17  ? -4.998  -0.977  -9.726  1.00 8.68  ? 118 ILE A CD1 1 
ATOM   116  N  N   . ARG A 1 18  ? -8.699  -5.336  -7.353  1.00 8.14  ? 119 ARG A N   1 
ATOM   117  C  CA  . ARG A 1 18  ? -9.959  -6.033  -7.306  1.00 7.85  ? 119 ARG A CA  1 
ATOM   118  C  C   . ARG A 1 18  ? -11.179 -5.204  -7.594  1.00 8.99  ? 119 ARG A C   1 
ATOM   119  O  O   . ARG A 1 18  ? -12.015 -5.738  -8.317  1.00 10.43 ? 119 ARG A O   1 
ATOM   120  C  CB  . ARG A 1 18  ? -10.101 -6.851  -6.005  1.00 8.95  ? 119 ARG A CB  1 
ATOM   121  C  CG  . ARG A 1 18  ? -9.021  -7.889  -5.689  1.00 12.32 ? 119 ARG A CG  1 
ATOM   122  C  CD  . ARG A 1 18  ? -9.534  -9.167  -6.293  1.00 22.24 ? 119 ARG A CD  1 
ATOM   123  N  NE  . ARG A 1 18  ? -8.528  -10.188 -6.539  1.00 22.35 ? 119 ARG A NE  1 
ATOM   124  C  CZ  . ARG A 1 18  ? -8.785  -11.402 -7.039  1.00 24.10 ? 119 ARG A CZ  1 
ATOM   125  N  NH1 . ARG A 1 18  ? -10.035 -11.721 -7.357  1.00 20.66 ? 119 ARG A NH1 1 
ATOM   126  N  NH2 . ARG A 1 18  ? -7.806  -12.298 -7.217  1.00 27.82 ? 119 ARG A NH2 1 
ATOM   127  N  N   . ASN A 1 19  ? -11.324 -4.036  -7.032  1.00 6.78  ? 120 ASN A N   1 
ATOM   128  C  CA  . ASN A 1 19  ? -12.448 -3.121  -7.251  1.00 5.35  ? 120 ASN A CA  1 
ATOM   129  C  C   . ASN A 1 19  ? -11.775 -1.748  -7.065  1.00 5.74  ? 120 ASN A C   1 
ATOM   130  O  O   . ASN A 1 19  ? -10.600 -1.634  -6.678  1.00 2.91  ? 120 ASN A O   1 
ATOM   131  C  CB  . ASN A 1 19  ? -13.591 -3.251  -6.272  1.00 6.29  ? 120 ASN A CB  1 
ATOM   132  C  CG  . ASN A 1 19  ? -13.120 -3.318  -4.847  1.00 4.02  ? 120 ASN A CG  1 
ATOM   133  O  OD1 . ASN A 1 19  ? -12.026 -2.817  -4.557  1.00 5.95  ? 120 ASN A OD1 1 
ATOM   134  N  ND2 . ASN A 1 19  ? -13.893 -3.925  -3.971  1.00 9.32  ? 120 ASN A ND2 1 
ATOM   135  N  N   . TYR A 1 20  ? -12.575 -0.769  -7.357  1.00 5.64  ? 121 TYR A N   1 
ATOM   136  C  CA  . TYR A 1 20  ? -12.177 0.644   -7.301  1.00 5.28  ? 121 TYR A CA  1 
ATOM   137  C  C   . TYR A 1 20  ? -13.075 1.525   -6.456  1.00 8.51  ? 121 TYR A C   1 
ATOM   138  O  O   . TYR A 1 20  ? -14.236 1.226   -6.157  1.00 7.60  ? 121 TYR A O   1 
ATOM   139  C  CB  . TYR A 1 20  ? -12.389 1.110   -8.789  1.00 7.02  ? 121 TYR A CB  1 
ATOM   140  C  CG  . TYR A 1 20  ? -11.436 0.439   -9.751  1.00 8.62  ? 121 TYR A CG  1 
ATOM   141  C  CD1 . TYR A 1 20  ? -11.732 -0.776  -10.362 1.00 5.88  ? 121 TYR A CD1 1 
ATOM   142  C  CD2 . TYR A 1 20  ? -10.206 1.035   -10.017 1.00 3.87  ? 121 TYR A CD2 1 
ATOM   143  C  CE1 . TYR A 1 20  ? -10.789 -1.363  -11.242 1.00 8.11  ? 121 TYR A CE1 1 
ATOM   144  C  CE2 . TYR A 1 20  ? -9.297  0.454   -10.894 1.00 10.64 ? 121 TYR A CE2 1 
ATOM   145  C  CZ  . TYR A 1 20  ? -9.586  -0.761  -11.471 1.00 4.98  ? 121 TYR A CZ  1 
ATOM   146  O  OH  . TYR A 1 20  ? -8.721  -1.308  -12.378 1.00 11.19 ? 121 TYR A OH  1 
ATOM   147  N  N   . THR A 1 21  ? -12.570 2.688   -6.031  1.00 9.01  ? 122 THR A N   1 
ATOM   148  C  CA  . THR A 1 21  ? -13.391 3.650   -5.305  1.00 8.42  ? 122 THR A CA  1 
ATOM   149  C  C   . THR A 1 21  ? -13.906 4.485   -6.504  1.00 12.16 ? 122 THR A C   1 
ATOM   150  O  O   . THR A 1 21  ? -13.157 4.921   -7.415  1.00 8.42  ? 122 THR A O   1 
ATOM   151  C  CB  . THR A 1 21  ? -12.520 4.539   -4.333  1.00 6.76  ? 122 THR A CB  1 
ATOM   152  O  OG1 . THR A 1 21  ? -13.424 5.565   -3.876  1.00 8.02  ? 122 THR A OG1 1 
ATOM   153  C  CG2 . THR A 1 21  ? -11.246 5.175   -4.935  1.00 4.15  ? 122 THR A CG2 1 
ATOM   154  N  N   . PRO A 1 22  ? -15.196 4.807   -6.451  1.00 14.89 ? 123 PRO A N   1 
ATOM   155  C  CA  . PRO A 1 22  ? -15.861 5.610   -7.504  1.00 13.20 ? 123 PRO A CA  1 
ATOM   156  C  C   . PRO A 1 22  ? -15.573 7.110   -7.410  1.00 12.85 ? 123 PRO A C   1 
ATOM   157  O  O   . PRO A 1 22  ? -16.008 7.894   -8.249  1.00 13.17 ? 123 PRO A O   1 
ATOM   158  C  CB  . PRO A 1 22  ? -17.358 5.361   -7.202  1.00 14.23 ? 123 PRO A CB  1 
ATOM   159  C  CG  . PRO A 1 22  ? -17.382 5.181   -5.689  1.00 11.19 ? 123 PRO A CG  1 
ATOM   160  C  CD  . PRO A 1 22  ? -16.139 4.340   -5.402  1.00 10.34 ? 123 PRO A CD  1 
ATOM   161  N  N   . GLN A 1 23  ? -14.891 7.517   -6.365  1.00 11.62 ? 124 GLN A N   1 
ATOM   162  C  CA  . GLN A 1 23  ? -14.485 8.875   -6.074  1.00 9.16  ? 124 GLN A CA  1 
ATOM   163  C  C   . GLN A 1 23  ? -13.381 9.303   -7.009  1.00 8.23  ? 124 GLN A C   1 
ATOM   164  O  O   . GLN A 1 23  ? -13.322 10.519  -7.239  1.00 12.79 ? 124 GLN A O   1 
ATOM   165  C  CB  . GLN A 1 23  ? -14.020 9.056   -4.650  1.00 12.11 ? 124 GLN A CB  1 
ATOM   166  C  CG  . GLN A 1 23  ? -15.044 8.488   -3.656  1.00 17.47 ? 124 GLN A CG  1 
ATOM   167  C  CD  . GLN A 1 23  ? -14.490 8.811   -2.280  1.00 16.65 ? 124 GLN A CD  1 
ATOM   168  O  OE1 . GLN A 1 23  ? -14.202 9.938   -1.928  1.00 17.07 ? 124 GLN A OE1 1 
ATOM   169  N  NE2 . GLN A 1 23  ? -14.299 7.808   -1.472  1.00 13.83 ? 124 GLN A NE2 1 
ATOM   170  N  N   . LEU A 1 24  ? -12.576 8.436   -7.568  1.00 5.84  ? 125 LEU A N   1 
ATOM   171  C  CA  . LEU A 1 24  ? -11.526 8.810   -8.495  1.00 5.83  ? 125 LEU A CA  1 
ATOM   172  C  C   . LEU A 1 24  ? -11.754 8.078   -9.797  1.00 7.65  ? 125 LEU A C   1 
ATOM   173  O  O   . LEU A 1 24  ? -12.442 7.050   -9.724  1.00 8.86  ? 125 LEU A O   1 
ATOM   174  C  CB  . LEU A 1 24  ? -10.232 8.318   -7.777  1.00 5.74  ? 125 LEU A CB  1 
ATOM   175  C  CG  . LEU A 1 24  ? -9.712  9.113   -6.596  1.00 8.73  ? 125 LEU A CG  1 
ATOM   176  C  CD1 . LEU A 1 24  ? -8.457  8.470   -5.957  1.00 9.61  ? 125 LEU A CD1 1 
ATOM   177  C  CD2 . LEU A 1 24  ? -9.201  10.487  -7.080  1.00 10.49 ? 125 LEU A CD2 1 
ATOM   178  N  N   . SER A 1 25  ? -11.235 8.459   -10.952 1.00 4.98  ? 126 SER A N   1 
ATOM   179  C  CA  . SER A 1 25  ? -11.442 7.641   -12.139 1.00 5.76  ? 126 SER A CA  1 
ATOM   180  C  C   . SER A 1 25  ? -10.673 6.348   -12.042 1.00 5.65  ? 126 SER A C   1 
ATOM   181  O  O   . SER A 1 25  ? -9.829  6.223   -11.136 1.00 6.82  ? 126 SER A O   1 
ATOM   182  C  CB  . SER A 1 25  ? -11.054 8.374   -13.429 1.00 3.87  ? 126 SER A CB  1 
ATOM   183  O  OG  . SER A 1 25  ? -9.660  8.392   -13.480 1.00 7.01  ? 126 SER A OG  1 
ATOM   184  N  N   . GLU A 1 26  ? -10.876 5.376   -12.939 1.00 8.65  ? 127 GLU A N   1 
ATOM   185  C  CA  . GLU A 1 26  ? -10.048 4.138   -12.816 1.00 9.08  ? 127 GLU A CA  1 
ATOM   186  C  C   . GLU A 1 26  ? -8.563  4.344   -13.118 1.00 6.64  ? 127 GLU A C   1 
ATOM   187  O  O   . GLU A 1 26  ? -7.662  3.679   -12.545 1.00 6.60  ? 127 GLU A O   1 
ATOM   188  C  CB  . GLU A 1 26  ? -10.535 2.962   -13.662 1.00 8.37  ? 127 GLU A CB  1 
ATOM   189  C  CG  . GLU A 1 26  ? -11.884 2.469   -13.091 1.00 11.77 ? 127 GLU A CG  1 
ATOM   190  C  CD  . GLU A 1 26  ? -12.347 1.199   -13.776 1.00 12.13 ? 127 GLU A CD  1 
ATOM   191  O  OE1 . GLU A 1 26  ? -11.643 0.782   -14.674 1.00 15.57 ? 127 GLU A OE1 1 
ATOM   192  O  OE2 . GLU A 1 26  ? -13.402 0.742   -13.274 1.00 17.37 ? 127 GLU A OE2 1 
ATOM   193  N  N   . ALA A 1 27  ? -8.267  5.265   -13.999 1.00 5.45  ? 128 ALA A N   1 
ATOM   194  C  CA  . ALA A 1 27  ? -6.906  5.569   -14.394 1.00 7.30  ? 128 ALA A CA  1 
ATOM   195  C  C   . ALA A 1 27  ? -6.170  6.239   -13.273 1.00 5.44  ? 128 ALA A C   1 
ATOM   196  O  O   . ALA A 1 27  ? -4.967  6.007   -13.132 1.00 10.61 ? 128 ALA A O   1 
ATOM   197  C  CB  . ALA A 1 27  ? -6.796  6.444   -15.640 1.00 7.33  ? 128 ALA A CB  1 
ATOM   198  N  N   . GLU A 1 28  ? -6.838  7.076   -12.542 1.00 7.15  ? 129 GLU A N   1 
ATOM   199  C  CA  . GLU A 1 28  ? -6.261  7.800   -11.403 1.00 3.87  ? 129 GLU A CA  1 
ATOM   200  C  C   . GLU A 1 28  ? -5.885  6.817   -10.295 1.00 6.52  ? 129 GLU A C   1 
ATOM   201  O  O   . GLU A 1 28  ? -4.829  6.953   -9.613  1.00 7.27  ? 129 GLU A O   1 
ATOM   202  C  CB  . GLU A 1 28  ? -7.206  8.877   -10.843 1.00 10.37 ? 129 GLU A CB  1 
ATOM   203  C  CG  . GLU A 1 28  ? -7.378  10.204  -11.532 1.00 9.90  ? 129 GLU A CG  1 
ATOM   204  C  CD  . GLU A 1 28  ? -8.425  11.148  -11.061 1.00 13.75 ? 129 GLU A CD  1 
ATOM   205  O  OE1 . GLU A 1 28  ? -9.626  10.802  -10.918 1.00 15.07 ? 129 GLU A OE1 1 
ATOM   206  O  OE2 . GLU A 1 28  ? -8.052  12.292  -10.808 1.00 24.10 ? 129 GLU A OE2 1 
ATOM   207  N  N   . VAL A 1 29  ? -6.734  5.847   -10.067 1.00 4.77  ? 130 VAL A N   1 
ATOM   208  C  CA  . VAL A 1 29  ? -6.565  4.778   -9.097  1.00 4.86  ? 130 VAL A CA  1 
ATOM   209  C  C   . VAL A 1 29  ? -5.337  3.959   -9.559  1.00 5.74  ? 130 VAL A C   1 
ATOM   210  O  O   . VAL A 1 29  ? -4.442  3.729   -8.743  1.00 4.87  ? 130 VAL A O   1 
ATOM   211  C  CB  . VAL A 1 29  ? -7.771  3.882   -8.847  1.00 6.78  ? 130 VAL A CB  1 
ATOM   212  C  CG1 . VAL A 1 29  ? -7.401  2.598   -8.042  1.00 4.80  ? 130 VAL A CG1 1 
ATOM   213  C  CG2 . VAL A 1 29  ? -8.867  4.585   -8.028  1.00 5.15  ? 130 VAL A CG2 1 
ATOM   214  N  N   . GLU A 1 30  ? -5.342  3.490   -10.798 1.00 5.77  ? 131 GLU A N   1 
ATOM   215  C  CA  . GLU A 1 30  ? -4.203  2.697   -11.266 1.00 8.11  ? 131 GLU A CA  1 
ATOM   216  C  C   . GLU A 1 30  ? -2.857  3.395   -11.173 1.00 8.20  ? 131 GLU A C   1 
ATOM   217  O  O   . GLU A 1 30  ? -1.862  2.752   -10.913 1.00 4.12  ? 131 GLU A O   1 
ATOM   218  C  CB  . GLU A 1 30  ? -4.524  2.255   -12.703 1.00 7.55  ? 131 GLU A CB  1 
ATOM   219  C  CG  . GLU A 1 30  ? -5.681  1.240   -12.730 1.00 13.16 ? 131 GLU A CG  1 
ATOM   220  C  CD  . GLU A 1 30  ? -6.314  0.899   -14.059 1.00 14.12 ? 131 GLU A CD  1 
ATOM   221  O  OE1 . GLU A 1 30  ? -5.932  1.530   -15.058 1.00 11.53 ? 131 GLU A OE1 1 
ATOM   222  O  OE2 . GLU A 1 30  ? -7.135  0.003   -14.161 1.00 17.63 ? 131 GLU A OE2 1 
ATOM   223  N  N   . ARG A 1 31  ? -2.801  4.701   -11.409 1.00 7.89  ? 132 ARG A N   1 
ATOM   224  C  CA  . ARG A 1 31  ? -1.545  5.425   -11.346 1.00 10.38 ? 132 ARG A CA  1 
ATOM   225  C  C   . ARG A 1 31  ? -1.076  5.585   -9.909  1.00 8.09  ? 132 ARG A C   1 
ATOM   226  O  O   . ARG A 1 31  ? 0.129   5.451   -9.737  1.00 9.18  ? 132 ARG A O   1 
ATOM   227  C  CB  . ARG A 1 31  ? -1.735  6.772   -12.040 1.00 14.12 ? 132 ARG A CB  1 
ATOM   228  C  CG  . ARG A 1 31  ? -0.481  7.671   -11.894 1.00 19.03 ? 132 ARG A CG  1 
ATOM   229  C  CD  . ARG A 1 31  ? -1.084  9.032   -11.958 1.00 28.91 ? 132 ARG A CD  1 
ATOM   230  N  NE  . ARG A 1 31  ? -0.924  9.560   -13.308 1.00 35.70 ? 132 ARG A NE  1 
ATOM   231  C  CZ  . ARG A 1 31  ? -1.894  10.285  -13.885 1.00 41.88 ? 132 ARG A CZ  1 
ATOM   232  N  NH1 . ARG A 1 31  ? -3.068  10.462  -13.267 1.00 39.66 ? 132 ARG A NH1 1 
ATOM   233  N  NH2 . ARG A 1 31  ? -1.645  10.786  -15.096 1.00 41.41 ? 132 ARG A NH2 1 
ATOM   234  N  N   . ALA A 1 32  ? -1.978  5.900   -8.999  1.00 8.92  ? 133 ALA A N   1 
ATOM   235  C  CA  . ALA A 1 32  ? -1.607  6.060   -7.568  1.00 6.78  ? 133 ALA A CA  1 
ATOM   236  C  C   . ALA A 1 32  ? -1.040  4.757   -7.065  1.00 5.44  ? 133 ALA A C   1 
ATOM   237  O  O   . ALA A 1 32  ? -0.011  4.751   -6.386  1.00 7.25  ? 133 ALA A O   1 
ATOM   238  C  CB  . ALA A 1 32  ? -2.816  6.462   -6.694  1.00 4.97  ? 133 ALA A CB  1 
ATOM   239  N  N   . ILE A 1 33  ? -1.699  3.623   -7.363  1.00 6.52  ? 134 ILE A N   1 
ATOM   240  C  CA  . ILE A 1 33  ? -1.201  2.320   -6.962  1.00 9.21  ? 134 ILE A CA  1 
ATOM   241  C  C   . ILE A 1 33  ? 0.175   1.967   -7.561  1.00 9.13  ? 134 ILE A C   1 
ATOM   242  O  O   . ILE A 1 33  ? 1.049   1.440   -6.923  1.00 7.97  ? 134 ILE A O   1 
ATOM   243  C  CB  . ILE A 1 33  ? -2.192  1.185   -7.408  1.00 2.33  ? 134 ILE A CB  1 
ATOM   244  C  CG1 . ILE A 1 33  ? -3.546  1.407   -6.718  1.00 6.50  ? 134 ILE A CG1 1 
ATOM   245  C  CG2 . ILE A 1 33  ? -1.592  -0.192  -7.186  1.00 0.50  ? 134 ILE A CG2 1 
ATOM   246  C  CD1 . ILE A 1 33  ? -3.499  1.329   -5.183  1.00 10.70 ? 134 ILE A CD1 1 
ATOM   247  N  N   . LYS A 1 34  ? 0.492   2.231   -8.807  1.00 9.70  ? 135 LYS A N   1 
ATOM   248  C  CA  . LYS A 1 34  ? 1.688   2.004   -9.578  1.00 6.99  ? 135 LYS A CA  1 
ATOM   249  C  C   . LYS A 1 34  ? 2.809   2.868   -9.033  1.00 7.28  ? 135 LYS A C   1 
ATOM   250  O  O   . LYS A 1 34  ? 3.911   2.309   -8.886  1.00 11.27 ? 135 LYS A O   1 
ATOM   251  C  CB  . LYS A 1 34  ? 1.485   2.172   -11.082 1.00 5.93  ? 135 LYS A CB  1 
ATOM   252  C  CG  . LYS A 1 34  ? 2.678   1.901   -12.002 1.00 12.30 ? 135 LYS A CG  1 
ATOM   253  C  CD  . LYS A 1 34  ? 2.332   1.842   -13.472 1.00 21.33 ? 135 LYS A CD  1 
ATOM   254  C  CE  . LYS A 1 34  ? 3.531   1.928   -14.399 1.00 31.72 ? 135 LYS A CE  1 
ATOM   255  N  NZ  . LYS A 1 34  ? 4.328   3.204   -14.228 1.00 37.25 ? 135 LYS A NZ  1 
ATOM   256  N  N   . ASP A 1 35  ? 2.549   4.145   -8.799  1.00 8.12  ? 136 ASP A N   1 
ATOM   257  C  CA  . ASP A 1 35  ? 3.511   5.092   -8.244  1.00 7.41  ? 136 ASP A CA  1 
ATOM   258  C  C   . ASP A 1 35  ? 3.941   4.625   -6.853  1.00 5.89  ? 136 ASP A C   1 
ATOM   259  O  O   . ASP A 1 35  ? 5.102   4.725   -6.542  1.00 3.28  ? 136 ASP A O   1 
ATOM   260  C  CB  . ASP A 1 35  ? 3.019   6.538   -8.198  1.00 6.48  ? 136 ASP A CB  1 
ATOM   261  C  CG  . ASP A 1 35  ? 2.861   7.093   -9.587  1.00 10.81 ? 136 ASP A CG  1 
ATOM   262  O  OD1 . ASP A 1 35  ? 3.425   6.540   -10.527 1.00 9.48  ? 136 ASP A OD1 1 
ATOM   263  O  OD2 . ASP A 1 35  ? 2.118   8.046   -9.796  1.00 12.98 ? 136 ASP A OD2 1 
ATOM   264  N  N   . ALA A 1 36  ? 2.977   4.057   -6.123  1.00 8.55  ? 137 ALA A N   1 
ATOM   265  C  CA  . ALA A 1 36  ? 3.198   3.532   -4.778  1.00 7.70  ? 137 ALA A CA  1 
ATOM   266  C  C   . ALA A 1 36  ? 4.159   2.351   -4.753  1.00 5.20  ? 137 ALA A C   1 
ATOM   267  O  O   . ALA A 1 36  ? 5.002   2.200   -3.869  1.00 5.70  ? 137 ALA A O   1 
ATOM   268  C  CB  . ALA A 1 36  ? 1.835   3.312   -4.065  1.00 1.35  ? 137 ALA A CB  1 
ATOM   269  N  N   . PHE A 1 37  ? 4.084   1.453   -5.694  1.00 3.35  ? 138 PHE A N   1 
ATOM   270  C  CA  . PHE A 1 37  ? 4.951   0.275   -5.815  1.00 4.18  ? 138 PHE A CA  1 
ATOM   271  C  C   . PHE A 1 37  ? 6.317   0.670   -6.324  1.00 2.85  ? 138 PHE A C   1 
ATOM   272  O  O   . PHE A 1 37  ? 7.318   0.274   -5.766  1.00 4.23  ? 138 PHE A O   1 
ATOM   273  C  CB  . PHE A 1 37  ? 4.420   -0.837  -6.699  1.00 3.33  ? 138 PHE A CB  1 
ATOM   274  C  CG  . PHE A 1 37  ? 3.400   -1.724  -6.107  1.00 0.73  ? 138 PHE A CG  1 
ATOM   275  C  CD1 . PHE A 1 37  ? 3.672   -2.524  -5.035  1.00 4.77  ? 138 PHE A CD1 1 
ATOM   276  C  CD2 . PHE A 1 37  ? 2.105   -1.752  -6.688  1.00 2.72  ? 138 PHE A CD2 1 
ATOM   277  C  CE1 . PHE A 1 37  ? 2.726   -3.407  -4.474  1.00 0.50  ? 138 PHE A CE1 1 
ATOM   278  C  CE2 . PHE A 1 37  ? 1.165   -2.626  -6.204  1.00 0.55  ? 138 PHE A CE2 1 
ATOM   279  C  CZ  . PHE A 1 37  ? 1.485   -3.407  -5.094  1.00 0.50  ? 138 PHE A CZ  1 
ATOM   280  N  N   . GLU A 1 38  ? 6.399   1.519   -7.313  1.00 5.95  ? 139 GLU A N   1 
ATOM   281  C  CA  . GLU A 1 38  ? 7.676   1.993   -7.845  1.00 5.73  ? 139 GLU A CA  1 
ATOM   282  C  C   . GLU A 1 38  ? 8.580   2.621   -6.829  1.00 7.99  ? 139 GLU A C   1 
ATOM   283  O  O   . GLU A 1 38  ? 9.814   2.496   -6.946  1.00 10.39 ? 139 GLU A O   1 
ATOM   284  C  CB  . GLU A 1 38  ? 7.412   2.766   -9.142  1.00 14.30 ? 139 GLU A CB  1 
ATOM   285  C  CG  . GLU A 1 38  ? 7.285   1.724   -10.301 1.00 30.32 ? 139 GLU A CG  1 
ATOM   286  C  CD  . GLU A 1 38  ? 6.668   0.362   -10.219 1.00 35.64 ? 139 GLU A CD  1 
ATOM   287  O  OE1 . GLU A 1 38  ? 5.510   0.072   -9.868  1.00 36.54 ? 139 GLU A OE1 1 
ATOM   288  O  OE2 . GLU A 1 38  ? 7.363   -0.657  -10.571 1.00 43.01 ? 139 GLU A OE2 1 
ATOM   289  N  N   . LEU A 1 39  ? 8.047   3.222   -5.775  1.00 9.89  ? 140 LEU A N   1 
ATOM   290  C  CA  . LEU A 1 39  ? 8.727   3.828   -4.635  1.00 6.52  ? 140 LEU A CA  1 
ATOM   291  C  C   . LEU A 1 39  ? 9.593   2.795   -3.915  1.00 8.59  ? 140 LEU A C   1 
ATOM   292  O  O   . LEU A 1 39  ? 10.762  3.029   -3.554  1.00 11.95 ? 140 LEU A O   1 
ATOM   293  C  CB  . LEU A 1 39  ? 7.642   4.249   -3.657  1.00 11.33 ? 140 LEU A CB  1 
ATOM   294  C  CG  . LEU A 1 39  ? 7.578   5.556   -2.976  1.00 13.15 ? 140 LEU A CG  1 
ATOM   295  C  CD1 . LEU A 1 39  ? 7.939   6.768   -3.833  1.00 6.11  ? 140 LEU A CD1 1 
ATOM   296  C  CD2 . LEU A 1 39  ? 6.168   5.821   -2.433  1.00 9.54  ? 140 LEU A CD2 1 
ATOM   297  N  N   . TRP A 1 40  ? 9.007   1.645   -3.644  1.00 6.82  ? 141 TRP A N   1 
ATOM   298  C  CA  . TRP A 1 40  ? 9.648   0.472   -3.042  1.00 8.90  ? 141 TRP A CA  1 
ATOM   299  C  C   . TRP A 1 40  ? 10.558  -0.186  -4.089  1.00 7.19  ? 141 TRP A C   1 
ATOM   300  O  O   . TRP A 1 40  ? 11.634  -0.674  -3.684  1.00 7.01  ? 141 TRP A O   1 
ATOM   301  C  CB  . TRP A 1 40  ? 8.594   -0.515  -2.535  1.00 7.31  ? 141 TRP A CB  1 
ATOM   302  C  CG  . TRP A 1 40  ? 7.811   0.070   -1.399  1.00 7.06  ? 141 TRP A CG  1 
ATOM   303  C  CD1 . TRP A 1 40  ? 6.516   0.468   -1.422  1.00 8.03  ? 141 TRP A CD1 1 
ATOM   304  C  CD2 . TRP A 1 40  ? 8.290   0.407   -0.077  1.00 2.78  ? 141 TRP A CD2 1 
ATOM   305  N  NE1 . TRP A 1 40  ? 6.136   1.022   -0.218  1.00 8.48  ? 141 TRP A NE1 1 
ATOM   306  C  CE2 . TRP A 1 40  ? 7.233   0.972   0.633   1.00 6.63  ? 141 TRP A CE2 1 
ATOM   307  C  CE3 . TRP A 1 40  ? 9.519   0.208   0.560   1.00 5.62  ? 141 TRP A CE3 1 
ATOM   308  C  CZ2 . TRP A 1 40  ? 7.288   1.358   1.970   1.00 6.51  ? 141 TRP A CZ2 1 
ATOM   309  C  CZ3 . TRP A 1 40  ? 9.611   0.595   1.878   1.00 7.65  ? 141 TRP A CZ3 1 
ATOM   310  C  CH2 . TRP A 1 40  ? 8.539   1.165   2.571   1.00 3.57  ? 141 TRP A CH2 1 
ATOM   311  N  N   . SER A 1 41  ? 10.110  -0.285  -5.349  1.00 5.42  ? 142 SER A N   1 
ATOM   312  C  CA  . SER A 1 41  ? 10.981  -0.881  -6.376  1.00 6.70  ? 142 SER A CA  1 
ATOM   313  C  C   . SER A 1 41  ? 12.337  -0.241  -6.590  1.00 7.11  ? 142 SER A C   1 
ATOM   314  O  O   . SER A 1 41  ? 13.345  -0.857  -6.899  1.00 8.71  ? 142 SER A O   1 
ATOM   315  C  CB  . SER A 1 41  ? 10.271  -0.486  -7.679  1.00 7.06  ? 142 SER A CB  1 
ATOM   316  O  OG  . SER A 1 41  ? 9.777   -1.629  -8.226  1.00 11.44 ? 142 SER A OG  1 
ATOM   317  N  N   . VAL A 1 42  ? 12.492  1.060   -6.501  1.00 9.05  ? 143 VAL A N   1 
ATOM   318  C  CA  . VAL A 1 42  ? 13.750  1.782   -6.733  1.00 8.43  ? 143 VAL A CA  1 
ATOM   319  C  C   . VAL A 1 42  ? 14.719  1.616   -5.580  1.00 6.38  ? 143 VAL A C   1 
ATOM   320  O  O   . VAL A 1 42  ? 15.886  1.981   -5.809  1.00 3.97  ? 143 VAL A O   1 
ATOM   321  C  CB  . VAL A 1 42  ? 13.491  3.220   -7.219  1.00 10.98 ? 143 VAL A CB  1 
ATOM   322  C  CG1 . VAL A 1 42  ? 12.551  3.265   -8.416  1.00 11.22 ? 143 VAL A CG1 1 
ATOM   323  C  CG2 . VAL A 1 42  ? 12.977  4.077   -6.099  1.00 8.44  ? 143 VAL A CG2 1 
ATOM   324  N  N   . ALA A 1 43  ? 14.312  1.032   -4.467  1.00 4.83  ? 144 ALA A N   1 
ATOM   325  C  CA  . ALA A 1 43  ? 15.246  0.844   -3.347  1.00 3.61  ? 144 ALA A CA  1 
ATOM   326  C  C   . ALA A 1 43  ? 15.482  -0.640  -3.101  1.00 3.99  ? 144 ALA A C   1 
ATOM   327  O  O   . ALA A 1 43  ? 16.095  -0.827  -2.074  1.00 7.28  ? 144 ALA A O   1 
ATOM   328  C  CB  . ALA A 1 43  ? 14.653  1.397   -2.058  1.00 11.05 ? 144 ALA A CB  1 
ATOM   329  N  N   . SER A 1 44  ? 15.076  -1.564  -3.907  1.00 5.77  ? 145 SER A N   1 
ATOM   330  C  CA  . SER A 1 44  ? 15.234  -2.975  -3.584  1.00 7.02  ? 145 SER A CA  1 
ATOM   331  C  C   . SER A 1 44  ? 15.259  -3.708  -4.929  1.00 8.34  ? 145 SER A C   1 
ATOM   332  O  O   . SER A 1 44  ? 15.145  -2.983  -5.906  1.00 10.02 ? 145 SER A O   1 
ATOM   333  C  CB  . SER A 1 44  ? 13.915  -3.332  -2.862  1.00 5.61  ? 145 SER A CB  1 
ATOM   334  O  OG  . SER A 1 44  ? 12.815  -3.183  -3.725  1.00 5.79  ? 145 SER A OG  1 
ATOM   335  N  N   . PRO A 1 45  ? 15.413  -5.017  -4.884  1.00 6.64  ? 146 PRO A N   1 
ATOM   336  C  CA  . PRO A 1 45  ? 15.422  -5.807  -6.113  1.00 8.27  ? 146 PRO A CA  1 
ATOM   337  C  C   . PRO A 1 45  ? 14.008  -6.177  -6.592  1.00 8.37  ? 146 PRO A C   1 
ATOM   338  O  O   . PRO A 1 45  ? 13.941  -6.871  -7.581  1.00 8.90  ? 146 PRO A O   1 
ATOM   339  C  CB  . PRO A 1 45  ? 16.105  -7.080  -5.704  1.00 9.00  ? 146 PRO A CB  1 
ATOM   340  C  CG  . PRO A 1 45  ? 16.680  -6.736  -4.325  1.00 7.13  ? 146 PRO A CG  1 
ATOM   341  C  CD  . PRO A 1 45  ? 15.601  -5.856  -3.717  1.00 5.25  ? 146 PRO A CD  1 
ATOM   342  N  N   . LEU A 1 46  ? 12.937  -5.695  -5.979  1.00 7.98  ? 147 LEU A N   1 
ATOM   343  C  CA  . LEU A 1 46  ? 11.577  -6.025  -6.332  1.00 5.94  ? 147 LEU A CA  1 
ATOM   344  C  C   . LEU A 1 46  ? 11.014  -5.230  -7.497  1.00 6.42  ? 147 LEU A C   1 
ATOM   345  O  O   . LEU A 1 46  ? 11.283  -4.040  -7.680  1.00 4.68  ? 147 LEU A O   1 
ATOM   346  C  CB  . LEU A 1 46  ? 10.708  -6.009  -5.052  1.00 7.03  ? 147 LEU A CB  1 
ATOM   347  C  CG  . LEU A 1 46  ? 11.211  -6.594  -3.767  1.00 11.57 ? 147 LEU A CG  1 
ATOM   348  C  CD1 . LEU A 1 46  ? 10.292  -6.300  -2.599  1.00 4.43  ? 147 LEU A CD1 1 
ATOM   349  C  CD2 . LEU A 1 46  ? 11.563  -8.072  -3.897  1.00 15.97 ? 147 LEU A CD2 1 
ATOM   350  N  N   . ILE A 1 47  ? 10.262  -5.978  -8.281  1.00 4.45  ? 148 ILE A N   1 
ATOM   351  C  CA  . ILE A 1 47  ? 9.588   -5.499  -9.472  1.00 9.07  ? 148 ILE A CA  1 
ATOM   352  C  C   . ILE A 1 47  ? 8.117   -5.917  -9.419  1.00 6.61  ? 148 ILE A C   1 
ATOM   353  O  O   . ILE A 1 47  ? 7.878   -7.048  -9.075  1.00 9.30  ? 148 ILE A O   1 
ATOM   354  C  CB  . ILE A 1 47  ? 10.235  -5.919  -10.839 1.00 14.53 ? 148 ILE A CB  1 
ATOM   355  C  CG1 . ILE A 1 47  ? 11.673  -5.359  -10.833 1.00 11.93 ? 148 ILE A CG1 1 
ATOM   356  C  CG2 . ILE A 1 47  ? 9.439   -5.349  -12.064 1.00 12.01 ? 148 ILE A CG2 1 
ATOM   357  C  CD1 . ILE A 1 47  ? 12.712  -6.359  -11.388 1.00 28.94 ? 148 ILE A CD1 1 
ATOM   358  N  N   . PHE A 1 48  ? 7.213   -5.051  -9.728  1.00 5.74  ? 149 PHE A N   1 
ATOM   359  C  CA  . PHE A 1 48  ? 5.766   -5.208  -9.685  1.00 7.93  ? 149 PHE A CA  1 
ATOM   360  C  C   . PHE A 1 48  ? 5.048   -5.151  -10.999 1.00 7.52  ? 149 PHE A C   1 
ATOM   361  O  O   . PHE A 1 48  ? 5.330   -4.207  -11.711 1.00 8.37  ? 149 PHE A O   1 
ATOM   362  C  CB  . PHE A 1 48  ? 5.171   -4.121  -8.718  1.00 9.95  ? 149 PHE A CB  1 
ATOM   363  C  CG  . PHE A 1 48  ? 5.829   -4.238  -7.367  1.00 5.64  ? 149 PHE A CG  1 
ATOM   364  C  CD1 . PHE A 1 48  ? 5.316   -5.212  -6.498  1.00 6.00  ? 149 PHE A CD1 1 
ATOM   365  C  CD2 . PHE A 1 48  ? 6.960   -3.492  -7.045  1.00 3.79  ? 149 PHE A CD2 1 
ATOM   366  C  CE1 . PHE A 1 48  ? 5.951   -5.392  -5.277  1.00 6.07  ? 149 PHE A CE1 1 
ATOM   367  C  CE2 . PHE A 1 48  ? 7.542   -3.694  -5.785  1.00 7.84  ? 149 PHE A CE2 1 
ATOM   368  C  CZ  . PHE A 1 48  ? 7.060   -4.623  -4.883  1.00 4.73  ? 149 PHE A CZ  1 
ATOM   369  N  N   . THR A 1 49  ? 4.216   -6.144  -11.216 1.00 7.85  ? 150 THR A N   1 
ATOM   370  C  CA  . THR A 1 49  ? 3.413   -6.242  -12.442 1.00 8.42  ? 150 THR A CA  1 
ATOM   371  C  C   . THR A 1 49  ? 1.912   -6.423  -12.160 1.00 7.03  ? 150 THR A C   1 
ATOM   372  O  O   . THR A 1 49  ? 1.616   -7.261  -11.301 1.00 7.33  ? 150 THR A O   1 
ATOM   373  C  CB  . THR A 1 49  ? 3.849   -7.449  -13.398 1.00 10.66 ? 150 THR A CB  1 
ATOM   374  O  OG1 . THR A 1 49  ? 5.242   -7.320  -13.773 1.00 12.86 ? 150 THR A OG1 1 
ATOM   375  C  CG2 . THR A 1 49  ? 3.167   -7.352  -14.767 1.00 6.57  ? 150 THR A CG2 1 
ATOM   376  N  N   . GLY A 1 50  ? 1.092   -5.680  -12.850 1.00 4.87  ? 151 GLY A N   1 
ATOM   377  C  CA  . GLY A 1 50  ? -0.392  -5.783  -12.671 1.00 6.79  ? 151 GLY A CA  1 
ATOM   378  C  C   . GLY A 1 50  ? -0.903  -6.897  -13.583 1.00 5.95  ? 151 GLY A C   1 
ATOM   379  O  O   . GLY A 1 50  ? -0.344  -7.077  -14.647 1.00 4.67  ? 151 GLY A O   1 
ATOM   380  N  N   . ILE A 1 51  ? -1.871  -7.683  -13.193 1.00 6.95  ? 152 ILE A N   1 
ATOM   381  C  CA  . ILE A 1 51  ? -2.531  -8.736  -13.920 1.00 3.96  ? 152 ILE A CA  1 
ATOM   382  C  C   . ILE A 1 51  ? -4.030  -8.422  -13.828 1.00 9.12  ? 152 ILE A C   1 
ATOM   383  O  O   . ILE A 1 51  ? -4.529  -7.818  -12.854 1.00 7.72  ? 152 ILE A O   1 
ATOM   384  C  CB  . ILE A 1 51  ? -2.216  -10.147 -13.361 1.00 10.60 ? 152 ILE A CB  1 
ATOM   385  C  CG1 . ILE A 1 51  ? -2.957  -10.246 -12.002 1.00 16.33 ? 152 ILE A CG1 1 
ATOM   386  C  CG2 . ILE A 1 51  ? -0.697  -10.402 -13.286 1.00 9.28  ? 152 ILE A CG2 1 
ATOM   387  C  CD1 . ILE A 1 51  ? -2.801  -11.640 -11.362 1.00 14.81 ? 152 ILE A CD1 1 
ATOM   388  N  N   . SER A 1 52  ? -4.746  -8.903  -14.828 1.00 9.94  ? 153 SER A N   1 
ATOM   389  C  CA  . SER A 1 52  ? -6.167  -8.720  -15.011 1.00 12.21 ? 153 SER A CA  1 
ATOM   390  C  C   . SER A 1 52  ? -7.026  -9.838  -14.489 1.00 10.60 ? 153 SER A C   1 
ATOM   391  O  O   . SER A 1 52  ? -8.133  -9.548  -14.105 1.00 12.51 ? 153 SER A O   1 
ATOM   392  C  CB  . SER A 1 52  ? -6.516  -8.771  -16.544 1.00 16.80 ? 153 SER A CB  1 
ATOM   393  O  OG  . SER A 1 52  ? -5.790  -7.759  -17.219 1.00 17.86 ? 153 SER A OG  1 
ATOM   394  N  N   . GLN A 1 53  ? -6.553  -11.021 -14.629 1.00 17.12 ? 154 GLN A N   1 
ATOM   395  C  CA  . GLN A 1 53  ? -7.332  -12.220 -14.235 1.00 19.91 ? 154 GLN A CA  1 
ATOM   396  C  C   . GLN A 1 53  ? -6.345  -13.128 -13.506 1.00 22.49 ? 154 GLN A C   1 
ATOM   397  O  O   . GLN A 1 53  ? -5.129  -12.993 -13.739 1.00 19.58 ? 154 GLN A O   1 
ATOM   398  C  CB  . GLN A 1 53  ? -7.940  -12.863 -15.482 1.00 19.53 ? 154 GLN A CB  1 
ATOM   399  C  CG  . GLN A 1 53  ? -8.789  -12.002 -16.417 1.00 23.44 ? 154 GLN A CG  1 
ATOM   400  C  CD  . GLN A 1 53  ? -10.179 -11.469 -16.182 1.00 25.79 ? 154 GLN A CD  1 
ATOM   401  O  OE1 . GLN A 1 53  ? -10.565 -10.716 -15.260 1.00 23.67 ? 154 GLN A OE1 1 
ATOM   402  N  NE2 . GLN A 1 53  ? -11.112 -11.796 -17.089 1.00 26.70 ? 154 GLN A NE2 1 
ATOM   403  N  N   . GLY A 1 54  ? -6.943  -13.983 -12.679 1.00 23.56 ? 155 GLY A N   1 
ATOM   404  C  CA  . GLY A 1 54  ? -6.167  -14.958 -11.916 1.00 21.06 ? 155 GLY A CA  1 
ATOM   405  C  C   . GLY A 1 54  ? -5.637  -14.507 -10.575 1.00 19.56 ? 155 GLY A C   1 
ATOM   406  O  O   . GLY A 1 54  ? -6.010  -13.448 -10.046 1.00 17.36 ? 155 GLY A O   1 
ATOM   407  N  N   . GLU A 1 55  ? -4.746  -15.354 -10.072 1.00 20.70 ? 156 GLU A N   1 
ATOM   408  C  CA  . GLU A 1 55  ? -4.107  -15.131 -8.767  1.00 22.85 ? 156 GLU A CA  1 
ATOM   409  C  C   . GLU A 1 55  ? -2.978  -14.126 -8.749  1.00 17.19 ? 156 GLU A C   1 
ATOM   410  O  O   . GLU A 1 55  ? -2.071  -14.279 -9.567  1.00 21.46 ? 156 GLU A O   1 
ATOM   411  C  CB  . GLU A 1 55  ? -3.312  -16.365 -8.292  1.00 39.31 ? 156 GLU A CB  1 
ATOM   412  C  CG  . GLU A 1 55  ? -2.193  -16.896 -9.209  1.00 50.68 ? 156 GLU A CG  1 
ATOM   413  C  CD  . GLU A 1 55  ? -1.154  -17.804 -8.611  1.00 53.26 ? 156 GLU A CD  1 
ATOM   414  O  OE1 . GLU A 1 55  ? -0.177  -17.225 -8.079  1.00 54.82 ? 156 GLU A OE1 1 
ATOM   415  O  OE2 . GLU A 1 55  ? -1.297  -19.022 -8.675  1.00 58.33 ? 156 GLU A OE2 1 
ATOM   416  N  N   . ALA A 1 56  ? -3.076  -13.160 -7.845  1.00 12.46 ? 157 ALA A N   1 
ATOM   417  C  CA  . ALA A 1 56  ? -2.026  -12.142 -7.737  1.00 7.06  ? 157 ALA A CA  1 
ATOM   418  C  C   . ALA A 1 56  ? -1.342  -12.345 -6.398  1.00 9.20  ? 157 ALA A C   1 
ATOM   419  O  O   . ALA A 1 56  ? -2.004  -12.900 -5.526  1.00 13.30 ? 157 ALA A O   1 
ATOM   420  C  CB  . ALA A 1 56  ? -2.574  -10.732 -7.780  1.00 6.98  ? 157 ALA A CB  1 
ATOM   421  N  N   . ASP A 1 57  ? -0.099  -11.949 -6.251  1.00 8.63  ? 158 ASP A N   1 
ATOM   422  C  CA  . ASP A 1 57  ? 0.571   -12.053 -4.950  1.00 9.02  ? 158 ASP A CA  1 
ATOM   423  C  C   . ASP A 1 57  ? -0.058  -11.047 -3.975  1.00 9.37  ? 158 ASP A C   1 
ATOM   424  O  O   . ASP A 1 57  ? -0.208  -11.412 -2.815  1.00 9.24  ? 158 ASP A O   1 
ATOM   425  C  CB  . ASP A 1 57  ? 2.071   -11.728 -5.046  1.00 4.83  ? 158 ASP A CB  1 
ATOM   426  C  CG  . ASP A 1 57  ? 2.728   -12.714 -5.981  1.00 8.15  ? 158 ASP A CG  1 
ATOM   427  O  OD1 . ASP A 1 57  ? 2.574   -13.891 -5.667  1.00 7.60  ? 158 ASP A OD1 1 
ATOM   428  O  OD2 . ASP A 1 57  ? 3.394   -12.408 -6.970  1.00 8.62  ? 158 ASP A OD2 1 
ATOM   429  N  N   . ILE A 1 58  ? -0.359  -9.844  -4.442  1.00 10.29 ? 159 ILE A N   1 
ATOM   430  C  CA  . ILE A 1 58  ? -0.934  -8.730  -3.732  1.00 7.13  ? 159 ILE A CA  1 
ATOM   431  C  C   . ILE A 1 58  ? -2.286  -8.365  -4.285  1.00 8.90  ? 159 ILE A C   1 
ATOM   432  O  O   . ILE A 1 58  ? -2.302  -7.898  -5.417  1.00 11.09 ? 159 ILE A O   1 
ATOM   433  C  CB  . ILE A 1 58  ? 0.043   -7.498  -3.714  1.00 7.57  ? 159 ILE A CB  1 
ATOM   434  C  CG1 . ILE A 1 58  ? 1.355   -7.906  -2.988  1.00 8.46  ? 159 ILE A CG1 1 
ATOM   435  C  CG2 . ILE A 1 58  ? -0.599  -6.299  -2.997  1.00 6.50  ? 159 ILE A CG2 1 
ATOM   436  C  CD1 . ILE A 1 58  ? 2.553   -7.007  -3.281  1.00 4.08  ? 159 ILE A CD1 1 
ATOM   437  N  N   . ASN A 1 59  ? -3.390  -8.582  -3.605  1.00 7.67  ? 160 ASN A N   1 
ATOM   438  C  CA  . ASN A 1 59  ? -4.717  -8.170  -4.080  1.00 8.20  ? 160 ASN A CA  1 
ATOM   439  C  C   . ASN A 1 59  ? -5.043  -6.831  -3.408  1.00 6.23  ? 160 ASN A C   1 
ATOM   440  O  O   . ASN A 1 59  ? -4.794  -6.672  -2.196  1.00 7.02  ? 160 ASN A O   1 
ATOM   441  C  CB  . ASN A 1 59  ? -5.830  -9.133  -3.664  1.00 3.67  ? 160 ASN A CB  1 
ATOM   442  C  CG  . ASN A 1 59  ? -5.569  -10.337 -4.549  1.00 11.11 ? 160 ASN A CG  1 
ATOM   443  O  OD1 . ASN A 1 59  ? -5.856  -10.337 -5.748  1.00 8.30  ? 160 ASN A OD1 1 
ATOM   444  N  ND2 . ASN A 1 59  ? -4.972  -11.347 -3.979  1.00 11.76 ? 160 ASN A ND2 1 
ATOM   445  N  N   . ILE A 1 60  ? -5.574  -5.859  -4.096  1.00 4.85  ? 161 ILE A N   1 
ATOM   446  C  CA  . ILE A 1 60  ? -5.936  -4.563  -3.576  1.00 3.40  ? 161 ILE A CA  1 
ATOM   447  C  C   . ILE A 1 60  ? -7.451  -4.397  -3.676  1.00 3.46  ? 161 ILE A C   1 
ATOM   448  O  O   . ILE A 1 60  ? -8.094  -4.699  -4.691  1.00 6.19  ? 161 ILE A O   1 
ATOM   449  C  CB  . ILE A 1 60  ? -5.118  -3.514  -4.423  1.00 3.42  ? 161 ILE A CB  1 
ATOM   450  C  CG1 . ILE A 1 60  ? -3.628  -3.647  -4.110  1.00 10.09 ? 161 ILE A CG1 1 
ATOM   451  C  CG2 . ILE A 1 60  ? -5.737  -2.135  -4.105  1.00 9.12  ? 161 ILE A CG2 1 
ATOM   452  C  CD1 . ILE A 1 60  ? -2.652  -3.814  -5.282  1.00 7.14  ? 161 ILE A CD1 1 
ATOM   453  N  N   . ALA A 1 61  ? -8.070  -3.866  -2.639  1.00 4.77  ? 162 ALA A N   1 
ATOM   454  C  CA  . ALA A 1 61  ? -9.523  -3.692  -2.652  1.00 2.90  ? 162 ALA A CA  1 
ATOM   455  C  C   . ALA A 1 61  ? -9.912  -2.674  -1.600  1.00 4.59  ? 162 ALA A C   1 
ATOM   456  O  O   . ALA A 1 61  ? -9.182  -2.403  -0.678  1.00 4.35  ? 162 ALA A O   1 
ATOM   457  C  CB  . ALA A 1 61  ? -10.204 -5.021  -2.335  1.00 3.74  ? 162 ALA A CB  1 
ATOM   458  N  N   . PHE A 1 62  ? -11.086 -2.124  -1.842  1.00 5.42  ? 163 PHE A N   1 
ATOM   459  C  CA  . PHE A 1 62  ? -11.863 -1.134  -1.152  1.00 3.67  ? 163 PHE A CA  1 
ATOM   460  C  C   . PHE A 1 62  ? -13.010 -1.827  -0.434  1.00 3.70  ? 163 PHE A C   1 
ATOM   461  O  O   . PHE A 1 62  ? -13.822 -2.373  -1.181  1.00 7.71  ? 163 PHE A O   1 
ATOM   462  C  CB  . PHE A 1 62  ? -12.377 -0.050  -2.108  1.00 2.40  ? 163 PHE A CB  1 
ATOM   463  C  CG  . PHE A 1 62  ? -11.221 0.762   -2.654  1.00 5.55  ? 163 PHE A CG  1 
ATOM   464  C  CD1 . PHE A 1 62  ? -10.762 1.895   -1.965  1.00 6.22  ? 163 PHE A CD1 1 
ATOM   465  C  CD2 . PHE A 1 62  ? -10.620 0.323   -3.842  1.00 0.50  ? 163 PHE A CD2 1 
ATOM   466  C  CE1 . PHE A 1 62  ? -9.687  2.666   -2.473  1.00 1.08  ? 163 PHE A CE1 1 
ATOM   467  C  CE2 . PHE A 1 62  ? -9.560  1.086   -4.337  1.00 3.42  ? 163 PHE A CE2 1 
ATOM   468  C  CZ  . PHE A 1 62  ? -9.066  2.226   -3.670  1.00 1.76  ? 163 PHE A CZ  1 
ATOM   469  N  N   . TYR A 1 63  ? -12.988 -1.856  0.880   1.00 3.56  ? 164 TYR A N   1 
ATOM   470  C  CA  . TYR A 1 63  ? -14.120 -2.522  1.545   1.00 5.42  ? 164 TYR A CA  1 
ATOM   471  C  C   . TYR A 1 63  ? -14.746 -1.635  2.588   1.00 5.40  ? 164 TYR A C   1 
ATOM   472  O  O   . TYR A 1 63  ? -14.151 -0.740  3.158   1.00 4.92  ? 164 TYR A O   1 
ATOM   473  C  CB  . TYR A 1 63  ? -13.641 -3.803  2.292   1.00 5.50  ? 164 TYR A CB  1 
ATOM   474  C  CG  . TYR A 1 63  ? -13.120 -4.893  1.377   1.00 5.08  ? 164 TYR A CG  1 
ATOM   475  C  CD1 . TYR A 1 63  ? -13.944 -5.324  0.332   1.00 3.63  ? 164 TYR A CD1 1 
ATOM   476  C  CD2 . TYR A 1 63  ? -11.879 -5.531  1.522   1.00 4.19  ? 164 TYR A CD2 1 
ATOM   477  C  CE1 . TYR A 1 63  ? -13.598 -6.317  -0.577  1.00 2.41  ? 164 TYR A CE1 1 
ATOM   478  C  CE2 . TYR A 1 63  ? -11.515 -6.527  0.624   1.00 2.11  ? 164 TYR A CE2 1 
ATOM   479  C  CZ  . TYR A 1 63  ? -12.362 -6.935  -0.373  1.00 5.24  ? 164 TYR A CZ  1 
ATOM   480  O  OH  . TYR A 1 63  ? -11.992 -7.922  -1.248  1.00 5.53  ? 164 TYR A OH  1 
ATOM   481  N  N   . GLN A 1 64  ? -15.964 -1.920  2.904   1.00 7.13  ? 165 GLN A N   1 
ATOM   482  C  CA  . GLN A 1 64  ? -16.801 -1.287  3.910   1.00 7.88  ? 165 GLN A CA  1 
ATOM   483  C  C   . GLN A 1 64  ? -17.007 -2.188  5.140   1.00 7.04  ? 165 GLN A C   1 
ATOM   484  O  O   . GLN A 1 64  ? -17.282 -3.396  5.057   1.00 8.51  ? 165 GLN A O   1 
ATOM   485  C  CB  . GLN A 1 64  ? -18.119 -0.981  3.139   1.00 13.07 ? 165 GLN A CB  1 
ATOM   486  C  CG  . GLN A 1 64  ? -19.066 -0.196  4.006   1.00 14.60 ? 165 GLN A CG  1 
ATOM   487  C  CD  . GLN A 1 64  ? -20.218 0.417   3.256   1.00 13.12 ? 165 GLN A CD  1 
ATOM   488  O  OE1 . GLN A 1 64  ? -20.978 1.060   3.965   1.00 15.87 ? 165 GLN A OE1 1 
ATOM   489  N  NE2 . GLN A 1 64  ? -20.424 0.322   1.966   1.00 9.16  ? 165 GLN A NE2 1 
ATOM   490  N  N   . ARG A 1 65  ? -16.834 -1.681  6.359   1.00 5.19  ? 166 ARG A N   1 
ATOM   491  C  CA  . ARG A 1 65  ? -17.047 -2.386  7.609   1.00 8.52  ? 166 ARG A CA  1 
ATOM   492  C  C   . ARG A 1 65  ? -16.497 -3.818  7.623   1.00 12.44 ? 166 ARG A C   1 
ATOM   493  O  O   . ARG A 1 65  ? -15.263 -3.969  7.396   1.00 15.11 ? 166 ARG A O   1 
ATOM   494  C  CB  . ARG A 1 65  ? -18.577 -2.361  7.851   1.00 8.29  ? 166 ARG A CB  1 
ATOM   495  C  CG  . ARG A 1 65  ? -19.239 -0.986  7.935   1.00 6.10  ? 166 ARG A CG  1 
ATOM   496  C  CD  . ARG A 1 65  ? -18.780 -0.173  9.101   1.00 13.31 ? 166 ARG A CD  1 
ATOM   497  N  NE  . ARG A 1 65  ? -19.146 1.253   8.945   1.00 13.44 ? 166 ARG A NE  1 
ATOM   498  C  CZ  . ARG A 1 65  ? -20.092 1.969   9.540   1.00 12.43 ? 166 ARG A CZ  1 
ATOM   499  N  NH1 . ARG A 1 65  ? -20.872 1.318   10.396  1.00 13.25 ? 166 ARG A NH1 1 
ATOM   500  N  NH2 . ARG A 1 65  ? -20.369 3.254   9.377   1.00 12.48 ? 166 ARG A NH2 1 
ATOM   501  N  N   . ASP A 1 66  ? -17.345 -4.818  7.867   1.00 7.38  ? 167 ASP A N   1 
ATOM   502  C  CA  . ASP A 1 66  ? -16.982 -6.240  7.967   1.00 7.20  ? 167 ASP A CA  1 
ATOM   503  C  C   . ASP A 1 66  ? -16.725 -6.765  6.574   1.00 2.55  ? 167 ASP A C   1 
ATOM   504  O  O   . ASP A 1 66  ? -17.650 -6.694  5.745   1.00 7.18  ? 167 ASP A O   1 
ATOM   505  C  CB  . ASP A 1 66  ? -18.088 -7.090  8.602   1.00 8.73  ? 167 ASP A CB  1 
ATOM   506  C  CG  . ASP A 1 66  ? -18.373 -6.738  10.034  1.00 13.35 ? 167 ASP A CG  1 
ATOM   507  O  OD1 . ASP A 1 66  ? -17.479 -6.874  10.867  1.00 23.32 ? 167 ASP A OD1 1 
ATOM   508  O  OD2 . ASP A 1 66  ? -19.488 -6.300  10.412  1.00 23.64 ? 167 ASP A OD2 1 
ATOM   509  N  N   . HIS A 1 67  ? -15.540 -7.205  6.360   1.00 6.07  ? 168 HIS A N   1 
ATOM   510  C  CA  . HIS A 1 67  ? -15.119 -7.653  5.017   1.00 5.88  ? 168 HIS A CA  1 
ATOM   511  C  C   . HIS A 1 67  ? -14.427 -8.993  4.983   1.00 6.22  ? 168 HIS A C   1 
ATOM   512  O  O   . HIS A 1 67  ? -13.793 -9.299  3.995   1.00 10.89 ? 168 HIS A O   1 
ATOM   513  C  CB  . HIS A 1 67  ? -14.311 -6.533  4.300   1.00 6.54  ? 168 HIS A CB  1 
ATOM   514  C  CG  . HIS A 1 67  ? -13.117 -5.998  5.056   1.00 4.37  ? 168 HIS A CG  1 
ATOM   515  N  ND1 . HIS A 1 67  ? -13.132 -5.102  6.051   1.00 1.53  ? 168 HIS A ND1 1 
ATOM   516  C  CD2 . HIS A 1 67  ? -11.804 -6.312  4.861   1.00 0.96  ? 168 HIS A CD2 1 
ATOM   517  C  CE1 . HIS A 1 67  ? -11.861 -4.881  6.451   1.00 0.50  ? 168 HIS A CE1 1 
ATOM   518  N  NE2 . HIS A 1 67  ? -11.003 -5.626  5.727   1.00 1.80  ? 168 HIS A NE2 1 
ATOM   519  N  N   . GLY A 1 68  ? -14.584 -9.852  5.942   1.00 8.74  ? 169 GLY A N   1 
ATOM   520  C  CA  . GLY A 1 68  ? -14.077 -11.199 5.938   1.00 8.15  ? 169 GLY A CA  1 
ATOM   521  C  C   . GLY A 1 68  ? -12.796 -11.509 6.619   1.00 10.59 ? 169 GLY A C   1 
ATOM   522  O  O   . GLY A 1 68  ? -12.473 -12.690 6.490   1.00 14.52 ? 169 GLY A O   1 
ATOM   523  N  N   . ASP A 1 69  ? -12.173 -10.567 7.235   1.00 10.05 ? 170 ASP A N   1 
ATOM   524  C  CA  . ASP A 1 69  ? -10.905 -10.828 7.957   1.00 12.76 ? 170 ASP A CA  1 
ATOM   525  C  C   . ASP A 1 69  ? -11.260 -10.422 9.401   1.00 13.44 ? 170 ASP A C   1 
ATOM   526  O  O   . ASP A 1 69  ? -12.414 -10.098 9.781   1.00 14.24 ? 170 ASP A O   1 
ATOM   527  C  CB  . ASP A 1 69  ? -9.722  -10.196 7.213   1.00 12.47 ? 170 ASP A CB  1 
ATOM   528  C  CG  . ASP A 1 69  ? -9.856  -8.684  7.088   1.00 10.20 ? 170 ASP A CG  1 
ATOM   529  O  OD1 . ASP A 1 69  ? -10.679 -8.137  7.841   1.00 10.73 ? 170 ASP A OD1 1 
ATOM   530  O  OD2 . ASP A 1 69  ? -9.187  -8.057  6.222   1.00 12.40 ? 170 ASP A OD2 1 
ATOM   531  N  N   . GLY A 1 70  ? -10.249 -10.352 10.212  1.00 14.80 ? 171 GLY A N   1 
ATOM   532  C  CA  . GLY A 1 70  ? -10.503 -10.023 11.610  1.00 20.40 ? 171 GLY A CA  1 
ATOM   533  C  C   . GLY A 1 70  ? -10.618 -8.556  11.894  1.00 23.68 ? 171 GLY A C   1 
ATOM   534  O  O   . GLY A 1 70  ? -10.974 -8.293  13.073  1.00 23.80 ? 171 GLY A O   1 
ATOM   535  N  N   . SER A 1 71  ? -10.261 -7.708  10.948  1.00 20.46 ? 172 SER A N   1 
ATOM   536  C  CA  . SER A 1 71  ? -10.282 -6.254  11.201  1.00 18.11 ? 172 SER A CA  1 
ATOM   537  C  C   . SER A 1 71  ? -11.308 -5.433  10.445  1.00 12.02 ? 172 SER A C   1 
ATOM   538  O  O   . SER A 1 71  ? -10.937 -4.898  9.394   1.00 10.81 ? 172 SER A O   1 
ATOM   539  C  CB  . SER A 1 71  ? -8.875  -5.744  10.813  1.00 22.58 ? 172 SER A CB  1 
ATOM   540  O  OG  . SER A 1 71  ? -7.949  -6.333  11.682  1.00 30.43 ? 172 SER A OG  1 
ATOM   541  N  N   . PRO A 1 72  ? -12.527 -5.358  10.941  1.00 9.46  ? 173 PRO A N   1 
ATOM   542  C  CA  . PRO A 1 72  ? -13.542 -4.561  10.235  1.00 7.12  ? 173 PRO A CA  1 
ATOM   543  C  C   . PRO A 1 72  ? -13.169 -3.111  10.181  1.00 8.89  ? 173 PRO A C   1 
ATOM   544  O  O   . PRO A 1 72  ? -12.523 -2.546  11.070  1.00 10.72 ? 173 PRO A O   1 
ATOM   545  C  CB  . PRO A 1 72  ? -14.811 -4.867  11.074  1.00 7.02  ? 173 PRO A CB  1 
ATOM   546  C  CG  . PRO A 1 72  ? -14.178 -4.980  12.448  1.00 10.27 ? 173 PRO A CG  1 
ATOM   547  C  CD  . PRO A 1 72  ? -13.032 -5.961  12.190  1.00 7.63  ? 173 PRO A CD  1 
ATOM   548  N  N   . PHE A 1 73  ? -13.585 -2.394  9.147   1.00 6.59  ? 174 PHE A N   1 
ATOM   549  C  CA  . PHE A 1 73  ? -13.355 -0.950  8.969   1.00 5.96  ? 174 PHE A CA  1 
ATOM   550  C  C   . PHE A 1 73  ? -14.385 -0.218  9.879   1.00 5.73  ? 174 PHE A C   1 
ATOM   551  O  O   . PHE A 1 73  ? -15.375 -0.772  10.394  1.00 5.30  ? 174 PHE A O   1 
ATOM   552  C  CB  . PHE A 1 73  ? -13.216 -0.528  7.523   1.00 3.88  ? 174 PHE A CB  1 
ATOM   553  C  CG  . PHE A 1 73  ? -11.930 -0.931  6.853   1.00 3.90  ? 174 PHE A CG  1 
ATOM   554  C  CD1 . PHE A 1 73  ? -10.720 -0.598  7.439   1.00 3.02  ? 174 PHE A CD1 1 
ATOM   555  C  CD2 . PHE A 1 73  ? -11.937 -1.584  5.625   1.00 5.36  ? 174 PHE A CD2 1 
ATOM   556  C  CE1 . PHE A 1 73  ? -9.494  -0.914  6.827   1.00 5.68  ? 174 PHE A CE1 1 
ATOM   557  C  CE2 . PHE A 1 73  ? -10.725 -1.922  5.035   1.00 2.26  ? 174 PHE A CE2 1 
ATOM   558  C  CZ  . PHE A 1 73  ? -9.502  -1.552  5.593   1.00 2.80  ? 174 PHE A CZ  1 
ATOM   559  N  N   . ASP A 1 74  ? -14.098 1.072   10.085  1.00 2.75  ? 175 ASP A N   1 
ATOM   560  C  CA  . ASP A 1 74  ? -14.872 1.894   10.992  1.00 5.34  ? 175 ASP A CA  1 
ATOM   561  C  C   . ASP A 1 74  ? -15.441 3.216   10.601  1.00 6.89  ? 175 ASP A C   1 
ATOM   562  O  O   . ASP A 1 74  ? -15.553 4.126   11.425  1.00 9.61  ? 175 ASP A O   1 
ATOM   563  C  CB  . ASP A 1 74  ? -13.761 2.077   12.068  1.00 6.55  ? 175 ASP A CB  1 
ATOM   564  C  CG  . ASP A 1 74  ? -12.553 2.827   11.548  1.00 6.41  ? 175 ASP A CG  1 
ATOM   565  O  OD1 . ASP A 1 74  ? -12.451 3.131   10.347  1.00 9.39  ? 175 ASP A OD1 1 
ATOM   566  O  OD2 . ASP A 1 74  ? -11.575 3.224   12.212  1.00 7.39  ? 175 ASP A OD2 1 
ATOM   567  N  N   . GLY A 1 75  ? -15.774 3.376   9.332   1.00 7.53  ? 176 GLY A N   1 
ATOM   568  C  CA  . GLY A 1 75  ? -16.367 4.555   8.698   1.00 2.87  ? 176 GLY A CA  1 
ATOM   569  C  C   . GLY A 1 75  ? -15.296 5.592   8.510   1.00 6.55  ? 176 GLY A C   1 
ATOM   570  O  O   . GLY A 1 75  ? -14.094 5.310   8.758   1.00 8.75  ? 176 GLY A O   1 
ATOM   571  N  N   . PRO A 1 76  ? -15.708 6.786   8.174   1.00 7.35  ? 177 PRO A N   1 
ATOM   572  C  CA  . PRO A 1 76  ? -14.777 7.904   7.958   1.00 7.61  ? 177 PRO A CA  1 
ATOM   573  C  C   . PRO A 1 76  ? -13.724 8.114   9.032   1.00 8.05  ? 177 PRO A C   1 
ATOM   574  O  O   . PRO A 1 76  ? -14.023 7.909   10.223  1.00 10.47 ? 177 PRO A O   1 
ATOM   575  C  CB  . PRO A 1 76  ? -15.741 9.083   7.677   1.00 9.14  ? 177 PRO A CB  1 
ATOM   576  C  CG  . PRO A 1 76  ? -17.129 8.622   7.899   1.00 7.67  ? 177 PRO A CG  1 
ATOM   577  C  CD  . PRO A 1 76  ? -17.126 7.116   7.865   1.00 9.16  ? 177 PRO A CD  1 
ATOM   578  N  N   . ASN A 1 77  ? -12.490 8.498   8.692   1.00 7.40  ? 178 ASN A N   1 
ATOM   579  C  CA  . ASN A 1 77  ? -11.381 8.693   9.627   1.00 6.39  ? 178 ASN A CA  1 
ATOM   580  C  C   . ASN A 1 77  ? -11.057 7.455   10.421  1.00 6.63  ? 178 ASN A C   1 
ATOM   581  O  O   . ASN A 1 77  ? -11.448 6.356   10.003  1.00 11.80 ? 178 ASN A O   1 
ATOM   582  C  CB  . ASN A 1 77  ? -11.715 9.878   10.529  1.00 12.86 ? 178 ASN A CB  1 
ATOM   583  C  CG  . ASN A 1 77  ? -12.129 10.979  9.589   1.00 14.86 ? 178 ASN A CG  1 
ATOM   584  O  OD1 . ASN A 1 77  ? -11.467 11.400  8.650   1.00 17.23 ? 178 ASN A OD1 1 
ATOM   585  N  ND2 . ASN A 1 77  ? -13.302 11.580  9.779   1.00 17.45 ? 178 ASN A ND2 1 
ATOM   586  N  N   . GLY A 1 78  ? -10.323 7.545   11.512  1.00 6.95  ? 179 GLY A N   1 
ATOM   587  C  CA  . GLY A 1 78  ? -9.940  6.380   12.320  1.00 6.64  ? 179 GLY A CA  1 
ATOM   588  C  C   . GLY A 1 78  ? -8.947  5.578   11.492  1.00 8.13  ? 179 GLY A C   1 
ATOM   589  O  O   . GLY A 1 78  ? -8.004  6.228   11.006  1.00 5.32  ? 179 GLY A O   1 
ATOM   590  N  N   . ILE A 1 79  ? -9.132  4.285   11.331  1.00 9.82  ? 180 ILE A N   1 
ATOM   591  C  CA  . ILE A 1 79  ? -8.254  3.461   10.477  1.00 10.24 ? 180 ILE A CA  1 
ATOM   592  C  C   . ILE A 1 79  ? -8.592  3.678   8.994   1.00 9.19  ? 180 ILE A C   1 
ATOM   593  O  O   . ILE A 1 79  ? -9.777  3.598   8.585   1.00 6.98  ? 180 ILE A O   1 
ATOM   594  C  CB  . ILE A 1 79  ? -8.505  1.932   10.708  1.00 10.08 ? 180 ILE A CB  1 
ATOM   595  C  CG1 . ILE A 1 79  ? -8.162  1.737   12.216  1.00 11.24 ? 180 ILE A CG1 1 
ATOM   596  C  CG2 . ILE A 1 79  ? -7.781  1.069   9.672   1.00 7.71  ? 180 ILE A CG2 1 
ATOM   597  C  CD1 . ILE A 1 79  ? -6.676  2.123   12.471  1.00 15.97 ? 180 ILE A CD1 1 
ATOM   598  N  N   . LEU A 1 80  ? -7.540  3.944   8.218   1.00 5.69  ? 181 LEU A N   1 
ATOM   599  C  CA  . LEU A 1 80  ? -7.804  4.225   6.784   1.00 3.49  ? 181 LEU A CA  1 
ATOM   600  C  C   . LEU A 1 80  ? -7.651  3.020   5.894   1.00 4.04  ? 181 LEU A C   1 
ATOM   601  O  O   . LEU A 1 80  ? -8.326  2.909   4.905   1.00 5.46  ? 181 LEU A O   1 
ATOM   602  C  CB  . LEU A 1 80  ? -6.857  5.377   6.336   1.00 6.96  ? 181 LEU A CB  1 
ATOM   603  C  CG  . LEU A 1 80  ? -6.656  6.637   7.174   1.00 2.43  ? 181 LEU A CG  1 
ATOM   604  C  CD1 . LEU A 1 80  ? -5.651  7.569   6.491   1.00 3.85  ? 181 LEU A CD1 1 
ATOM   605  C  CD2 . LEU A 1 80  ? -8.028  7.268   7.356   1.00 2.52  ? 181 LEU A CD2 1 
ATOM   606  N  N   . ALA A 1 81  ? -6.799  2.092   6.229   1.00 4.41  ? 182 ALA A N   1 
ATOM   607  C  CA  . ALA A 1 81  ? -6.497  0.897   5.477   1.00 3.30  ? 182 ALA A CA  1 
ATOM   608  C  C   . ALA A 1 81  ? -5.636  -0.033  6.324   1.00 3.32  ? 182 ALA A C   1 
ATOM   609  O  O   . ALA A 1 81  ? -5.146  0.425   7.342   1.00 7.12  ? 182 ALA A O   1 
ATOM   610  C  CB  . ALA A 1 81  ? -5.548  1.339   4.323   1.00 0.50  ? 182 ALA A CB  1 
ATOM   611  N  N   . HIS A 1 82  ? -5.494  -1.255  5.826   1.00 4.86  ? 183 HIS A N   1 
ATOM   612  C  CA  . HIS A 1 82  ? -4.634  -2.240  6.503   1.00 5.22  ? 183 HIS A CA  1 
ATOM   613  C  C   . HIS A 1 82  ? -4.018  -3.173  5.482   1.00 3.03  ? 183 HIS A C   1 
ATOM   614  O  O   . HIS A 1 82  ? -4.477  -3.275  4.361   1.00 1.80  ? 183 HIS A O   1 
ATOM   615  C  CB  . HIS A 1 82  ? -5.343  -2.936  7.672   1.00 10.35 ? 183 HIS A CB  1 
ATOM   616  C  CG  . HIS A 1 82  ? -6.605  -3.686  7.415   1.00 1.08  ? 183 HIS A CG  1 
ATOM   617  N  ND1 . HIS A 1 82  ? -7.664  -3.556  8.227   1.00 6.73  ? 183 HIS A ND1 1 
ATOM   618  C  CD2 . HIS A 1 82  ? -6.957  -4.583  6.470   1.00 5.65  ? 183 HIS A CD2 1 
ATOM   619  C  CE1 . HIS A 1 82  ? -8.607  -4.350  7.755   1.00 6.65  ? 183 HIS A CE1 1 
ATOM   620  N  NE2 . HIS A 1 82  ? -8.219  -5.035  6.686   1.00 5.16  ? 183 HIS A NE2 1 
ATOM   621  N  N   . ALA A 1 83  ? -2.943  -3.876  5.795   1.00 4.64  ? 184 ALA A N   1 
ATOM   622  C  CA  . ALA A 1 83  ? -2.283  -4.789  4.885   1.00 6.07  ? 184 ALA A CA  1 
ATOM   623  C  C   . ALA A 1 83  ? -1.756  -5.981  5.665   1.00 7.86  ? 184 ALA A C   1 
ATOM   624  O  O   . ALA A 1 83  ? -1.519  -5.888  6.859   1.00 8.98  ? 184 ALA A O   1 
ATOM   625  C  CB  . ALA A 1 83  ? -1.166  -4.042  4.177   1.00 7.95  ? 184 ALA A CB  1 
ATOM   626  N  N   . PHE A 1 84  ? -1.565  -7.094  5.045   1.00 7.23  ? 185 PHE A N   1 
ATOM   627  C  CA  . PHE A 1 84  ? -1.018  -8.291  5.704   1.00 10.66 ? 185 PHE A CA  1 
ATOM   628  C  C   . PHE A 1 84  ? 0.413   -8.506  5.241   1.00 8.26  ? 185 PHE A C   1 
ATOM   629  O  O   . PHE A 1 84  ? 0.644   -8.250  4.056   1.00 9.86  ? 185 PHE A O   1 
ATOM   630  C  CB  . PHE A 1 84  ? -1.834  -9.527  5.270   1.00 8.25  ? 185 PHE A CB  1 
ATOM   631  C  CG  . PHE A 1 84  ? -3.247  -9.240  5.635   1.00 9.86  ? 185 PHE A CG  1 
ATOM   632  C  CD1 . PHE A 1 84  ? -3.660  -9.422  6.934   1.00 14.21 ? 185 PHE A CD1 1 
ATOM   633  C  CD2 . PHE A 1 84  ? -4.129  -8.715  4.711   1.00 15.76 ? 185 PHE A CD2 1 
ATOM   634  C  CE1 . PHE A 1 84  ? -4.980  -9.106  7.327   1.00 20.74 ? 185 PHE A CE1 1 
ATOM   635  C  CE2 . PHE A 1 84  ? -5.426  -8.428  5.077   1.00 13.28 ? 185 PHE A CE2 1 
ATOM   636  C  CZ  . PHE A 1 84  ? -5.881  -8.593  6.374   1.00 13.06 ? 185 PHE A CZ  1 
ATOM   637  N  N   . GLN A 1 85  ? 1.191   -9.031  6.148   1.00 9.66  ? 186 GLN A N   1 
ATOM   638  C  CA  . GLN A 1 85  ? 2.606   -9.394  5.834   1.00 13.23 ? 186 GLN A CA  1 
ATOM   639  C  C   . GLN A 1 85  ? 2.658   -10.584 4.864   1.00 10.35 ? 186 GLN A C   1 
ATOM   640  O  O   . GLN A 1 85  ? 1.717   -11.396 4.777   1.00 12.38 ? 186 GLN A O   1 
ATOM   641  C  CB  . GLN A 1 85  ? 3.312   -9.831  7.135   1.00 14.65 ? 186 GLN A CB  1 
ATOM   642  C  CG  . GLN A 1 85  ? 3.333   -8.864  8.278   1.00 25.01 ? 186 GLN A CG  1 
ATOM   643  C  CD  . GLN A 1 85  ? 4.368   -7.766  8.316   1.00 27.91 ? 186 GLN A CD  1 
ATOM   644  O  OE1 . GLN A 1 85  ? 5.537   -7.990  8.654   1.00 31.59 ? 186 GLN A OE1 1 
ATOM   645  N  NE2 . GLN A 1 85  ? 3.916   -6.556  7.995   1.00 25.39 ? 186 GLN A NE2 1 
ATOM   646  N  N   . PRO A 1 86  ? 3.789   -10.721 4.180   1.00 13.84 ? 187 PRO A N   1 
ATOM   647  C  CA  . PRO A 1 86  ? 4.024   -11.803 3.196   1.00 14.45 ? 187 PRO A CA  1 
ATOM   648  C  C   . PRO A 1 86  ? 3.612   -13.153 3.743   1.00 18.64 ? 187 PRO A C   1 
ATOM   649  O  O   . PRO A 1 86  ? 3.893   -13.521 4.894   1.00 20.18 ? 187 PRO A O   1 
ATOM   650  C  CB  . PRO A 1 86  ? 5.469   -11.682 2.770   1.00 13.61 ? 187 PRO A CB  1 
ATOM   651  C  CG  . PRO A 1 86  ? 5.911   -10.318 3.177   1.00 10.38 ? 187 PRO A CG  1 
ATOM   652  C  CD  . PRO A 1 86  ? 4.961   -9.835  4.250   1.00 10.63 ? 187 PRO A CD  1 
ATOM   653  N  N   . GLY A 1 87  ? 2.922   -13.851 2.857   1.00 22.65 ? 188 GLY A N   1 
ATOM   654  C  CA  . GLY A 1 87  ? 2.404   -15.194 3.217   1.00 27.41 ? 188 GLY A CA  1 
ATOM   655  C  C   . GLY A 1 87  ? 1.559   -15.686 2.026   1.00 32.16 ? 188 GLY A C   1 
ATOM   656  O  O   . GLY A 1 87  ? 1.550   -15.048 0.960   1.00 28.51 ? 188 GLY A O   1 
ATOM   657  N  N   . GLN A 1 88  ? 0.897   -16.793 2.318   1.00 36.93 ? 189 GLN A N   1 
ATOM   658  C  CA  . GLN A 1 88  ? 0.003   -17.513 1.388   1.00 40.79 ? 189 GLN A CA  1 
ATOM   659  C  C   . GLN A 1 88  ? -1.425  -17.104 1.789   1.00 41.37 ? 189 GLN A C   1 
ATOM   660  O  O   . GLN A 1 88  ? -1.745  -16.852 2.980   1.00 44.21 ? 189 GLN A O   1 
ATOM   661  C  CB  . GLN A 1 88  ? 0.198   -19.021 1.496   1.00 48.13 ? 189 GLN A CB  1 
ATOM   662  C  CG  . GLN A 1 88  ? -0.099  -19.894 0.298   1.00 56.65 ? 189 GLN A CG  1 
ATOM   663  C  CD  . GLN A 1 88  ? 0.635   -21.220 0.309   1.00 62.48 ? 189 GLN A CD  1 
ATOM   664  O  OE1 . GLN A 1 88  ? 1.810   -21.280 0.690   1.00 64.88 ? 189 GLN A OE1 1 
ATOM   665  N  NE2 . GLN A 1 88  ? 0.032   -22.344 -0.100  1.00 65.18 ? 189 GLN A NE2 1 
ATOM   666  N  N   . GLY A 1 89  ? -2.239  -17.016 0.747   1.00 38.04 ? 190 GLY A N   1 
ATOM   667  C  CA  . GLY A 1 89  ? -3.652  -16.643 0.915   1.00 30.43 ? 190 GLY A CA  1 
ATOM   668  C  C   . GLY A 1 89  ? -3.696  -15.138 1.041   1.00 26.22 ? 190 GLY A C   1 
ATOM   669  O  O   . GLY A 1 89  ? -3.254  -14.473 0.091   1.00 25.02 ? 190 GLY A O   1 
ATOM   670  N  N   . ILE A 1 90  ? -4.219  -14.660 2.176   1.00 24.55 ? 191 ILE A N   1 
ATOM   671  C  CA  . ILE A 1 90  ? -4.323  -13.195 2.364   1.00 20.38 ? 191 ILE A CA  1 
ATOM   672  C  C   . ILE A 1 90  ? -3.020  -12.410 2.494   1.00 17.53 ? 191 ILE A C   1 
ATOM   673  O  O   . ILE A 1 90  ? -2.956  -11.172 2.329   1.00 14.06 ? 191 ILE A O   1 
ATOM   674  C  CB  . ILE A 1 90  ? -5.377  -12.960 3.477   1.00 21.00 ? 191 ILE A CB  1 
ATOM   675  C  CG1 . ILE A 1 90  ? -5.837  -11.486 3.480   1.00 24.47 ? 191 ILE A CG1 1 
ATOM   676  C  CG2 . ILE A 1 90  ? -4.920  -13.440 4.884   1.00 22.09 ? 191 ILE A CG2 1 
ATOM   677  C  CD1 . ILE A 1 90  ? -7.202  -11.218 4.180   1.00 21.06 ? 191 ILE A CD1 1 
ATOM   678  N  N   . GLY A 1 91  ? -1.952  -13.126 2.824   1.00 17.57 ? 192 GLY A N   1 
ATOM   679  C  CA  . GLY A 1 91  ? -0.601  -12.543 2.980   1.00 15.01 ? 192 GLY A CA  1 
ATOM   680  C  C   . GLY A 1 91  ? -0.293  -11.730 1.707   1.00 12.77 ? 192 GLY A C   1 
ATOM   681  O  O   . GLY A 1 91  ? -0.543  -12.083 0.550   1.00 14.42 ? 192 GLY A O   1 
ATOM   682  N  N   . GLY A 1 92  ? 0.155   -10.516 1.918   1.00 11.54 ? 193 GLY A N   1 
ATOM   683  C  CA  . GLY A 1 92  ? 0.522   -9.523  0.979   1.00 6.73  ? 193 GLY A CA  1 
ATOM   684  C  C   . GLY A 1 92  ? -0.685  -8.640  0.676   1.00 8.51  ? 193 GLY A C   1 
ATOM   685  O  O   . GLY A 1 92  ? -0.402  -7.531  0.166   1.00 10.42 ? 193 GLY A O   1 
ATOM   686  N  N   . ASP A 1 93  ? -1.911  -9.017  0.948   1.00 7.10  ? 194 ASP A N   1 
ATOM   687  C  CA  . ASP A 1 93  ? -3.022  -8.118  0.552   1.00 6.41  ? 194 ASP A CA  1 
ATOM   688  C  C   . ASP A 1 93  ? -3.161  -6.790  1.289   1.00 5.32  ? 194 ASP A C   1 
ATOM   689  O  O   . ASP A 1 93  ? -2.903  -6.642  2.486   1.00 4.35  ? 194 ASP A O   1 
ATOM   690  C  CB  . ASP A 1 93  ? -4.311  -8.929  0.585   1.00 4.64  ? 194 ASP A CB  1 
ATOM   691  C  CG  . ASP A 1 93  ? -4.378  -10.096 -0.352  1.00 5.33  ? 194 ASP A CG  1 
ATOM   692  O  OD1 . ASP A 1 93  ? -3.491  -10.331 -1.160  1.00 4.03  ? 194 ASP A OD1 1 
ATOM   693  O  OD2 . ASP A 1 93  ? -5.394  -10.807 -0.378  1.00 7.10  ? 194 ASP A OD2 1 
ATOM   694  N  N   . ALA A 1 94  ? -3.721  -5.793  0.603   1.00 3.86  ? 195 ALA A N   1 
ATOM   695  C  CA  . ALA A 1 94  ? -3.970  -4.426  1.083   1.00 4.94  ? 195 ALA A CA  1 
ATOM   696  C  C   . ALA A 1 94  ? -5.434  -4.066  0.865   1.00 4.97  ? 195 ALA A C   1 
ATOM   697  O  O   . ALA A 1 94  ? -6.002  -4.209  -0.194  1.00 6.18  ? 195 ALA A O   1 
ATOM   698  C  CB  . ALA A 1 94  ? -2.942  -3.421  0.503   1.00 5.07  ? 195 ALA A CB  1 
ATOM   699  N  N   . HIS A 1 95  ? -6.112  -3.680  1.907   1.00 4.32  ? 196 HIS A N   1 
ATOM   700  C  CA  . HIS A 1 95  ? -7.509  -3.308  2.022   1.00 5.44  ? 196 HIS A CA  1 
ATOM   701  C  C   . HIS A 1 95  ? -7.655  -1.834  2.357   1.00 4.62  ? 196 HIS A C   1 
ATOM   702  O  O   . HIS A 1 95  ? -6.937  -1.377  3.259   1.00 5.17  ? 196 HIS A O   1 
ATOM   703  C  CB  . HIS A 1 95  ? -8.327  -4.110  3.060   1.00 1.97  ? 196 HIS A CB  1 
ATOM   704  C  CG  . HIS A 1 95  ? -8.268  -5.607  2.892   1.00 2.31  ? 196 HIS A CG  1 
ATOM   705  N  ND1 . HIS A 1 95  ? -8.645  -6.507  3.876   1.00 3.99  ? 196 HIS A ND1 1 
ATOM   706  C  CD2 . HIS A 1 95  ? -7.902  -6.364  1.826   1.00 5.57  ? 196 HIS A CD2 1 
ATOM   707  C  CE1 . HIS A 1 95  ? -8.546  -7.735  3.388   1.00 4.31  ? 196 HIS A CE1 1 
ATOM   708  N  NE2 . HIS A 1 95  ? -8.069  -7.669  2.159   1.00 9.22  ? 196 HIS A NE2 1 
ATOM   709  N  N   . PHE A 1 96  ? -8.549  -1.139  1.697   1.00 4.57  ? 197 PHE A N   1 
ATOM   710  C  CA  . PHE A 1 96  ? -8.740  0.299   1.911   1.00 2.43  ? 197 PHE A CA  1 
ATOM   711  C  C   . PHE A 1 96  ? -10.181 0.483   2.371   1.00 5.28  ? 197 PHE A C   1 
ATOM   712  O  O   . PHE A 1 96  ? -11.014 -0.176  1.745   1.00 4.67  ? 197 PHE A O   1 
ATOM   713  C  CB  . PHE A 1 96  ? -8.517  1.172   0.642   1.00 2.22  ? 197 PHE A CB  1 
ATOM   714  C  CG  . PHE A 1 96  ? -7.071  1.029   0.228   1.00 5.53  ? 197 PHE A CG  1 
ATOM   715  C  CD1 . PHE A 1 96  ? -6.688  -0.101  -0.488  1.00 7.27  ? 197 PHE A CD1 1 
ATOM   716  C  CD2 . PHE A 1 96  ? -6.157  1.968   0.641   1.00 4.77  ? 197 PHE A CD2 1 
ATOM   717  C  CE1 . PHE A 1 96  ? -5.346  -0.346  -0.799  1.00 11.59 ? 197 PHE A CE1 1 
ATOM   718  C  CE2 . PHE A 1 96  ? -4.798  1.742   0.324   1.00 6.23  ? 197 PHE A CE2 1 
ATOM   719  C  CZ  . PHE A 1 96  ? -4.406  0.605   -0.386  1.00 7.71  ? 197 PHE A CZ  1 
ATOM   720  N  N   . ASP A 1 97  ? -10.311 1.353   3.358   1.00 4.63  ? 198 ASP A N   1 
ATOM   721  C  CA  . ASP A 1 97  ? -11.655 1.673   3.891   1.00 2.83  ? 198 ASP A CA  1 
ATOM   722  C  C   . ASP A 1 97  ? -12.413 2.435   2.785   1.00 3.25  ? 198 ASP A C   1 
ATOM   723  O  O   . ASP A 1 97  ? -12.107 3.590   2.482   1.00 4.09  ? 198 ASP A O   1 
ATOM   724  C  CB  . ASP A 1 97  ? -11.468 2.332   5.278   1.00 0.50  ? 198 ASP A CB  1 
ATOM   725  C  CG  . ASP A 1 97  ? -12.711 2.605   6.048   1.00 2.84  ? 198 ASP A CG  1 
ATOM   726  O  OD1 . ASP A 1 97  ? -13.842 2.550   5.533   1.00 7.43  ? 198 ASP A OD1 1 
ATOM   727  O  OD2 . ASP A 1 97  ? -12.678 2.808   7.274   1.00 7.58  ? 198 ASP A OD2 1 
ATOM   728  N  N   . ALA A 1 98  ? -13.445 1.846   2.163   1.00 0.84  ? 199 ALA A N   1 
ATOM   729  C  CA  . ALA A 1 98  ? -14.218 2.465   1.143   1.00 4.02  ? 199 ALA A CA  1 
ATOM   730  C  C   . ALA A 1 98  ? -14.993 3.686   1.652   1.00 6.49  ? 199 ALA A C   1 
ATOM   731  O  O   . ALA A 1 98  ? -15.468 4.396   0.752   1.00 5.44  ? 199 ALA A O   1 
ATOM   732  C  CB  . ALA A 1 98  ? -15.231 1.491   0.550   1.00 4.48  ? 199 ALA A CB  1 
ATOM   733  N  N   . GLU A 1 99  ? -15.151 3.823   2.964   1.00 5.97  ? 200 GLU A N   1 
ATOM   734  C  CA  . GLU A 1 99  ? -15.902 4.941   3.487   1.00 3.49  ? 200 GLU A CA  1 
ATOM   735  C  C   . GLU A 1 99  ? -15.097 6.192   3.621   1.00 6.00  ? 200 GLU A C   1 
ATOM   736  O  O   . GLU A 1 99  ? -15.697 7.183   4.024   1.00 4.42  ? 200 GLU A O   1 
ATOM   737  C  CB  . GLU A 1 99  ? -16.650 4.650   4.784   1.00 2.27  ? 200 GLU A CB  1 
ATOM   738  C  CG  . GLU A 1 99  ? -17.691 3.578   4.546   1.00 3.71  ? 200 GLU A CG  1 
ATOM   739  C  CD  . GLU A 1 99  ? -18.573 3.384   5.753   1.00 4.19  ? 200 GLU A CD  1 
ATOM   740  O  OE1 . GLU A 1 99  ? -19.560 4.121   5.800   1.00 5.10  ? 200 GLU A OE1 1 
ATOM   741  O  OE2 . GLU A 1 99  ? -18.320 2.590   6.632   1.00 8.29  ? 200 GLU A OE2 1 
ATOM   742  N  N   . GLU A 1 100 ? -13.825 6.192   3.226   1.00 8.31  ? 201 GLU A N   1 
ATOM   743  C  CA  . GLU A 1 100 ? -13.085 7.456   3.318   1.00 7.10  ? 201 GLU A CA  1 
ATOM   744  C  C   . GLU A 1 100 ? -13.269 8.254   2.066   1.00 4.71  ? 201 GLU A C   1 
ATOM   745  O  O   . GLU A 1 100 ? -13.672 7.805   1.008   1.00 9.38  ? 201 GLU A O   1 
ATOM   746  C  CB  . GLU A 1 100 ? -11.575 7.202   3.334   1.00 5.03  ? 201 GLU A CB  1 
ATOM   747  C  CG  . GLU A 1 100 ? -11.095 6.321   4.447   1.00 5.74  ? 201 GLU A CG  1 
ATOM   748  C  CD  . GLU A 1 100 ? -11.372 6.794   5.837   1.00 5.42  ? 201 GLU A CD  1 
ATOM   749  O  OE1 . GLU A 1 100 ? -11.572 7.904   6.229   1.00 3.36  ? 201 GLU A OE1 1 
ATOM   750  O  OE2 . GLU A 1 100 ? -11.346 5.875   6.688   1.00 7.91  ? 201 GLU A OE2 1 
ATOM   751  N  N   . THR A 1 101 ? -12.848 9.495   2.125   1.00 6.22  ? 202 THR A N   1 
ATOM   752  C  CA  . THR A 1 101 ? -12.750 10.395  0.979   1.00 6.46  ? 202 THR A CA  1 
ATOM   753  C  C   . THR A 1 101 ? -11.351 10.040  0.447   1.00 6.86  ? 202 THR A C   1 
ATOM   754  O  O   . THR A 1 101 ? -10.387 10.151  1.238   1.00 6.71  ? 202 THR A O   1 
ATOM   755  C  CB  . THR A 1 101 ? -12.715 11.941  1.303   1.00 6.26  ? 202 THR A CB  1 
ATOM   756  O  OG1 . THR A 1 101 ? -14.104 12.129  1.734   1.00 9.73  ? 202 THR A OG1 1 
ATOM   757  C  CG2 . THR A 1 101 ? -12.737 12.749  0.007   1.00 7.86  ? 202 THR A CG2 1 
ATOM   758  N  N   . TRP A 1 102 ? -11.211 9.667   -0.810  1.00 7.64  ? 203 TRP A N   1 
ATOM   759  C  CA  . TRP A 1 102 ? -9.940  9.303   -1.428  1.00 4.40  ? 203 TRP A CA  1 
ATOM   760  C  C   . TRP A 1 102 ? -9.623  10.354  -2.494  1.00 5.85  ? 203 TRP A C   1 
ATOM   761  O  O   . TRP A 1 102 ? -10.488 10.584  -3.366  1.00 6.41  ? 203 TRP A O   1 
ATOM   762  C  CB  . TRP A 1 102 ? -10.148 7.896   -2.054  1.00 1.92  ? 203 TRP A CB  1 
ATOM   763  C  CG  . TRP A 1 102 ? -10.164 6.808   -0.975  1.00 8.12  ? 203 TRP A CG  1 
ATOM   764  C  CD1 . TRP A 1 102 ? -11.179 5.975   -0.649  1.00 3.84  ? 203 TRP A CD1 1 
ATOM   765  C  CD2 . TRP A 1 102 ? -9.111  6.471   -0.050  1.00 5.26  ? 203 TRP A CD2 1 
ATOM   766  N  NE1 . TRP A 1 102 ? -10.835 5.107   0.365   1.00 1.98  ? 203 TRP A NE1 1 
ATOM   767  C  CE2 . TRP A 1 102 ? -9.548  5.401   0.730   1.00 6.20  ? 203 TRP A CE2 1 
ATOM   768  C  CE3 . TRP A 1 102 ? -7.817  6.974   0.142   1.00 3.60  ? 203 TRP A CE3 1 
ATOM   769  C  CZ2 . TRP A 1 102 ? -8.784  4.838   1.758   1.00 3.25  ? 203 TRP A CZ2 1 
ATOM   770  C  CZ3 . TRP A 1 102 ? -7.035  6.400   1.096   1.00 0.50  ? 203 TRP A CZ3 1 
ATOM   771  C  CH2 . TRP A 1 102 ? -7.503  5.373   1.910   1.00 4.85  ? 203 TRP A CH2 1 
ATOM   772  N  N   . THR A 1 103 ? -8.428  10.863  -2.443  1.00 3.50  ? 204 THR A N   1 
ATOM   773  C  CA  . THR A 1 103 ? -8.030  11.910  -3.422  1.00 5.74  ? 204 THR A CA  1 
ATOM   774  C  C   . THR A 1 103 ? -6.640  11.644  -3.981  1.00 7.28  ? 204 THR A C   1 
ATOM   775  O  O   . THR A 1 103 ? -6.044  10.621  -3.616  1.00 4.75  ? 204 THR A O   1 
ATOM   776  C  CB  . THR A 1 103 ? -7.890  13.266  -2.596  1.00 8.55  ? 204 THR A CB  1 
ATOM   777  O  OG1 . THR A 1 103 ? -6.606  13.259  -1.898  1.00 5.07  ? 204 THR A OG1 1 
ATOM   778  C  CG2 . THR A 1 103 ? -8.988  13.462  -1.553  1.00 6.56  ? 204 THR A CG2 1 
ATOM   779  N  N   . ASN A 1 104 ? -6.214  12.556  -4.830  1.00 6.80  ? 205 ASN A N   1 
ATOM   780  C  CA  . ASN A 1 104 ? -4.872  12.536  -5.392  1.00 5.81  ? 205 ASN A CA  1 
ATOM   781  C  C   . ASN A 1 104 ? -4.392  13.964  -5.223  1.00 8.46  ? 205 ASN A C   1 
ATOM   782  O  O   . ASN A 1 104 ? -3.681  14.430  -6.093  1.00 11.33 ? 205 ASN A O   1 
ATOM   783  C  CB  . ASN A 1 104 ? -4.807  12.021  -6.833  1.00 17.80 ? 205 ASN A CB  1 
ATOM   784  C  CG  . ASN A 1 104 ? -5.586  12.861  -7.821  1.00 19.91 ? 205 ASN A CG  1 
ATOM   785  O  OD1 . ASN A 1 104 ? -6.301  13.795  -7.427  1.00 25.38 ? 205 ASN A OD1 1 
ATOM   786  N  ND2 . ASN A 1 104 ? -5.451  12.519  -9.095  1.00 24.15 ? 205 ASN A ND2 1 
ATOM   787  N  N   . THR A 1 105 ? -4.792  14.684  -4.177  1.00 10.05 ? 206 THR A N   1 
ATOM   788  C  CA  . THR A 1 105 ? -4.388  16.068  -3.902  1.00 7.56  ? 206 THR A CA  1 
ATOM   789  C  C   . THR A 1 105 ? -3.897  16.032  -2.441  1.00 10.04 ? 206 THR A C   1 
ATOM   790  O  O   . THR A 1 105 ? -3.696  14.918  -1.913  1.00 9.44  ? 206 THR A O   1 
ATOM   791  C  CB  . THR A 1 105 ? -5.574  17.075  -4.080  1.00 6.60  ? 206 THR A CB  1 
ATOM   792  O  OG1 . THR A 1 105 ? -6.682  16.631  -3.222  1.00 9.34  ? 206 THR A OG1 1 
ATOM   793  C  CG2 . THR A 1 105 ? -6.137  17.245  -5.521  1.00 4.82  ? 206 THR A CG2 1 
ATOM   794  N  N   . SER A 1 106 ? -3.747  17.150  -1.778  1.00 8.71  ? 207 SER A N   1 
ATOM   795  C  CA  . SER A 1 106 ? -3.335  17.300  -0.400  1.00 10.03 ? 207 SER A CA  1 
ATOM   796  C  C   . SER A 1 106 ? -4.516  17.138  0.533   1.00 6.70  ? 207 SER A C   1 
ATOM   797  O  O   . SER A 1 106 ? -4.423  17.096  1.741   1.00 11.03 ? 207 SER A O   1 
ATOM   798  C  CB  . SER A 1 106 ? -2.715  18.684  -0.176  1.00 15.41 ? 207 SER A CB  1 
ATOM   799  O  OG  . SER A 1 106 ? -3.619  19.741  -0.501  1.00 17.40 ? 207 SER A OG  1 
ATOM   800  N  N   . ALA A 1 107 ? -5.698  17.037  0.012   1.00 8.60  ? 208 ALA A N   1 
ATOM   801  C  CA  . ALA A 1 107 ? -6.945  16.869  0.750   1.00 7.07  ? 208 ALA A CA  1 
ATOM   802  C  C   . ALA A 1 107 ? -6.980  15.443  1.299   1.00 7.01  ? 208 ALA A C   1 
ATOM   803  O  O   . ALA A 1 107 ? -6.492  14.583  0.585   1.00 8.48  ? 208 ALA A O   1 
ATOM   804  C  CB  . ALA A 1 107 ? -8.124  17.249  -0.116  1.00 3.53  ? 208 ALA A CB  1 
ATOM   805  N  N   . ASN A 1 108 ? -7.540  15.217  2.470   1.00 7.13  ? 209 ASN A N   1 
ATOM   806  C  CA  . ASN A 1 108 ? -7.586  13.882  3.069   1.00 9.34  ? 209 ASN A CA  1 
ATOM   807  C  C   . ASN A 1 108 ? -8.609  12.991  2.315   1.00 9.19  ? 209 ASN A C   1 
ATOM   808  O  O   . ASN A 1 108 ? -9.738  13.439  2.053   1.00 11.28 ? 209 ASN A O   1 
ATOM   809  C  CB  . ASN A 1 108 ? -8.105  14.011  4.472   1.00 4.43  ? 209 ASN A CB  1 
ATOM   810  C  CG  . ASN A 1 108 ? -7.251  14.753  5.438   1.00 9.79  ? 209 ASN A CG  1 
ATOM   811  O  OD1 . ASN A 1 108 ? -7.822  15.243  6.429   1.00 14.50 ? 209 ASN A OD1 1 
ATOM   812  N  ND2 . ASN A 1 108 ? -5.978  14.862  5.220   1.00 9.57  ? 209 ASN A ND2 1 
ATOM   813  N  N   . TYR A 1 109 ? -8.228  11.757  1.974   1.00 8.67  ? 210 TYR A N   1 
ATOM   814  C  CA  . TYR A 1 109 ? -6.895  11.188  2.232   1.00 4.76  ? 210 TYR A CA  1 
ATOM   815  C  C   . TYR A 1 109 ? -6.315  10.862  0.859   1.00 5.41  ? 210 TYR A C   1 
ATOM   816  O  O   . TYR A 1 109 ? -6.930  10.302  -0.062  1.00 4.50  ? 210 TYR A O   1 
ATOM   817  C  CB  . TYR A 1 109 ? -6.908  9.959   3.128   1.00 4.68  ? 210 TYR A CB  1 
ATOM   818  C  CG  . TYR A 1 109 ? -7.439  10.352  4.455   1.00 7.35  ? 210 TYR A CG  1 
ATOM   819  C  CD1 . TYR A 1 109 ? -6.522  10.858  5.374   1.00 3.77  ? 210 TYR A CD1 1 
ATOM   820  C  CD2 . TYR A 1 109 ? -8.782  10.230  4.814   1.00 3.90  ? 210 TYR A CD2 1 
ATOM   821  C  CE1 . TYR A 1 109 ? -6.940  11.261  6.640   1.00 6.07  ? 210 TYR A CE1 1 
ATOM   822  C  CE2 . TYR A 1 109 ? -9.197  10.660  6.052   1.00 6.08  ? 210 TYR A CE2 1 
ATOM   823  C  CZ  . TYR A 1 109 ? -8.292  11.199  6.957   1.00 11.81 ? 210 TYR A CZ  1 
ATOM   824  O  OH  . TYR A 1 109 ? -8.629  11.589  8.209   1.00 10.41 ? 210 TYR A OH  1 
ATOM   825  N  N   . ASN A 1 110 ? -5.069  11.170  0.632   1.00 5.75  ? 211 ASN A N   1 
ATOM   826  C  CA  . ASN A 1 110 ? -4.336  10.944  -0.600  1.00 6.96  ? 211 ASN A CA  1 
ATOM   827  C  C   . ASN A 1 110 ? -4.133  9.443   -0.812  1.00 6.61  ? 211 ASN A C   1 
ATOM   828  O  O   . ASN A 1 110 ? -3.421  8.912   0.063   1.00 4.38  ? 211 ASN A O   1 
ATOM   829  C  CB  . ASN A 1 110 ? -3.036  11.706  -0.517  1.00 3.29  ? 211 ASN A CB  1 
ATOM   830  C  CG  . ASN A 1 110 ? -2.390  11.693  -1.896  1.00 8.58  ? 211 ASN A CG  1 
ATOM   831  O  OD1 . ASN A 1 110 ? -1.696  10.725  -2.201  1.00 8.58  ? 211 ASN A OD1 1 
ATOM   832  N  ND2 . ASN A 1 110 ? -2.590  12.702  -2.682  1.00 6.66  ? 211 ASN A ND2 1 
ATOM   833  N  N   . LEU A 1 111 ? -4.644  8.879   -1.910  1.00 5.05  ? 212 LEU A N   1 
ATOM   834  C  CA  . LEU A 1 111 ? -4.510  7.428   -2.069  1.00 5.14  ? 212 LEU A CA  1 
ATOM   835  C  C   . LEU A 1 111 ? -3.102  6.873   -2.194  1.00 3.38  ? 212 LEU A C   1 
ATOM   836  O  O   . LEU A 1 111 ? -2.838  5.819   -1.663  1.00 4.57  ? 212 LEU A O   1 
ATOM   837  C  CB  . LEU A 1 111 ? -5.235  6.935   -3.317  1.00 1.83  ? 212 LEU A CB  1 
ATOM   838  C  CG  . LEU A 1 111 ? -5.972  5.653   -3.415  1.00 9.26  ? 212 LEU A CG  1 
ATOM   839  C  CD1 . LEU A 1 111 ? -6.241  5.274   -4.851  1.00 7.40  ? 212 LEU A CD1 1 
ATOM   840  C  CD2 . LEU A 1 111 ? -5.690  4.512   -2.476  1.00 8.54  ? 212 LEU A CD2 1 
ATOM   841  N  N   . PHE A 1 112 ? -2.302  7.552   -2.975  1.00 4.07  ? 213 PHE A N   1 
ATOM   842  C  CA  . PHE A 1 112 ? -0.895  7.246   -3.232  1.00 5.13  ? 213 PHE A CA  1 
ATOM   843  C  C   . PHE A 1 112 ? -0.092  7.119   -1.928  1.00 4.71  ? 213 PHE A C   1 
ATOM   844  O  O   . PHE A 1 112 ? 0.625   6.128   -1.746  1.00 5.80  ? 213 PHE A O   1 
ATOM   845  C  CB  . PHE A 1 112 ? -0.277  8.259   -4.195  1.00 1.82  ? 213 PHE A CB  1 
ATOM   846  C  CG  . PHE A 1 112 ? 1.219   8.383   -4.097  1.00 6.03  ? 213 PHE A CG  1 
ATOM   847  C  CD1 . PHE A 1 112 ? 2.041   7.427   -4.698  1.00 2.71  ? 213 PHE A CD1 1 
ATOM   848  C  CD2 . PHE A 1 112 ? 1.846   9.426   -3.444  1.00 7.63  ? 213 PHE A CD2 1 
ATOM   849  C  CE1 . PHE A 1 112 ? 3.428   7.494   -4.646  1.00 4.38  ? 213 PHE A CE1 1 
ATOM   850  C  CE2 . PHE A 1 112 ? 3.229   9.535   -3.326  1.00 5.95  ? 213 PHE A CE2 1 
ATOM   851  C  CZ  . PHE A 1 112 ? 4.008   8.562   -3.955  1.00 1.85  ? 213 PHE A CZ  1 
ATOM   852  N  N   . LEU A 1 113 ? -0.181  8.025   -0.979  1.00 3.57  ? 214 LEU A N   1 
ATOM   853  C  CA  . LEU A 1 113 ? 0.574   7.939   0.280   1.00 5.42  ? 214 LEU A CA  1 
ATOM   854  C  C   . LEU A 1 113 ? -0.030  6.840   1.129   1.00 5.08  ? 214 LEU A C   1 
ATOM   855  O  O   . LEU A 1 113 ? 0.737   6.176   1.801   1.00 7.70  ? 214 LEU A O   1 
ATOM   856  C  CB  . LEU A 1 113 ? 0.610   9.260   1.065   1.00 4.07  ? 214 LEU A CB  1 
ATOM   857  C  CG  . LEU A 1 113 ? 1.131   10.497  0.388   1.00 7.19  ? 214 LEU A CG  1 
ATOM   858  C  CD1 . LEU A 1 113 ? 0.796   11.715  1.248   1.00 10.65 ? 214 LEU A CD1 1 
ATOM   859  C  CD2 . LEU A 1 113 ? 2.644   10.322  0.440   1.00 12.56 ? 214 LEU A CD2 1 
ATOM   860  N  N   . VAL A 1 114 ? -1.329  6.618   1.123   1.00 7.78  ? 215 VAL A N   1 
ATOM   861  C  CA  . VAL A 1 114 ? -1.913  5.565   1.936   1.00 4.30  ? 215 VAL A CA  1 
ATOM   862  C  C   . VAL A 1 114 ? -1.510  4.227   1.349   1.00 6.45  ? 215 VAL A C   1 
ATOM   863  O  O   . VAL A 1 114 ? -1.149  3.356   2.136   1.00 6.86  ? 215 VAL A O   1 
ATOM   864  C  CB  . VAL A 1 114 ? -3.413  5.720   2.137   1.00 0.50  ? 215 VAL A CB  1 
ATOM   865  C  CG1 . VAL A 1 114 ? -3.917  4.413   2.811   1.00 1.80  ? 215 VAL A CG1 1 
ATOM   866  C  CG2 . VAL A 1 114 ? -3.747  6.855   3.059   1.00 0.50  ? 215 VAL A CG2 1 
ATOM   867  N  N   . ALA A 1 115 ? -1.593  4.061   0.026   1.00 3.72  ? 216 ALA A N   1 
ATOM   868  C  CA  . ALA A 1 115 ? -1.200  2.784   -0.571  1.00 3.44  ? 216 ALA A CA  1 
ATOM   869  C  C   . ALA A 1 115 ? 0.300   2.522   -0.372  1.00 3.74  ? 216 ALA A C   1 
ATOM   870  O  O   . ALA A 1 115 ? 0.700   1.398   -0.142  1.00 0.62  ? 216 ALA A O   1 
ATOM   871  C  CB  . ALA A 1 115 ? -1.665  2.819   -2.030  1.00 0.96  ? 216 ALA A CB  1 
ATOM   872  N  N   . ALA A 1 116 ? 1.145   3.555   -0.381  1.00 3.04  ? 217 ALA A N   1 
ATOM   873  C  CA  . ALA A 1 116 ? 2.612   3.409   -0.243  1.00 7.10  ? 217 ALA A CA  1 
ATOM   874  C  C   . ALA A 1 116 ? 2.901   2.887   1.151   1.00 7.63  ? 217 ALA A C   1 
ATOM   875  O  O   . ALA A 1 116 ? 3.752   2.042   1.294   1.00 6.87  ? 217 ALA A O   1 
ATOM   876  C  CB  . ALA A 1 116 ? 3.346   4.674   -0.512  1.00 5.40  ? 217 ALA A CB  1 
ATOM   877  N  N   . HIS A 1 117 ? 2.171   3.323   2.145   1.00 8.19  ? 218 HIS A N   1 
ATOM   878  C  CA  . HIS A 1 117 ? 2.334   2.800   3.497   1.00 4.93  ? 218 HIS A CA  1 
ATOM   879  C  C   . HIS A 1 117 ? 1.897   1.358   3.562   1.00 0.50  ? 218 HIS A C   1 
ATOM   880  O  O   . HIS A 1 117 ? 2.568   0.532   4.111   1.00 5.35  ? 218 HIS A O   1 
ATOM   881  C  CB  . HIS A 1 117 ? 1.433   3.557   4.505   1.00 2.82  ? 218 HIS A CB  1 
ATOM   882  C  CG  . HIS A 1 117 ? 1.526   3.046   5.908   1.00 0.50  ? 218 HIS A CG  1 
ATOM   883  N  ND1 . HIS A 1 117 ? 2.336   3.514   6.886   1.00 0.50  ? 218 HIS A ND1 1 
ATOM   884  C  CD2 . HIS A 1 117 ? 0.810   2.091   6.487   1.00 1.14  ? 218 HIS A CD2 1 
ATOM   885  C  CE1 . HIS A 1 117 ? 2.073   2.833   7.978   1.00 3.04  ? 218 HIS A CE1 1 
ATOM   886  N  NE2 . HIS A 1 117 ? 1.154   1.901   7.823   1.00 0.50  ? 218 HIS A NE2 1 
ATOM   887  N  N   . GLU A 1 118 ? 0.754   0.961   3.086   1.00 1.10  ? 219 GLU A N   1 
ATOM   888  C  CA  . GLU A 1 118 ? 0.220   -0.362  3.097   1.00 1.21  ? 219 GLU A CA  1 
ATOM   889  C  C   . GLU A 1 118 ? 1.155   -1.318  2.415   1.00 2.89  ? 219 GLU A C   1 
ATOM   890  O  O   . GLU A 1 118 ? 1.329   -2.402  2.971   1.00 4.19  ? 219 GLU A O   1 
ATOM   891  C  CB  . GLU A 1 118 ? -1.184  -0.468  2.415   1.00 3.59  ? 219 GLU A CB  1 
ATOM   892  C  CG  . GLU A 1 118 ? -2.329  0.177   3.272   1.00 5.89  ? 219 GLU A CG  1 
ATOM   893  C  CD  . GLU A 1 118 ? -2.143  0.272   4.762   1.00 2.55  ? 219 GLU A CD  1 
ATOM   894  O  OE1 . GLU A 1 118 ? -1.727  -0.649  5.468   1.00 5.18  ? 219 GLU A OE1 1 
ATOM   895  O  OE2 . GLU A 1 118 ? -2.335  1.388   5.236   1.00 3.81  ? 219 GLU A OE2 1 
ATOM   896  N  N   . PHE A 1 119 ? 1.704   -0.973  1.266   1.00 3.25  ? 220 PHE A N   1 
ATOM   897  C  CA  . PHE A 1 119 ? 2.623   -1.813  0.503   1.00 4.38  ? 220 PHE A CA  1 
ATOM   898  C  C   . PHE A 1 119 ? 3.912   -2.145  1.269   1.00 5.22  ? 220 PHE A C   1 
ATOM   899  O  O   . PHE A 1 119 ? 4.460   -3.262  1.073   1.00 2.73  ? 220 PHE A O   1 
ATOM   900  C  CB  . PHE A 1 119 ? 2.837   -1.371  -0.943  1.00 5.24  ? 220 PHE A CB  1 
ATOM   901  C  CG  . PHE A 1 119 ? 1.577   -1.273  -1.762  1.00 4.46  ? 220 PHE A CG  1 
ATOM   902  C  CD1 . PHE A 1 119 ? 0.473   -2.045  -1.510  1.00 5.22  ? 220 PHE A CD1 1 
ATOM   903  C  CD2 . PHE A 1 119 ? 1.572   -0.406  -2.851  1.00 0.50  ? 220 PHE A CD2 1 
ATOM   904  C  CE1 . PHE A 1 119 ? -0.667  -1.908  -2.289  1.00 6.36  ? 220 PHE A CE1 1 
ATOM   905  C  CE2 . PHE A 1 119 ? 0.452   -0.242  -3.658  1.00 1.81  ? 220 PHE A CE2 1 
ATOM   906  C  CZ  . PHE A 1 119 ? -0.669  -0.993  -3.332  1.00 1.57  ? 220 PHE A CZ  1 
ATOM   907  N  N   . GLY A 1 120 ? 4.373   -1.216  2.100   1.00 4.60  ? 221 GLY A N   1 
ATOM   908  C  CA  . GLY A 1 120 ? 5.556   -1.499  2.968   1.00 1.42  ? 221 GLY A CA  1 
ATOM   909  C  C   . GLY A 1 120 ? 5.207   -2.728  3.781   1.00 2.73  ? 221 GLY A C   1 
ATOM   910  O  O   . GLY A 1 120 ? 6.030   -3.614  4.032   1.00 5.01  ? 221 GLY A O   1 
ATOM   911  N  N   . HIS A 1 121 ? 4.002   -2.835  4.365   1.00 4.02  ? 222 HIS A N   1 
ATOM   912  C  CA  . HIS A 1 121 ? 3.510   -3.975  5.145   1.00 3.23  ? 222 HIS A CA  1 
ATOM   913  C  C   . HIS A 1 121 ? 3.471   -5.231  4.275   1.00 3.97  ? 222 HIS A C   1 
ATOM   914  O  O   . HIS A 1 121 ? 3.943   -6.312  4.626   1.00 7.99  ? 222 HIS A O   1 
ATOM   915  C  CB  . HIS A 1 121 ? 2.044   -3.889  5.689   1.00 5.04  ? 222 HIS A CB  1 
ATOM   916  C  CG  . HIS A 1 121 ? 1.901   -2.821  6.737   1.00 9.32  ? 222 HIS A CG  1 
ATOM   917  N  ND1 . HIS A 1 121 ? 2.666   -2.830  7.872   1.00 12.11 ? 222 HIS A ND1 1 
ATOM   918  C  CD2 . HIS A 1 121 ? 1.138   -1.710  6.851   1.00 3.84  ? 222 HIS A CD2 1 
ATOM   919  C  CE1 . HIS A 1 121 ? 2.344   -1.792  8.605   1.00 9.95  ? 222 HIS A CE1 1 
ATOM   920  N  NE2 . HIS A 1 121 ? 1.379   -1.098  8.037   1.00 6.78  ? 222 HIS A NE2 1 
ATOM   921  N  N   . SER A 1 122 ? 2.928   -5.111  3.085   1.00 3.50  ? 223 SER A N   1 
ATOM   922  C  CA  . SER A 1 122 ? 2.816   -6.140  2.079   1.00 7.00  ? 223 SER A CA  1 
ATOM   923  C  C   . SER A 1 122 ? 4.167   -6.807  1.763   1.00 5.12  ? 223 SER A C   1 
ATOM   924  O  O   . SER A 1 122 ? 4.202   -7.960  1.383   1.00 4.25  ? 223 SER A O   1 
ATOM   925  C  CB  . SER A 1 122 ? 2.195   -5.576  0.796   1.00 6.02  ? 223 SER A CB  1 
ATOM   926  O  OG  . SER A 1 122 ? 0.842   -5.160  1.016   1.00 7.13  ? 223 SER A OG  1 
ATOM   927  N  N   . LEU A 1 123 ? 5.247   -6.093  1.860   1.00 5.24  ? 224 LEU A N   1 
ATOM   928  C  CA  . LEU A 1 123 ? 6.609   -6.500  1.578   1.00 5.16  ? 224 LEU A CA  1 
ATOM   929  C  C   . LEU A 1 123 ? 7.326   -6.962  2.838   1.00 7.96  ? 224 LEU A C   1 
ATOM   930  O  O   . LEU A 1 123 ? 8.451   -7.438  2.643   1.00 9.80  ? 224 LEU A O   1 
ATOM   931  C  CB  . LEU A 1 123 ? 7.327   -5.320  0.917   1.00 3.73  ? 224 LEU A CB  1 
ATOM   932  C  CG  . LEU A 1 123 ? 6.832   -4.831  -0.440  1.00 2.96  ? 224 LEU A CG  1 
ATOM   933  C  CD1 . LEU A 1 123 ? 7.672   -3.668  -0.972  1.00 2.57  ? 224 LEU A CD1 1 
ATOM   934  C  CD2 . LEU A 1 123 ? 6.825   -5.985  -1.393  1.00 2.08  ? 224 LEU A CD2 1 
ATOM   935  N  N   . GLY A 1 124 ? 6.747   -6.796  4.006   1.00 10.43 ? 225 GLY A N   1 
ATOM   936  C  CA  . GLY A 1 124 ? 7.369   -7.237  5.272   1.00 8.31  ? 225 GLY A CA  1 
ATOM   937  C  C   . GLY A 1 124 ? 7.840   -6.165  6.218   1.00 8.96  ? 225 GLY A C   1 
ATOM   938  O  O   . GLY A 1 124 ? 8.459   -6.537  7.245   1.00 10.49 ? 225 GLY A O   1 
ATOM   939  N  N   . LEU A 1 125 ? 7.615   -4.902  5.934   1.00 5.72  ? 226 LEU A N   1 
ATOM   940  C  CA  . LEU A 1 125 ? 8.064   -3.867  6.903   1.00 4.79  ? 226 LEU A CA  1 
ATOM   941  C  C   . LEU A 1 125 ? 7.048   -3.704  8.026   1.00 6.34  ? 226 LEU A C   1 
ATOM   942  O  O   . LEU A 1 125 ? 5.830   -3.982  7.866   1.00 4.53  ? 226 LEU A O   1 
ATOM   943  C  CB  . LEU A 1 125 ? 8.331   -2.581  6.133   1.00 4.48  ? 226 LEU A CB  1 
ATOM   944  C  CG  . LEU A 1 125 ? 9.715   -2.434  5.537   1.00 7.98  ? 226 LEU A CG  1 
ATOM   945  C  CD1 . LEU A 1 125 ? 9.669   -3.039  4.158   1.00 13.46 ? 226 LEU A CD1 1 
ATOM   946  C  CD2 . LEU A 1 125 ? 10.020  -0.963  5.296   1.00 5.14  ? 226 LEU A CD2 1 
ATOM   947  N  N   . ALA A 1 126 ? 7.585   -3.243  9.181   1.00 7.66  ? 227 ALA A N   1 
ATOM   948  C  CA  . ALA A 1 126 ? 6.753   -2.958  10.359  1.00 6.13  ? 227 ALA A CA  1 
ATOM   949  C  C   . ALA A 1 126 ? 6.594   -1.437  10.470  1.00 4.55  ? 227 ALA A C   1 
ATOM   950  O  O   . ALA A 1 126 ? 7.161   -0.730  9.619   1.00 6.30  ? 227 ALA A O   1 
ATOM   951  C  CB  . ALA A 1 126 ? 7.337   -3.518  11.676  1.00 7.75  ? 227 ALA A CB  1 
ATOM   952  N  N   . HIS A 1 127 ? 5.904   -0.987  11.506  1.00 2.34  ? 228 HIS A N   1 
ATOM   953  C  CA  . HIS A 1 127 ? 5.783   0.434   11.660  1.00 4.04  ? 228 HIS A CA  1 
ATOM   954  C  C   . HIS A 1 127 ? 7.100   1.037   12.113  1.00 7.69  ? 228 HIS A C   1 
ATOM   955  O  O   . HIS A 1 127 ? 7.923   0.356   12.710  1.00 7.67  ? 228 HIS A O   1 
ATOM   956  C  CB  . HIS A 1 127 ? 4.700   0.833   12.649  1.00 4.75  ? 228 HIS A CB  1 
ATOM   957  C  CG  . HIS A 1 127 ? 3.329   0.626   12.027  1.00 6.40  ? 228 HIS A CG  1 
ATOM   958  N  ND1 . HIS A 1 127 ? 2.229   0.187   12.661  1.00 5.52  ? 228 HIS A ND1 1 
ATOM   959  C  CD2 . HIS A 1 127 ? 2.950   0.791   10.736  1.00 3.29  ? 228 HIS A CD2 1 
ATOM   960  C  CE1 . HIS A 1 127 ? 1.196   0.151   11.847  1.00 3.92  ? 228 HIS A CE1 1 
ATOM   961  N  NE2 . HIS A 1 127 ? 1.624   0.492   10.646  1.00 5.18  ? 228 HIS A NE2 1 
ATOM   962  N  N   . SER A 1 128 ? 7.248   2.315   11.807  1.00 9.79  ? 229 SER A N   1 
ATOM   963  C  CA  . SER A 1 128 ? 8.407   3.118   12.148  1.00 12.26 ? 229 SER A CA  1 
ATOM   964  C  C   . SER A 1 128 ? 8.097   4.123   13.268  1.00 14.65 ? 229 SER A C   1 
ATOM   965  O  O   . SER A 1 128 ? 6.957   4.639   13.348  1.00 15.82 ? 229 SER A O   1 
ATOM   966  C  CB  . SER A 1 128 ? 8.775   3.987   10.956  1.00 9.90  ? 229 SER A CB  1 
ATOM   967  O  OG  . SER A 1 128 ? 10.044  4.542   11.304  1.00 12.33 ? 229 SER A OG  1 
ATOM   968  N  N   . SER A 1 129 ? 9.130   4.393   14.059  1.00 12.12 ? 230 SER A N   1 
ATOM   969  C  CA  . SER A 1 129 ? 8.944   5.379   15.152  1.00 15.89 ? 230 SER A CA  1 
ATOM   970  C  C   . SER A 1 129 ? 9.316   6.768   14.671  1.00 17.92 ? 230 SER A C   1 
ATOM   971  O  O   . SER A 1 129 ? 9.018   7.809   15.303  1.00 22.73 ? 230 SER A O   1 
ATOM   972  C  CB  . SER A 1 129 ? 9.658   4.888   16.416  1.00 17.30 ? 230 SER A CB  1 
ATOM   973  O  OG  . SER A 1 129 ? 11.023  4.943   15.968  1.00 22.08 ? 230 SER A OG  1 
ATOM   974  N  N   . ASP A 1 130 ? 9.898   6.931   13.509  1.00 17.07 ? 231 ASP A N   1 
ATOM   975  C  CA  . ASP A 1 130 ? 10.281  8.191   12.871  1.00 14.71 ? 231 ASP A CA  1 
ATOM   976  C  C   . ASP A 1 130 ? 9.076   8.766   12.127  1.00 17.29 ? 231 ASP A C   1 
ATOM   977  O  O   . ASP A 1 130 ? 8.610   8.173   11.136  1.00 16.73 ? 231 ASP A O   1 
ATOM   978  C  CB  . ASP A 1 130 ? 11.423  7.841   11.924  1.00 14.30 ? 231 ASP A CB  1 
ATOM   979  C  CG  . ASP A 1 130 ? 11.921  8.976   11.057  1.00 20.34 ? 231 ASP A CG  1 
ATOM   980  O  OD1 . ASP A 1 130 ? 11.458  10.123  11.204  1.00 20.33 ? 231 ASP A OD1 1 
ATOM   981  O  OD2 . ASP A 1 130 ? 12.836  8.748   10.223  1.00 22.15 ? 231 ASP A OD2 1 
ATOM   982  N  N   . PRO A 1 131 ? 8.571   9.908   12.581  1.00 18.74 ? 232 PRO A N   1 
ATOM   983  C  CA  . PRO A 1 131 ? 7.419   10.594  12.005  1.00 18.12 ? 232 PRO A CA  1 
ATOM   984  C  C   . PRO A 1 131 ? 7.634   11.063  10.597  1.00 19.42 ? 232 PRO A C   1 
ATOM   985  O  O   . PRO A 1 131 ? 6.649   11.390  9.917   1.00 22.26 ? 232 PRO A O   1 
ATOM   986  C  CB  . PRO A 1 131 ? 6.993   11.608  13.084  1.00 19.01 ? 232 PRO A CB  1 
ATOM   987  C  CG  . PRO A 1 131 ? 8.321   11.954  13.703  1.00 17.93 ? 232 PRO A CG  1 
ATOM   988  C  CD  . PRO A 1 131 ? 9.049   10.626  13.791  1.00 18.20 ? 232 PRO A CD  1 
ATOM   989  N  N   . GLY A 1 132 ? 8.851   11.081  10.081  1.00 18.86 ? 233 GLY A N   1 
ATOM   990  C  CA  . GLY A 1 132 ? 9.139   11.482  8.714   1.00 16.18 ? 233 GLY A CA  1 
ATOM   991  C  C   . GLY A 1 132 ? 9.125   10.253  7.792   1.00 14.21 ? 233 GLY A C   1 
ATOM   992  O  O   . GLY A 1 132 ? 9.167   10.408  6.555   1.00 17.96 ? 233 GLY A O   1 
ATOM   993  N  N   . ALA A 1 133 ? 9.035   9.094   8.399   1.00 10.98 ? 234 ALA A N   1 
ATOM   994  C  CA  . ALA A 1 133 ? 9.027   7.836   7.647   1.00 11.73 ? 234 ALA A CA  1 
ATOM   995  C  C   . ALA A 1 133 ? 7.630   7.482   7.141   1.00 9.15  ? 234 ALA A C   1 
ATOM   996  O  O   . ALA A 1 133 ? 6.643   7.780   7.816   1.00 11.72 ? 234 ALA A O   1 
ATOM   997  C  CB  . ALA A 1 133 ? 9.485   6.649   8.475   1.00 8.67  ? 234 ALA A CB  1 
ATOM   998  N  N   . LEU A 1 134 ? 7.600   6.858   5.979   1.00 6.65  ? 235 LEU A N   1 
ATOM   999  C  CA  . LEU A 1 134 ? 6.321   6.431   5.376   1.00 8.77  ? 235 LEU A CA  1 
ATOM   1000 C  C   . LEU A 1 134 ? 5.663   5.334   6.215   1.00 8.12  ? 235 LEU A C   1 
ATOM   1001 O  O   . LEU A 1 134 ? 4.431   5.215   6.238   1.00 10.53 ? 235 LEU A O   1 
ATOM   1002 C  CB  . LEU A 1 134 ? 6.767   5.987   3.997   1.00 10.50 ? 235 LEU A CB  1 
ATOM   1003 C  CG  . LEU A 1 134 ? 5.896   6.114   2.788   1.00 16.12 ? 235 LEU A CG  1 
ATOM   1004 C  CD1 . LEU A 1 134 ? 6.207   4.959   1.867   1.00 15.73 ? 235 LEU A CD1 1 
ATOM   1005 C  CD2 . LEU A 1 134 ? 4.468   6.038   3.282   1.00 14.14 ? 235 LEU A CD2 1 
ATOM   1006 N  N   . MET A 1 135 ? 6.468   4.549   6.915   1.00 7.08  ? 236 MET A N   1 
ATOM   1007 C  CA  . MET A 1 135 ? 5.984   3.410   7.725   1.00 7.23  ? 236 MET A CA  1 
ATOM   1008 C  C   . MET A 1 135 ? 5.495   3.856   9.074   1.00 7.13  ? 236 MET A C   1 
ATOM   1009 O  O   . MET A 1 135 ? 5.160   3.007   9.901   1.00 7.27  ? 236 MET A O   1 
ATOM   1010 C  CB  . MET A 1 135 ? 7.005   2.304   7.771   1.00 5.42  ? 236 MET A CB  1 
ATOM   1011 C  CG  . MET A 1 135 ? 7.192   1.563   6.438   1.00 4.56  ? 236 MET A CG  1 
ATOM   1012 S  SD  . MET A 1 135 ? 5.610   1.222   5.652   1.00 6.81  ? 236 MET A SD  1 
ATOM   1013 C  CE  . MET A 1 135 ? 4.767   0.022   6.646   1.00 5.81  ? 236 MET A CE  1 
ATOM   1014 N  N   . TYR A 1 136 ? 5.484   5.154   9.329   1.00 6.94  ? 237 TYR A N   1 
ATOM   1015 C  CA  . TYR A 1 136 ? 4.966   5.739   10.557  1.00 6.29  ? 237 TYR A CA  1 
ATOM   1016 C  C   . TYR A 1 136 ? 3.447   5.470   10.575  1.00 7.90  ? 237 TYR A C   1 
ATOM   1017 O  O   . TYR A 1 136 ? 2.806   5.557   9.503   1.00 6.10  ? 237 TYR A O   1 
ATOM   1018 C  CB  . TYR A 1 136 ? 5.294   7.195   10.420  1.00 8.55  ? 237 TYR A CB  1 
ATOM   1019 C  CG  . TYR A 1 136 ? 5.056   7.883   11.759  1.00 9.20  ? 237 TYR A CG  1 
ATOM   1020 C  CD1 . TYR A 1 136 ? 5.781   7.544   12.860  1.00 10.23 ? 237 TYR A CD1 1 
ATOM   1021 C  CD2 . TYR A 1 136 ? 4.073   8.856   11.835  1.00 13.17 ? 237 TYR A CD2 1 
ATOM   1022 C  CE1 . TYR A 1 136 ? 5.608   8.169   14.071  1.00 15.78 ? 237 TYR A CE1 1 
ATOM   1023 C  CE2 . TYR A 1 136 ? 3.853   9.512   13.032  1.00 16.92 ? 237 TYR A CE2 1 
ATOM   1024 C  CZ  . TYR A 1 136 ? 4.629   9.153   14.130  1.00 19.09 ? 237 TYR A CZ  1 
ATOM   1025 O  OH  . TYR A 1 136 ? 4.451   9.797   15.325  1.00 19.35 ? 237 TYR A OH  1 
ATOM   1026 N  N   . PRO A 1 137 ? 2.872   5.121   11.741  1.00 8.26  ? 238 PRO A N   1 
ATOM   1027 C  CA  . PRO A 1 137 ? 1.464   4.752   11.825  1.00 6.91  ? 238 PRO A CA  1 
ATOM   1028 C  C   . PRO A 1 137 ? 0.312   5.719   11.758  1.00 5.93  ? 238 PRO A C   1 
ATOM   1029 O  O   . PRO A 1 137 ? -0.865  5.378   11.818  1.00 6.57  ? 238 PRO A O   1 
ATOM   1030 C  CB  . PRO A 1 137 ? 1.417   3.972   13.153  1.00 10.07 ? 238 PRO A CB  1 
ATOM   1031 C  CG  . PRO A 1 137 ? 2.545   4.475   13.971  1.00 8.50  ? 238 PRO A CG  1 
ATOM   1032 C  CD  . PRO A 1 137 ? 3.611   5.000   13.023  1.00 6.17  ? 238 PRO A CD  1 
ATOM   1033 N  N   . ASN A 1 138 ? 0.612   6.960   11.595  1.00 5.64  ? 239 ASN A N   1 
ATOM   1034 C  CA  . ASN A 1 138 ? -0.230  8.125   11.482  1.00 5.67  ? 239 ASN A CA  1 
ATOM   1035 C  C   . ASN A 1 138 ? 0.043   8.755   10.129  1.00 7.64  ? 239 ASN A C   1 
ATOM   1036 O  O   . ASN A 1 138 ? 1.121   9.006   9.581   1.00 10.39 ? 239 ASN A O   1 
ATOM   1037 C  CB  . ASN A 1 138 ? 0.004   9.113   12.607  1.00 8.53  ? 239 ASN A CB  1 
ATOM   1038 C  CG  . ASN A 1 138 ? -0.118  8.457   13.947  1.00 11.90 ? 239 ASN A CG  1 
ATOM   1039 O  OD1 . ASN A 1 138 ? -1.178  8.341   14.571  1.00 16.73 ? 239 ASN A OD1 1 
ATOM   1040 N  ND2 . ASN A 1 138 ? 0.981   7.976   14.507  1.00 14.70 ? 239 ASN A ND2 1 
ATOM   1041 N  N   . TYR A 1 139 ? -1.081  9.027   9.503   1.00 9.33  ? 240 TYR A N   1 
ATOM   1042 C  CA  . TYR A 1 139 ? -1.115  9.639   8.196   1.00 5.32  ? 240 TYR A CA  1 
ATOM   1043 C  C   . TYR A 1 139 ? -0.718  11.085  8.345   1.00 8.58  ? 240 TYR A C   1 
ATOM   1044 O  O   . TYR A 1 139 ? -1.207  11.798  9.193   1.00 12.25 ? 240 TYR A O   1 
ATOM   1045 C  CB  . TYR A 1 139 ? -2.548  9.571   7.655   1.00 4.09  ? 240 TYR A CB  1 
ATOM   1046 C  CG  . TYR A 1 139 ? -2.705  10.317  6.353   1.00 6.36  ? 240 TYR A CG  1 
ATOM   1047 C  CD1 . TYR A 1 139 ? -2.480  9.703   5.121   1.00 3.90  ? 240 TYR A CD1 1 
ATOM   1048 C  CD2 . TYR A 1 139 ? -3.098  11.670  6.428   1.00 8.02  ? 240 TYR A CD2 1 
ATOM   1049 C  CE1 . TYR A 1 139 ? -2.639  10.469  3.974   1.00 7.33  ? 240 TYR A CE1 1 
ATOM   1050 C  CE2 . TYR A 1 139 ? -3.253  12.416  5.258   1.00 10.42 ? 240 TYR A CE2 1 
ATOM   1051 C  CZ  . TYR A 1 139 ? -3.031  11.792  4.015   1.00 9.50  ? 240 TYR A CZ  1 
ATOM   1052 O  OH  . TYR A 1 139 ? -3.234  12.523  2.900   1.00 7.09  ? 240 TYR A OH  1 
ATOM   1053 N  N   . ALA A 1 140 ? 0.072   11.578  7.454   1.00 12.68 ? 241 ALA A N   1 
ATOM   1054 C  CA  . ALA A 1 140 ? 0.502   12.953  7.301   1.00 16.18 ? 241 ALA A CA  1 
ATOM   1055 C  C   . ALA A 1 140 ? 0.699   13.170  5.798   1.00 16.75 ? 241 ALA A C   1 
ATOM   1056 O  O   . ALA A 1 140 ? 1.225   12.352  5.036   1.00 20.72 ? 241 ALA A O   1 
ATOM   1057 C  CB  . ALA A 1 140 ? 1.765   13.095  8.140   1.00 20.20 ? 241 ALA A CB  1 
ATOM   1058 N  N   . PHE A 1 141 ? 0.266   14.270  5.253   1.00 15.58 ? 242 PHE A N   1 
ATOM   1059 C  CA  . PHE A 1 141 ? 0.444   14.633  3.854   1.00 14.94 ? 242 PHE A CA  1 
ATOM   1060 C  C   . PHE A 1 141 ? 1.884   15.166  3.813   1.00 17.60 ? 242 PHE A C   1 
ATOM   1061 O  O   . PHE A 1 141 ? 2.293   15.919  4.725   1.00 14.63 ? 242 PHE A O   1 
ATOM   1062 C  CB  . PHE A 1 141 ? -0.637  15.584  3.367   1.00 14.97 ? 242 PHE A CB  1 
ATOM   1063 C  CG  . PHE A 1 141 ? -0.456  15.742  1.885   1.00 11.75 ? 242 PHE A CG  1 
ATOM   1064 C  CD1 . PHE A 1 141 ? -0.932  14.723  1.063   1.00 14.45 ? 242 PHE A CD1 1 
ATOM   1065 C  CD2 . PHE A 1 141 ? 0.174   16.862  1.362   1.00 11.97 ? 242 PHE A CD2 1 
ATOM   1066 C  CE1 . PHE A 1 141 ? -0.788  14.790  -0.309  1.00 17.75 ? 242 PHE A CE1 1 
ATOM   1067 C  CE2 . PHE A 1 141 ? 0.288   16.959  -0.038  1.00 18.20 ? 242 PHE A CE2 1 
ATOM   1068 C  CZ  . PHE A 1 141 ? -0.184  15.924  -0.861  1.00 18.73 ? 242 PHE A CZ  1 
ATOM   1069 N  N   . ARG A 1 142 ? 2.591   14.695  2.812   1.00 24.84 ? 243 ARG A N   1 
ATOM   1070 C  CA  . ARG A 1 142 ? 3.997   15.080  2.705   1.00 37.39 ? 243 ARG A CA  1 
ATOM   1071 C  C   . ARG A 1 142 ? 4.202   15.918  1.465   1.00 42.63 ? 243 ARG A C   1 
ATOM   1072 O  O   . ARG A 1 142 ? 4.887   16.954  1.583   1.00 46.43 ? 243 ARG A O   1 
ATOM   1073 C  CB  . ARG A 1 142 ? 4.932   13.891  2.867   1.00 50.29 ? 243 ARG A CB  1 
ATOM   1074 C  CG  . ARG A 1 142 ? 5.211   13.489  4.315   1.00 62.39 ? 243 ARG A CG  1 
ATOM   1075 C  CD  . ARG A 1 142 ? 6.312   14.277  4.949   1.00 72.42 ? 243 ARG A CD  1 
ATOM   1076 N  NE  . ARG A 1 142 ? 6.278   14.219  6.406   1.00 78.99 ? 243 ARG A NE  1 
ATOM   1077 C  CZ  . ARG A 1 142 ? 7.171   14.630  7.308   1.00 81.72 ? 243 ARG A CZ  1 
ATOM   1078 N  NH1 . ARG A 1 142 ? 8.352   15.176  6.996   1.00 81.19 ? 243 ARG A NH1 1 
ATOM   1079 N  NH2 . ARG A 1 142 ? 6.895   14.488  8.612   1.00 84.03 ? 243 ARG A NH2 1 
ATOM   1080 N  N   . GLU A 1 143 ? 3.604   15.493  0.388   1.00 44.49 ? 244 GLU A N   1 
ATOM   1081 C  CA  . GLU A 1 143 ? 3.693   16.209  -0.907  1.00 48.97 ? 244 GLU A CA  1 
ATOM   1082 C  C   . GLU A 1 143 ? 3.383   14.993  -1.802  1.00 51.23 ? 244 GLU A C   1 
ATOM   1083 O  O   . GLU A 1 143 ? 2.892   14.031  -1.158  1.00 54.81 ? 244 GLU A O   1 
ATOM   1084 C  CB  . GLU A 1 143 ? 5.088   16.568  -1.393  1.00 55.16 ? 244 GLU A CB  1 
ATOM   1085 C  CG  . GLU A 1 143 ? 5.991   15.322  -1.340  1.00 60.38 ? 244 GLU A CG  1 
ATOM   1086 C  CD  . GLU A 1 143 ? 7.295   15.410  -2.070  1.00 67.71 ? 244 GLU A CD  1 
ATOM   1087 O  OE1 . GLU A 1 143 ? 7.390   15.703  -3.257  1.00 71.79 ? 244 GLU A OE1 1 
ATOM   1088 O  OE2 . GLU A 1 143 ? 8.257   15.157  -1.308  1.00 67.56 ? 244 GLU A OE2 1 
ATOM   1089 N  N   . THR A 1 144 ? 3.699   15.102  -3.070  1.00 46.01 ? 245 THR A N   1 
ATOM   1090 C  CA  . THR A 1 144 ? 3.422   13.904  -3.890  1.00 42.83 ? 245 THR A CA  1 
ATOM   1091 C  C   . THR A 1 144 ? 4.371   14.078  -5.063  1.00 42.17 ? 245 THR A C   1 
ATOM   1092 O  O   . THR A 1 144 ? 5.095   13.160  -5.455  1.00 43.01 ? 245 THR A O   1 
ATOM   1093 C  CB  . THR A 1 144 ? 1.901   13.696  -4.168  1.00 44.02 ? 245 THR A CB  1 
ATOM   1094 O  OG1 . THR A 1 144 ? 1.218   13.568  -2.887  1.00 42.46 ? 245 THR A OG1 1 
ATOM   1095 C  CG2 . THR A 1 144 ? 1.628   12.452  -5.025  1.00 49.56 ? 245 THR A CG2 1 
ATOM   1096 N  N   . SER A 1 145 ? 4.370   15.301  -5.544  1.00 41.94 ? 246 SER A N   1 
ATOM   1097 C  CA  . SER A 1 145 ? 5.156   15.818  -6.674  1.00 42.86 ? 246 SER A CA  1 
ATOM   1098 C  C   . SER A 1 145 ? 6.493   15.100  -6.790  1.00 40.22 ? 246 SER A C   1 
ATOM   1099 O  O   . SER A 1 145 ? 6.456   14.159  -7.607  1.00 41.25 ? 246 SER A O   1 
ATOM   1100 C  CB  . SER A 1 145 ? 5.245   17.337  -6.564  1.00 45.41 ? 246 SER A CB  1 
ATOM   1101 O  OG  . SER A 1 145 ? 5.557   17.588  -5.187  1.00 53.33 ? 246 SER A OG  1 
ATOM   1102 N  N   . ASN A 1 146 ? 7.524   15.484  -6.075  1.00 38.02 ? 247 ASN A N   1 
ATOM   1103 C  CA  . ASN A 1 146 ? 8.779   14.711  -6.232  1.00 42.62 ? 247 ASN A CA  1 
ATOM   1104 C  C   . ASN A 1 146 ? 8.964   13.919  -4.928  1.00 39.33 ? 247 ASN A C   1 
ATOM   1105 O  O   . ASN A 1 146 ? 9.974   14.090  -4.220  1.00 41.84 ? 247 ASN A O   1 
ATOM   1106 C  CB  . ASN A 1 146 ? 9.883   15.622  -6.724  1.00 57.63 ? 247 ASN A CB  1 
ATOM   1107 C  CG  . ASN A 1 146 ? 9.747   16.059  -8.181  1.00 68.61 ? 247 ASN A CG  1 
ATOM   1108 O  OD1 . ASN A 1 146 ? 9.406   17.243  -8.413  1.00 71.97 ? 247 ASN A OD1 1 
ATOM   1109 N  ND2 . ASN A 1 146 ? 10.016  15.154  -9.137  1.00 71.47 ? 247 ASN A ND2 1 
ATOM   1110 N  N   . TYR A 1 147 ? 7.965   13.088  -4.634  1.00 33.32 ? 248 TYR A N   1 
ATOM   1111 C  CA  . TYR A 1 147 ? 8.007   12.275  -3.422  1.00 26.19 ? 248 TYR A CA  1 
ATOM   1112 C  C   . TYR A 1 147 ? 8.838   11.045  -3.796  1.00 24.78 ? 248 TYR A C   1 
ATOM   1113 O  O   . TYR A 1 147 ? 8.643   10.481  -4.882  1.00 24.65 ? 248 TYR A O   1 
ATOM   1114 C  CB  . TYR A 1 147 ? 6.676   11.961  -2.784  1.00 21.27 ? 248 TYR A CB  1 
ATOM   1115 C  CG  . TYR A 1 147 ? 6.724   11.327  -1.422  1.00 17.08 ? 248 TYR A CG  1 
ATOM   1116 C  CD1 . TYR A 1 147 ? 6.942   12.017  -0.256  1.00 19.59 ? 248 TYR A CD1 1 
ATOM   1117 C  CD2 . TYR A 1 147 ? 6.596   9.963   -1.250  1.00 18.00 ? 248 TYR A CD2 1 
ATOM   1118 C  CE1 . TYR A 1 147 ? 6.994   11.434  1.004   1.00 16.23 ? 248 TYR A CE1 1 
ATOM   1119 C  CE2 . TYR A 1 147 ? 6.609   9.310   -0.022  1.00 14.65 ? 248 TYR A CE2 1 
ATOM   1120 C  CZ  . TYR A 1 147 ? 6.818   10.069  1.109   1.00 18.76 ? 248 TYR A CZ  1 
ATOM   1121 O  OH  . TYR A 1 147 ? 6.900   9.420   2.319   1.00 21.83 ? 248 TYR A OH  1 
ATOM   1122 N  N   . SER A 1 148 ? 9.740   10.722  -2.864  1.00 21.06 ? 249 SER A N   1 
ATOM   1123 C  CA  . SER A 1 148 ? 10.625  9.562   -3.022  1.00 18.51 ? 249 SER A CA  1 
ATOM   1124 C  C   . SER A 1 148 ? 10.718  8.912   -1.648  1.00 16.67 ? 249 SER A C   1 
ATOM   1125 O  O   . SER A 1 148 ? 10.391  9.675   -0.733  1.00 18.22 ? 249 SER A O   1 
ATOM   1126 C  CB  . SER A 1 148 ? 11.982  9.868   -3.619  1.00 15.49 ? 249 SER A CB  1 
ATOM   1127 O  OG  . SER A 1 148 ? 12.643  10.591  -2.603  1.00 24.25 ? 249 SER A OG  1 
ATOM   1128 N  N   . LEU A 1 149 ? 11.078  7.656   -1.499  1.00 15.00 ? 250 LEU A N   1 
ATOM   1129 C  CA  . LEU A 1 149 ? 11.069  7.157   -0.129  1.00 13.20 ? 250 LEU A CA  1 
ATOM   1130 C  C   . LEU A 1 149 ? 11.985  7.803   0.884   1.00 13.05 ? 250 LEU A C   1 
ATOM   1131 O  O   . LEU A 1 149 ? 13.168  7.992   0.562   1.00 10.90 ? 250 LEU A O   1 
ATOM   1132 C  CB  . LEU A 1 149 ? 11.496  5.703   -0.219  1.00 14.27 ? 250 LEU A CB  1 
ATOM   1133 C  CG  . LEU A 1 149 ? 10.565  4.548   -0.465  1.00 16.71 ? 250 LEU A CG  1 
ATOM   1134 C  CD1 . LEU A 1 149 ? 11.441  3.273   -0.391  1.00 11.16 ? 250 LEU A CD1 1 
ATOM   1135 C  CD2 . LEU A 1 149 ? 9.317   4.584   0.398   1.00 9.69  ? 250 LEU A CD2 1 
ATOM   1136 N  N   . PRO A 1 150 ? 11.414  8.106   2.047   1.00 10.91 ? 251 PRO A N   1 
ATOM   1137 C  CA  . PRO A 1 150 ? 12.203  8.645   3.168   1.00 8.96  ? 251 PRO A CA  1 
ATOM   1138 C  C   . PRO A 1 150 ? 13.303  7.630   3.540   1.00 5.74  ? 251 PRO A C   1 
ATOM   1139 O  O   . PRO A 1 150 ? 13.239  6.401   3.424   1.00 4.63  ? 251 PRO A O   1 
ATOM   1140 C  CB  . PRO A 1 150 ? 11.123  8.726   4.273   1.00 6.68  ? 251 PRO A CB  1 
ATOM   1141 C  CG  . PRO A 1 150 ? 9.944   9.165   3.424   1.00 5.20  ? 251 PRO A CG  1 
ATOM   1142 C  CD  . PRO A 1 150 ? 10.021  7.958   2.471   1.00 9.07  ? 251 PRO A CD  1 
ATOM   1143 N  N   . GLN A 1 151 ? 14.414  8.122   4.086   1.00 7.06  ? 252 GLN A N   1 
ATOM   1144 C  CA  . GLN A 1 151 ? 15.630  7.432   4.529   1.00 6.84  ? 252 GLN A CA  1 
ATOM   1145 C  C   . GLN A 1 151 ? 15.374  6.199   5.408   1.00 8.23  ? 252 GLN A C   1 
ATOM   1146 O  O   . GLN A 1 151 ? 15.910  5.099   5.182   1.00 8.01  ? 252 GLN A O   1 
ATOM   1147 C  CB  . GLN A 1 151 ? 16.473  8.420   5.345   1.00 15.60 ? 252 GLN A CB  1 
ATOM   1148 C  CG  . GLN A 1 151 ? 17.860  7.977   5.689   1.00 19.76 ? 252 GLN A CG  1 
ATOM   1149 C  CD  . GLN A 1 151 ? 18.735  7.566   4.538   1.00 26.67 ? 252 GLN A CD  1 
ATOM   1150 O  OE1 . GLN A 1 151 ? 19.748  6.874   4.776   1.00 31.57 ? 252 GLN A OE1 1 
ATOM   1151 N  NE2 . GLN A 1 151 ? 18.376  7.950   3.303   1.00 28.01 ? 252 GLN A NE2 1 
ATOM   1152 N  N   . ASP A 1 152 ? 14.522  6.414   6.407   1.00 7.38  ? 253 ASP A N   1 
ATOM   1153 C  CA  . ASP A 1 152 ? 14.208  5.283   7.304   1.00 8.24  ? 253 ASP A CA  1 
ATOM   1154 C  C   . ASP A 1 152 ? 13.597  4.084   6.575   1.00 8.93  ? 253 ASP A C   1 
ATOM   1155 O  O   . ASP A 1 152 ? 13.847  2.915   6.866   1.00 11.20 ? 253 ASP A O   1 
ATOM   1156 C  CB  . ASP A 1 152 ? 13.310  5.753   8.449   1.00 10.61 ? 253 ASP A CB  1 
ATOM   1157 C  CG  . ASP A 1 152 ? 13.174  4.704   9.517   1.00 12.85 ? 253 ASP A CG  1 
ATOM   1158 O  OD1 . ASP A 1 152 ? 14.204  4.373   10.142  1.00 14.54 ? 253 ASP A OD1 1 
ATOM   1159 O  OD2 . ASP A 1 152 ? 12.153  4.077   9.843   1.00 15.42 ? 253 ASP A OD2 1 
ATOM   1160 N  N   . ASP A 1 153 ? 12.707  4.282   5.634   1.00 6.33  ? 254 ASP A N   1 
ATOM   1161 C  CA  . ASP A 1 153 ? 12.046  3.221   4.880   1.00 7.02  ? 254 ASP A CA  1 
ATOM   1162 C  C   . ASP A 1 153 ? 13.066  2.587   3.940   1.00 4.37  ? 254 ASP A C   1 
ATOM   1163 O  O   . ASP A 1 153 ? 12.961  1.395   3.726   1.00 4.70  ? 254 ASP A O   1 
ATOM   1164 C  CB  . ASP A 1 153 ? 10.870  3.740   4.090   1.00 8.02  ? 254 ASP A CB  1 
ATOM   1165 C  CG  . ASP A 1 153 ? 9.930   4.593   4.903   1.00 8.08  ? 254 ASP A CG  1 
ATOM   1166 O  OD1 . ASP A 1 153 ? 9.373   3.930   5.768   1.00 8.63  ? 254 ASP A OD1 1 
ATOM   1167 O  OD2 . ASP A 1 153 ? 9.750   5.801   4.677   1.00 10.70 ? 254 ASP A OD2 1 
ATOM   1168 N  N   . ILE A 1 154 ? 14.011  3.342   3.410   1.00 8.36  ? 255 ILE A N   1 
ATOM   1169 C  CA  . ILE A 1 154 ? 15.013  2.691   2.527   1.00 6.43  ? 255 ILE A CA  1 
ATOM   1170 C  C   . ILE A 1 154 ? 15.817  1.723   3.380   1.00 8.12  ? 255 ILE A C   1 
ATOM   1171 O  O   . ILE A 1 154 ? 16.150  0.604   2.951   1.00 9.73  ? 255 ILE A O   1 
ATOM   1172 C  CB  . ILE A 1 154 ? 15.884  3.770   1.799   1.00 10.60 ? 255 ILE A CB  1 
ATOM   1173 C  CG1 . ILE A 1 154 ? 14.991  4.652   0.892   1.00 11.78 ? 255 ILE A CG1 1 
ATOM   1174 C  CG2 . ILE A 1 154 ? 17.121  3.084   1.101   1.00 12.83 ? 255 ILE A CG2 1 
ATOM   1175 C  CD1 . ILE A 1 154 ? 15.693  5.963   0.403   1.00 6.54  ? 255 ILE A CD1 1 
ATOM   1176 N  N   . ASP A 1 155 ? 16.200  2.165   4.590   1.00 6.23  ? 256 ASP A N   1 
ATOM   1177 C  CA  . ASP A 1 155 ? 16.964  1.340   5.501   1.00 7.81  ? 256 ASP A CA  1 
ATOM   1178 C  C   . ASP A 1 155 ? 16.145  0.069   5.798   1.00 6.11  ? 256 ASP A C   1 
ATOM   1179 O  O   . ASP A 1 155 ? 16.763  -1.019  5.858   1.00 9.51  ? 256 ASP A O   1 
ATOM   1180 C  CB  . ASP A 1 155 ? 17.343  2.004   6.838   1.00 8.22  ? 256 ASP A CB  1 
ATOM   1181 C  CG  . ASP A 1 155 ? 18.245  3.206   6.552   1.00 13.85 ? 256 ASP A CG  1 
ATOM   1182 O  OD1 . ASP A 1 155 ? 18.963  3.462   5.578   1.00 10.85 ? 256 ASP A OD1 1 
ATOM   1183 O  OD2 . ASP A 1 155 ? 18.207  4.121   7.419   1.00 14.00 ? 256 ASP A OD2 1 
ATOM   1184 N  N   . GLY A 1 156 ? 14.845  0.220   5.974   1.00 5.38  ? 257 GLY A N   1 
ATOM   1185 C  CA  . GLY A 1 156 ? 13.979  -0.923  6.320   1.00 6.39  ? 257 GLY A CA  1 
ATOM   1186 C  C   . GLY A 1 156 ? 13.800  -1.890  5.163   1.00 8.54  ? 257 GLY A C   1 
ATOM   1187 O  O   . GLY A 1 156 ? 13.830  -3.082  5.474   1.00 8.85  ? 257 GLY A O   1 
ATOM   1188 N  N   . ILE A 1 157 ? 13.648  -1.427  3.935   1.00 7.83  ? 258 ILE A N   1 
ATOM   1189 C  CA  . ILE A 1 157 ? 13.501  -2.384  2.819   1.00 7.94  ? 258 ILE A CA  1 
ATOM   1190 C  C   . ILE A 1 157 ? 14.827  -3.124  2.514   1.00 7.94  ? 258 ILE A C   1 
ATOM   1191 O  O   . ILE A 1 157 ? 14.893  -4.338  2.227   1.00 5.87  ? 258 ILE A O   1 
ATOM   1192 C  CB  . ILE A 1 157 ? 12.828  -1.752  1.556   1.00 5.31  ? 258 ILE A CB  1 
ATOM   1193 C  CG1 . ILE A 1 157 ? 12.523  -2.933  0.603   1.00 11.62 ? 258 ILE A CG1 1 
ATOM   1194 C  CG2 . ILE A 1 157 ? 13.700  -0.762  0.711   1.00 8.54  ? 258 ILE A CG2 1 
ATOM   1195 C  CD1 . ILE A 1 157 ? 11.121  -3.162  0.077   1.00 16.24 ? 258 ILE A CD1 1 
ATOM   1196 N  N   . GLN A 1 158 ? 15.912  -2.401  2.583   1.00 7.12  ? 259 GLN A N   1 
ATOM   1197 C  CA  . GLN A 1 158 ? 17.320  -2.828  2.384   1.00 8.70  ? 259 GLN A CA  1 
ATOM   1198 C  C   . GLN A 1 158 ? 17.710  -3.856  3.447   1.00 9.87  ? 259 GLN A C   1 
ATOM   1199 O  O   . GLN A 1 158 ? 18.348  -4.864  3.105   1.00 9.16  ? 259 GLN A O   1 
ATOM   1200 C  CB  . GLN A 1 158 ? 18.390  -1.743  2.304   1.00 8.70  ? 259 GLN A CB  1 
ATOM   1201 C  CG  . GLN A 1 158 ? 18.387  -0.944  1.039   1.00 4.76  ? 259 GLN A CG  1 
ATOM   1202 C  CD  . GLN A 1 158 ? 19.450  -1.496  0.138   1.00 5.18  ? 259 GLN A CD  1 
ATOM   1203 O  OE1 . GLN A 1 158 ? 20.493  -1.967  0.572   1.00 2.88  ? 259 GLN A OE1 1 
ATOM   1204 N  NE2 . GLN A 1 158 ? 19.146  -1.479  -1.153  1.00 4.52  ? 259 GLN A NE2 1 
ATOM   1205 N  N   . ALA A 1 159 ? 17.298  -3.685  4.679   1.00 10.80 ? 260 ALA A N   1 
ATOM   1206 C  CA  . ALA A 1 159 ? 17.552  -4.640  5.750   1.00 11.17 ? 260 ALA A CA  1 
ATOM   1207 C  C   . ALA A 1 159 ? 16.866  -5.977  5.436   1.00 10.82 ? 260 ALA A C   1 
ATOM   1208 O  O   . ALA A 1 159 ? 17.385  -6.996  5.918   1.00 11.71 ? 260 ALA A O   1 
ATOM   1209 C  CB  . ALA A 1 159 ? 17.151  -4.136  7.117   1.00 10.86 ? 260 ALA A CB  1 
ATOM   1210 N  N   . ILE A 1 160 ? 15.828  -6.097  4.670   1.00 9.58  ? 261 ILE A N   1 
ATOM   1211 C  CA  . ILE A 1 160 ? 15.192  -7.368  4.389   1.00 8.24  ? 261 ILE A CA  1 
ATOM   1212 C  C   . ILE A 1 160 ? 15.557  -8.016  3.082   1.00 9.78  ? 261 ILE A C   1 
ATOM   1213 O  O   . ILE A 1 160 ? 15.685  -9.267  3.065   1.00 15.20 ? 261 ILE A O   1 
ATOM   1214 C  CB  . ILE A 1 160 ? 13.627  -7.192  4.340   1.00 12.66 ? 261 ILE A CB  1 
ATOM   1215 C  CG1 . ILE A 1 160 ? 13.070  -6.641  5.690   1.00 10.41 ? 261 ILE A CG1 1 
ATOM   1216 C  CG2 . ILE A 1 160 ? 12.952  -8.483  3.820   1.00 11.12 ? 261 ILE A CG2 1 
ATOM   1217 C  CD1 . ILE A 1 160 ? 11.580  -6.234  5.547   1.00 13.60 ? 261 ILE A CD1 1 
ATOM   1218 N  N   . TYR A 1 161 ? 15.642  -7.220  2.043   1.00 11.50 ? 262 TYR A N   1 
ATOM   1219 C  CA  . TYR A 1 161 ? 15.929  -7.784  0.697   1.00 7.51  ? 262 TYR A CA  1 
ATOM   1220 C  C   . TYR A 1 161 ? 17.241  -7.380  0.076   1.00 9.20  ? 262 TYR A C   1 
ATOM   1221 O  O   . TYR A 1 161 ? 17.526  -7.950  -0.968  1.00 10.82 ? 262 TYR A O   1 
ATOM   1222 C  CB  . TYR A 1 161 ? 14.778  -7.252  -0.204  1.00 7.89  ? 262 TYR A CB  1 
ATOM   1223 C  CG  . TYR A 1 161 ? 13.388  -7.742  0.119   1.00 6.60  ? 262 TYR A CG  1 
ATOM   1224 C  CD1 . TYR A 1 161 ? 12.981  -9.022  -0.273  1.00 7.07  ? 262 TYR A CD1 1 
ATOM   1225 C  CD2 . TYR A 1 161 ? 12.483  -6.912  0.768   1.00 1.42  ? 262 TYR A CD2 1 
ATOM   1226 C  CE1 . TYR A 1 161 ? 11.697  -9.482  0.037   1.00 9.65  ? 262 TYR A CE1 1 
ATOM   1227 C  CE2 . TYR A 1 161 ? 11.200  -7.340  1.079   1.00 7.16  ? 262 TYR A CE2 1 
ATOM   1228 C  CZ  . TYR A 1 161 ? 10.818  -8.636  0.707   1.00 7.05  ? 262 TYR A CZ  1 
ATOM   1229 O  OH  . TYR A 1 161 ? 9.553   -9.010  0.992   1.00 9.63  ? 262 TYR A OH  1 
ATOM   1230 N  N   . GLY A 1 162 ? 18.044  -6.460  0.602   1.00 13.93 ? 263 GLY A N   1 
ATOM   1231 C  CA  . GLY A 1 162 ? 19.253  -6.070  -0.184  1.00 14.65 ? 263 GLY A CA  1 
ATOM   1232 C  C   . GLY A 1 162 ? 18.683  -5.063  -1.233  1.00 18.77 ? 263 GLY A C   1 
ATOM   1233 O  O   . GLY A 1 162 ? 19.230  -4.850  -2.359  1.00 20.57 ? 263 GLY A O   1 
HETATM 1234 ZN ZN  . ZN  B 2 .   ? 0.442   0.454   8.971   1.00 10.13 ? 281 ZN  A ZN  1 
HETATM 1235 ZN ZN  . ZN  C 2 .   ? -9.236  -6.207  5.716   1.00 11.23 ? 282 ZN  A ZN  1 
HETATM 1236 CA CA  . CA  D 3 .   ? -11.881 4.518   8.523   1.00 8.78  ? 283 CA  A CA  1 
HETATM 1237 C  C1  . PLH E 4 .   ? -2.200  1.277   9.333   1.00 8.35  ? 280 PLH A C1  1 
HETATM 1238 C  C2  . PLH E 4 .   ? -3.279  2.173   9.728   1.00 7.63  ? 280 PLH A C2  1 
HETATM 1239 C  C3  . PLH E 4 .   ? -2.888  3.651   9.478   1.00 9.23  ? 280 PLH A C3  1 
HETATM 1240 C  C4  . PLH E 4 .   ? -2.514  4.000   8.016   1.00 10.12 ? 280 PLH A C4  1 
HETATM 1241 C  C5  . PLH E 4 .   ? -1.920  5.373   7.646   1.00 8.18  ? 280 PLH A C5  1 
HETATM 1242 C  C6  . PLH E 4 .   ? -0.467  5.487   8.174   1.00 10.05 ? 280 PLH A C6  1 
HETATM 1243 C  C7  . PLH E 4 .   ? -1.800  5.471   6.125   1.00 8.86  ? 280 PLH A C7  1 
HETATM 1244 C  C8  . PLH E 4 .   ? -3.936  4.531   10.011  1.00 10.38 ? 280 PLH A C8  1 
HETATM 1245 C  C9  . PLH E 4 .   ? -4.608  6.298   11.565  1.00 8.58  ? 280 PLH A C9  1 
HETATM 1246 C  C10 . PLH E 4 .   ? -4.692  7.624   10.954  1.00 8.63  ? 280 PLH A C10 1 
HETATM 1247 C  C11 . PLH E 4 .   ? -6.179  9.294   10.136  1.00 10.31 ? 280 PLH A C11 1 
HETATM 1248 C  C12 . PLH E 4 .   ? -4.274  6.580   13.039  1.00 10.15 ? 280 PLH A C12 1 
HETATM 1249 C  C13 . PLH E 4 .   ? -4.410  5.403   13.910  1.00 10.27 ? 280 PLH A C13 1 
HETATM 1250 C  C14 . PLH E 4 .   ? -3.320  4.688   14.347  1.00 11.59 ? 280 PLH A C14 1 
HETATM 1251 C  C15 . PLH E 4 .   ? -3.472  3.582   15.159  1.00 12.89 ? 280 PLH A C15 1 
HETATM 1252 C  C16 . PLH E 4 .   ? -4.754  3.177   15.530  1.00 13.16 ? 280 PLH A C16 1 
HETATM 1253 C  C17 . PLH E 4 .   ? -5.858  3.839   15.097  1.00 12.39 ? 280 PLH A C17 1 
HETATM 1254 C  C18 . PLH E 4 .   ? -5.664  4.954   14.308  1.00 12.37 ? 280 PLH A C18 1 
HETATM 1255 N  N1  . PLH E 4 .   ? -2.302  0.490   8.253   1.00 8.11  ? 280 PLH A N1  1 
HETATM 1256 N  N2  . PLH E 4 .   ? -3.645  5.435   10.988  1.00 11.40 ? 280 PLH A N2  1 
HETATM 1257 N  N3  . PLH E 4 .   ? -5.926  8.017   10.700  1.00 7.78  ? 280 PLH A N3  1 
HETATM 1258 O  O1  . PLH E 4 .   ? -1.387  -0.292  7.806   1.00 9.53  ? 280 PLH A O1  1 
HETATM 1259 O  O2  . PLH E 4 .   ? -1.183  1.285   10.024  1.00 8.99  ? 280 PLH A O2  1 
HETATM 1260 O  O3  . PLH E 4 .   ? -5.085  4.448   9.564   1.00 9.36  ? 280 PLH A O3  1 
HETATM 1261 O  O4  . PLH E 4 .   ? -3.639  8.257   10.727  1.00 8.43  ? 280 PLH A O4  1 
HETATM 1262 O  O   . HOH F 5 .   ? -16.606 -5.257  -4.767  1.00 19.01 ? 1   HOH A O   1 
HETATM 1263 O  O   . HOH F 5 .   ? -15.199 -1.578  -8.766  1.00 22.94 ? 2   HOH A O   1 
HETATM 1264 O  O   . HOH F 5 .   ? -12.717 -8.120  -8.996  1.00 31.81 ? 3   HOH A O   1 
HETATM 1265 O  O   . HOH F 5 .   ? -14.821 4.200   -1.701  1.00 23.98 ? 4   HOH A O   1 
HETATM 1266 O  O   . HOH F 5 .   ? -14.690 12.251  -2.712  1.00 27.97 ? 5   HOH A O   1 
HETATM 1267 O  O   . HOH F 5 .   ? -11.082 15.617  1.822   1.00 24.52 ? 6   HOH A O   1 
HETATM 1268 O  O   . HOH F 5 .   ? -11.865 12.676  -4.245  1.00 26.48 ? 7   HOH A O   1 
HETATM 1269 O  O   . HOH F 5 .   ? -15.695 12.702  -5.918  1.00 30.43 ? 8   HOH A O   1 
HETATM 1270 O  O   . HOH F 5 .   ? -6.201  10.300  -15.186 1.00 31.24 ? 9   HOH A O   1 
HETATM 1271 O  O   . HOH F 5 .   ? -14.250 -1.276  -14.299 1.00 25.07 ? 10  HOH A O   1 
HETATM 1272 O  O   . HOH F 5 .   ? -14.877 -2.492  -12.430 1.00 26.64 ? 11  HOH A O   1 
HETATM 1273 O  O   . HOH F 5 .   ? -3.357  5.213   -15.274 1.00 35.08 ? 12  HOH A O   1 
HETATM 1274 O  O   . HOH F 5 .   ? 6.935   6.973   -7.588  1.00 24.74 ? 13  HOH A O   1 
HETATM 1275 O  O   . HOH F 5 .   ? 9.951   6.267   -7.437  1.00 36.62 ? 14  HOH A O   1 
HETATM 1276 O  O   . HOH F 5 .   ? 11.615  6.128   -3.657  1.00 23.40 ? 15  HOH A O   1 
HETATM 1277 O  O   . HOH F 5 .   ? 12.012  -1.739  -11.018 1.00 32.70 ? 16  HOH A O   1 
HETATM 1278 O  O   . HOH F 5 .   ? -5.771  -5.557  -11.783 1.00 10.07 ? 17  HOH A O   1 
HETATM 1279 O  O   . HOH F 5 .   ? -10.423 -7.767  -14.001 1.00 29.62 ? 18  HOH A O   1 
HETATM 1280 O  O   . HOH F 5 .   ? -19.695 5.360   8.979   1.00 20.35 ? 19  HOH A O   1 
HETATM 1281 O  O   . HOH F 5 .   ? -16.464 -1.342  12.625  1.00 38.16 ? 20  HOH A O   1 
HETATM 1282 O  O   . HOH F 5 .   ? -10.783 -10.235 3.364   1.00 21.69 ? 21  HOH A O   1 
HETATM 1283 O  O   . HOH F 5 .   ? -13.633 -14.267 5.317   1.00 28.87 ? 22  HOH A O   1 
HETATM 1284 O  O   . HOH F 5 .   ? -15.210 -9.003  10.466  1.00 38.35 ? 23  HOH A O   1 
HETATM 1285 O  O   . HOH F 5 .   ? -12.406 10.190  5.250   1.00 11.05 ? 24  HOH A O   1 
HETATM 1286 O  O   . HOH F 5 .   ? 0.562   -12.667 6.628   1.00 24.15 ? 25  HOH A O   1 
HETATM 1287 O  O   . HOH F 5 .   ? -6.973  -12.882 -1.254  1.00 27.33 ? 26  HOH A O   1 
HETATM 1288 O  O   . HOH F 5 .   ? -17.543 14.809  0.425   1.00 36.55 ? 27  HOH A O   1 
HETATM 1289 O  O   . HOH F 5 .   ? -0.106  20.124  -2.744  1.00 33.40 ? 28  HOH A O   1 
HETATM 1290 O  O   . HOH F 5 .   ? -4.147  15.059  3.235   1.00 24.96 ? 29  HOH A O   1 
HETATM 1291 O  O   . HOH F 5 .   ? -7.397  13.172  10.201  1.00 33.98 ? 30  HOH A O   1 
HETATM 1292 O  O   . HOH F 5 .   ? 4.538   -3.106  13.650  1.00 34.59 ? 31  HOH A O   1 
HETATM 1293 O  O   . HOH F 5 .   ? 5.651   3.692   15.823  1.00 37.39 ? 32  HOH A O   1 
HETATM 1294 O  O   . HOH F 5 .   ? 6.872   1.906   16.992  1.00 38.08 ? 33  HOH A O   1 
HETATM 1295 O  O   . HOH F 5 .   ? 15.594  10.148  9.222   1.00 32.08 ? 34  HOH A O   1 
HETATM 1296 O  O   . HOH F 5 .   ? 6.311   10.410  4.713   1.00 27.40 ? 35  HOH A O   1 
HETATM 1297 O  O   . HOH F 5 .   ? 6.698   8.258   17.582  1.00 48.25 ? 36  HOH A O   1 
HETATM 1298 O  O   . HOH F 5 .   ? 3.616   6.600   16.884  1.00 41.75 ? 37  HOH A O   1 
HETATM 1299 O  O   . HOH F 5 .   ? 15.682  9.290   0.201   1.00 29.62 ? 38  HOH A O   1 
HETATM 1300 O  O   . HOH F 5 .   ? 18.962  7.021   1.261   1.00 31.33 ? 39  HOH A O   1 
HETATM 1301 O  O   . HOH F 5 .   ? 1.427   -15.436 -4.056  1.00 23.52 ? 40  HOH A O   1 
HETATM 1302 O  O   . HOH F 5 .   ? -2.001  -12.477 -1.291  1.00 15.51 ? 41  HOH A O   1 
HETATM 1303 O  O   . HOH F 5 .   ? -7.310  -9.873  0.486   1.00 13.47 ? 42  HOH A O   1 
HETATM 1304 O  O   . HOH F 5 .   ? -13.448 -7.644  8.532   1.00 5.99  ? 43  HOH A O   1 
HETATM 1305 O  O   . HOH F 5 .   ? -9.277  -14.176 5.868   1.00 42.74 ? 44  HOH A O   1 
HETATM 1306 O  O   . HOH F 5 .   ? -10.613 -1.193  11.730  1.00 33.27 ? 45  HOH A O   1 
HETATM 1307 O  O   . HOH F 5 .   ? -7.882  -2.190  10.674  1.00 27.58 ? 46  HOH A O   1 
HETATM 1308 O  O   . HOH F 5 .   ? -20.737 -4.717  8.617   1.00 25.82 ? 47  HOH A O   1 
HETATM 1309 O  O   . HOH F 5 .   ? -19.929 -5.197  5.699   1.00 14.45 ? 48  HOH A O   1 
HETATM 1310 O  O   . HOH F 5 .   ? -17.515 -6.460  13.532  1.00 45.46 ? 49  HOH A O   1 
HETATM 1311 O  O   . HOH F 5 .   ? 12.972  -3.841  8.164   1.00 29.51 ? 50  HOH A O   1 
HETATM 1312 O  O   . HOH F 5 .   ? 10.913  -2.834  9.322   1.00 20.65 ? 51  HOH A O   1 
HETATM 1313 O  O   . HOH F 5 .   ? 9.930   0.256   9.261   1.00 14.98 ? 52  HOH A O   1 
HETATM 1314 O  O   . HOH F 5 .   ? 10.609  2.254   7.786   1.00 14.85 ? 53  HOH A O   1 
HETATM 1315 O  O   . HOH F 5 .   ? 10.053  -1.139  13.569  1.00 28.60 ? 54  HOH A O   1 
HETATM 1316 O  O   . HOH F 5 .   ? 3.230   -1.008  15.811  1.00 37.00 ? 55  HOH A O   1 
HETATM 1317 O  O   . HOH F 5 .   ? 9.972   -6.179  9.515   1.00 31.78 ? 56  HOH A O   1 
HETATM 1318 O  O   . HOH F 5 .   ? 12.475  -7.641  10.511  1.00 25.02 ? 57  HOH A O   1 
HETATM 1319 O  O   . HOH F 5 .   ? -1.835  -2.803  8.611   1.00 10.86 ? 58  HOH A O   1 
HETATM 1320 O  O   . HOH F 5 .   ? -4.028  9.004   -9.336  1.00 31.34 ? 59  HOH A O   1 
HETATM 1321 O  O   . HOH F 5 .   ? -1.120  11.897  -5.530  1.00 21.65 ? 60  HOH A O   1 
HETATM 1322 O  O   . HOH F 5 .   ? -3.403  9.647   -5.077  1.00 19.52 ? 61  HOH A O   1 
HETATM 1323 O  O   . HOH F 5 .   ? -1.675  9.964   -7.139  1.00 31.20 ? 62  HOH A O   1 
HETATM 1324 O  O   . HOH F 5 .   ? -11.883 11.908  -10.750 1.00 34.10 ? 63  HOH A O   1 
HETATM 1325 O  O   . HOH F 5 .   ? 2.321   7.267   7.466   1.00 32.36 ? 64  HOH A O   1 
HETATM 1326 O  O   . HOH F 5 .   ? 1.408   9.667   4.958   1.00 30.31 ? 65  HOH A O   1 
HETATM 1327 O  O   . HOH F 5 .   ? 6.794   -8.716  -11.908 1.00 27.95 ? 66  HOH A O   1 
HETATM 1328 O  O   . HOH F 5 .   ? 13.947  -2.985  -8.751  1.00 23.91 ? 67  HOH A O   1 
HETATM 1329 O  O   . HOH F 5 .   ? -13.710 6.119   12.192  1.00 8.31  ? 68  HOH A O   1 
HETATM 1330 O  O   . HOH F 5 .   ? -15.937 1.185   6.770   1.00 7.59  ? 69  HOH A O   1 
HETATM 1331 O  O   . HOH F 5 .   ? 13.247  8.879   7.625   1.00 28.69 ? 70  HOH A O   1 
HETATM 1332 O  O   . HOH F 5 .   ? -8.668  9.935   -15.452 1.00 38.59 ? 71  HOH A O   1 
HETATM 1333 O  O   . HOH F 5 .   ? -1.733  0.434   -11.419 1.00 19.36 ? 72  HOH A O   1 
# 
